data_7PLH
#
_entry.id   7PLH
#
_cell.length_a   1.00
_cell.length_b   1.00
_cell.length_c   1.00
_cell.angle_alpha   90.00
_cell.angle_beta   90.00
_cell.angle_gamma   90.00
#
_symmetry.space_group_name_H-M   'P 1'
#
loop_
_entity.id
_entity.type
_entity.pdbx_description
1 polymer ShTnsC
2 polymer "DNA (5'-D(P*AP*TP*AP*TP*AP*TP*AP*TP*AP*TP*AP*TP*AP*TP*AP*TP*AP*TP*AP*TP*AP*T)-3')"
3 non-polymer 'PHOSPHOAMINOPHOSPHONIC ACID-ADENYLATE ESTER'
4 non-polymer 'MAGNESIUM ION'
#
loop_
_entity_poly.entity_id
_entity_poly.type
_entity_poly.pdbx_seq_one_letter_code
_entity_poly.pdbx_strand_id
1 'polypeptide(L)'
;MTEAQAIAKQLGGVKPDDEWLQAEIARLKGKSIVPLQQVKTLHDWLDGKRKARKSCRVVGESRTGKTVACDAYRYRHKPQ
QEAGRPPTVPVVYIRPHQKCGPKDLFKKITEYLKYRVTKGTVSDFRDRTIEVLKGCGVEMLIIDEADRLKPETFADVRDI
AEDLGIAVVLVGTDRLDAVIKRDEQVLERFRAHLRFGKLSGEDFKNTVEMWEQMVLKLPVSSNLKSKEMLRILTSATEGY
IGRLDEILREAAIRSLSRGLKKIDKAVLQEVAKEYK
;
A,B,C,D,E,F,G
2 'polydeoxyribonucleotide'
;(DA)(DT)(DA)(DT)(DA)(DT)(DA)(DT)(DA)(DT)(DA)(DT)(DA)(DT)(DA)(DT)(DA)(DT)(DA)(DT)
(DA)(DT)
;
H,I
#
loop_
_chem_comp.id
_chem_comp.type
_chem_comp.name
_chem_comp.formula
ANP non-polymer 'PHOSPHOAMINOPHOSPHONIC ACID-ADENYLATE ESTER' 'C10 H17 N6 O12 P3'
DA DNA linking 2'-DEOXYADENOSINE-5'-MONOPHOSPHATE 'C10 H14 N5 O6 P'
DT DNA linking THYMIDINE-5'-MONOPHOSPHATE 'C10 H15 N2 O8 P'
MG non-polymer 'MAGNESIUM ION' 'Mg 2'
#
# COMPACT_ATOMS: atom_id res chain seq x y z
N ASP A 17 61.08 -13.64 1.82
CA ASP A 17 60.17 -13.12 0.80
C ASP A 17 58.73 -13.47 1.17
N ASP A 18 58.52 -14.69 1.67
CA ASP A 18 57.22 -15.01 2.25
C ASP A 18 56.93 -14.11 3.44
N GLU A 19 57.98 -13.77 4.19
CA GLU A 19 57.88 -12.71 5.20
C GLU A 19 57.42 -11.42 4.54
N TRP A 20 58.06 -11.06 3.43
CA TRP A 20 57.65 -9.90 2.64
C TRP A 20 56.22 -10.06 2.15
N LEU A 21 55.82 -11.28 1.78
CA LEU A 21 54.45 -11.49 1.31
C LEU A 21 53.45 -11.26 2.43
N GLN A 22 53.78 -11.68 3.65
CA GLN A 22 52.92 -11.40 4.79
C GLN A 22 52.84 -9.90 5.03
N ALA A 23 53.97 -9.21 4.89
CA ALA A 23 53.95 -7.75 4.99
C ALA A 23 52.99 -7.15 3.97
N GLU A 24 53.06 -7.67 2.74
CA GLU A 24 52.24 -7.09 1.63
C GLU A 24 50.73 -7.26 1.85
N ILE A 25 50.29 -8.48 2.19
CA ILE A 25 48.83 -8.72 2.36
C ILE A 25 48.32 -7.94 3.57
N ALA A 26 49.14 -7.83 4.62
CA ALA A 26 48.74 -7.12 5.85
C ALA A 26 48.64 -5.63 5.51
N ARG A 27 49.60 -5.11 4.73
CA ARG A 27 49.59 -3.69 4.41
C ARG A 27 48.43 -3.37 3.48
N LEU A 28 48.16 -4.25 2.52
CA LEU A 28 47.02 -4.03 1.62
C LEU A 28 45.71 -4.22 2.36
N LYS A 29 45.69 -5.14 3.32
CA LYS A 29 44.50 -5.34 4.13
C LYS A 29 44.08 -4.05 4.85
N GLY A 30 45.00 -3.42 5.56
CA GLY A 30 44.67 -2.18 6.25
C GLY A 30 44.52 -1.03 5.26
N LYS A 31 43.62 -0.12 5.64
CA LYS A 31 43.30 1.01 4.73
C LYS A 31 44.19 2.21 5.00
N SER A 32 44.25 3.13 4.04
CA SER A 32 45.06 4.33 4.12
C SER A 32 44.15 5.53 3.90
N ILE A 33 44.72 6.72 4.00
CA ILE A 33 43.98 7.95 3.74
C ILE A 33 44.70 8.72 2.65
N VAL A 34 44.25 8.55 1.41
CA VAL A 34 44.86 9.26 0.29
C VAL A 34 44.15 10.60 0.13
N PRO A 35 44.86 11.71 0.28
CA PRO A 35 44.19 13.01 0.32
C PRO A 35 43.78 13.50 -1.05
N LEU A 36 42.48 13.66 -1.27
CA LEU A 36 41.97 14.17 -2.53
C LEU A 36 40.98 15.30 -2.28
N GLN A 37 40.49 15.87 -3.38
CA GLN A 37 39.78 17.15 -3.31
C GLN A 37 38.57 17.08 -2.38
N GLN A 38 37.97 15.90 -2.27
CA GLN A 38 36.77 15.77 -1.45
C GLN A 38 37.04 16.10 0.00
N VAL A 39 38.05 15.46 0.59
CA VAL A 39 38.32 15.64 2.01
C VAL A 39 38.82 17.06 2.27
N LYS A 40 39.49 17.66 1.30
CA LYS A 40 40.00 19.01 1.47
C LYS A 40 38.85 20.00 1.49
N THR A 41 37.89 19.82 0.59
CA THR A 41 36.71 20.66 0.61
C THR A 41 35.94 20.49 1.92
N LEU A 42 35.84 19.25 2.38
CA LEU A 42 35.12 19.01 3.63
C LEU A 42 35.79 19.68 4.82
N HIS A 43 37.12 19.59 4.90
CA HIS A 43 37.86 20.22 6.02
C HIS A 43 37.66 21.74 5.97
N ASP A 44 37.76 22.33 4.77
CA ASP A 44 37.60 23.77 4.66
C ASP A 44 36.20 24.15 5.12
N TRP A 45 35.19 23.40 4.66
CA TRP A 45 33.83 23.65 5.06
C TRP A 45 33.65 23.54 6.56
N LEU A 46 34.22 22.49 7.15
CA LEU A 46 34.04 22.27 8.58
C LEU A 46 34.79 23.32 9.39
N ASP A 47 35.95 23.76 8.91
CA ASP A 47 36.61 24.87 9.58
C ASP A 47 35.74 26.11 9.56
N GLY A 48 35.15 26.41 8.40
CA GLY A 48 34.25 27.54 8.32
C GLY A 48 33.09 27.44 9.29
N LYS A 49 32.48 26.27 9.39
CA LYS A 49 31.38 26.09 10.33
C LYS A 49 31.85 26.19 11.77
N ARG A 50 33.04 25.68 12.08
CA ARG A 50 33.48 25.62 13.47
C ARG A 50 33.91 26.98 13.98
N LYS A 51 34.51 27.79 13.11
CA LYS A 51 34.83 29.15 13.53
C LYS A 51 33.58 29.93 13.86
N ALA A 52 32.45 29.54 13.29
CA ALA A 52 31.20 30.24 13.49
C ALA A 52 30.24 29.50 14.41
N ARG A 53 30.68 28.40 15.03
CA ARG A 53 29.80 27.55 15.88
C ARG A 53 28.48 27.35 15.12
N LYS A 54 28.57 26.83 13.90
CA LYS A 54 27.44 26.66 13.01
C LYS A 54 27.19 25.18 12.84
N SER A 55 25.96 24.75 13.05
CA SER A 55 25.59 23.34 12.94
C SER A 55 25.15 23.08 11.51
N CYS A 56 25.83 22.18 10.83
CA CYS A 56 25.47 21.83 9.47
C CYS A 56 25.19 20.35 9.42
N ARG A 57 24.85 19.83 8.25
CA ARG A 57 24.71 18.39 8.08
C ARG A 57 25.40 18.08 6.77
N VAL A 58 26.35 17.17 6.77
CA VAL A 58 27.16 16.96 5.58
C VAL A 58 26.64 15.64 5.03
N VAL A 59 25.73 15.72 4.08
CA VAL A 59 25.05 14.54 3.59
C VAL A 59 25.82 14.07 2.36
N GLY A 60 25.52 12.86 1.92
CA GLY A 60 26.18 12.31 0.77
C GLY A 60 25.65 10.93 0.47
N GLU A 61 26.26 10.28 -0.51
CA GLU A 61 25.85 8.96 -0.90
C GLU A 61 26.48 7.94 0.05
N SER A 62 26.25 6.67 -0.22
CA SER A 62 26.77 5.61 0.63
C SER A 62 27.94 5.05 -0.17
N ARG A 63 28.96 4.52 0.54
CA ARG A 63 30.21 3.99 -0.09
C ARG A 63 30.93 5.10 -0.87
N THR A 64 31.03 6.28 -0.28
CA THR A 64 31.62 7.44 -0.89
C THR A 64 32.71 8.27 -0.25
N GLY A 65 33.08 7.98 0.99
CA GLY A 65 34.21 8.66 1.60
C GLY A 65 33.85 9.71 2.61
N LYS A 66 32.76 9.53 3.34
CA LYS A 66 32.35 10.51 4.34
C LYS A 66 32.99 10.25 5.69
N THR A 67 32.88 9.01 6.17
CA THR A 67 33.42 8.66 7.47
C THR A 67 34.92 8.89 7.51
N VAL A 68 35.62 8.51 6.43
CA VAL A 68 37.06 8.69 6.40
C VAL A 68 37.43 10.15 6.43
N ALA A 69 36.67 10.99 5.73
CA ALA A 69 36.98 12.41 5.72
C ALA A 69 36.73 13.03 7.09
N CYS A 70 35.63 12.66 7.75
CA CYS A 70 35.38 13.16 9.09
C CYS A 70 36.45 12.69 10.06
N ASP A 71 36.93 11.45 9.89
CA ASP A 71 38.00 10.96 10.75
C ASP A 71 39.27 11.75 10.53
N ALA A 72 39.63 12.00 9.27
CA ALA A 72 40.82 12.80 8.99
C ALA A 72 40.70 14.17 9.62
N TYR A 73 39.51 14.78 9.55
CA TYR A 73 39.33 16.08 10.19
C TYR A 73 39.50 15.96 11.68
N ARG A 74 39.05 14.83 12.25
CA ARG A 74 39.18 14.61 13.71
C ARG A 74 40.67 14.52 14.08
N TYR A 75 41.48 13.88 13.24
CA TYR A 75 42.90 13.70 13.57
C TYR A 75 43.89 14.84 13.45
N ARG A 76 43.70 15.67 12.43
CA ARG A 76 44.61 16.86 12.23
C ARG A 76 44.50 17.74 13.50
N HIS A 77 43.26 17.96 13.96
CA HIS A 77 43.11 18.51 15.34
C HIS A 77 43.10 17.52 16.55
N LYS A 78 44.22 16.82 16.75
CA LYS A 78 44.33 15.92 17.92
C LYS A 78 44.40 16.82 19.15
N PRO A 79 43.65 16.56 20.25
CA PRO A 79 43.64 17.48 21.38
C PRO A 79 45.03 17.70 22.00
N GLN A 80 45.39 18.97 22.20
CA GLN A 80 46.69 19.29 22.87
C GLN A 80 46.33 19.56 24.33
N GLN A 81 46.67 18.65 25.24
CA GLN A 81 46.19 18.85 26.63
C GLN A 81 47.14 19.72 27.43
N GLU A 82 46.60 20.62 28.26
CA GLU A 82 47.47 21.31 29.20
C GLU A 82 48.16 20.26 30.06
N ALA A 83 49.35 20.59 30.57
CA ALA A 83 50.14 19.71 31.42
C ALA A 83 49.39 18.93 32.50
N GLY A 84 48.43 19.57 33.17
CA GLY A 84 47.65 18.91 34.18
C GLY A 84 46.15 19.11 34.12
N ARG A 85 45.64 19.76 33.10
CA ARG A 85 44.21 20.06 33.05
C ARG A 85 43.51 19.14 32.04
N PRO A 86 42.18 19.07 32.09
CA PRO A 86 41.44 18.28 31.10
C PRO A 86 41.83 18.70 29.69
N PRO A 87 41.98 17.73 28.78
CA PRO A 87 42.44 18.07 27.44
C PRO A 87 41.37 18.82 26.67
N THR A 88 41.76 19.94 26.07
CA THR A 88 40.84 20.71 25.24
C THR A 88 40.65 19.98 23.94
N VAL A 89 39.57 19.20 23.84
CA VAL A 89 39.25 18.46 22.62
C VAL A 89 38.40 19.33 21.74
N PRO A 90 38.95 19.95 20.69
CA PRO A 90 38.14 20.88 19.89
C PRO A 90 37.05 20.17 19.10
N VAL A 91 37.33 19.02 18.51
CA VAL A 91 36.38 18.31 17.67
C VAL A 91 36.11 16.95 18.31
N VAL A 92 34.84 16.61 18.45
CA VAL A 92 34.43 15.32 19.01
C VAL A 92 33.65 14.58 17.94
N TYR A 93 34.08 13.35 17.65
CA TYR A 93 33.46 12.52 16.63
C TYR A 93 32.91 11.27 17.27
N ILE A 94 31.63 11.00 17.06
CA ILE A 94 30.98 9.82 17.60
C ILE A 94 30.12 9.39 16.42
N ARG A 95 29.92 8.06 16.34
CA ARG A 95 29.01 7.47 15.32
C ARG A 95 28.10 6.53 16.12
N PRO A 96 26.95 6.99 16.63
CA PRO A 96 26.09 6.18 17.52
C PRO A 96 25.65 4.79 17.02
N HIS A 97 25.29 3.89 17.95
CA HIS A 97 24.79 2.59 17.55
C HIS A 97 23.33 2.68 17.14
N GLN A 98 22.80 1.57 16.63
CA GLN A 98 21.44 1.56 16.11
C GLN A 98 20.43 1.94 17.17
N LYS A 99 19.53 2.86 16.80
CA LYS A 99 18.54 3.43 17.71
C LYS A 99 19.21 3.88 19.01
N CYS A 100 20.11 4.85 18.87
CA CYS A 100 20.80 5.45 20.00
C CYS A 100 19.81 6.31 20.76
N GLY A 101 19.49 5.91 22.00
CA GLY A 101 18.68 6.72 22.85
C GLY A 101 19.48 7.87 23.44
N PRO A 102 18.79 8.73 24.18
CA PRO A 102 19.50 9.87 24.79
C PRO A 102 20.56 9.45 25.78
N LYS A 103 20.33 8.38 26.52
CA LYS A 103 21.37 7.89 27.43
C LYS A 103 22.59 7.43 26.65
N ASP A 104 22.36 6.71 25.55
CA ASP A 104 23.47 6.11 24.83
C ASP A 104 24.34 7.17 24.18
N LEU A 105 23.70 8.21 23.63
CA LEU A 105 24.45 9.31 23.04
C LEU A 105 25.36 9.96 24.07
N PHE A 106 24.85 10.18 25.28
CA PHE A 106 25.66 10.79 26.31
C PHE A 106 26.80 9.87 26.71
N LYS A 107 26.52 8.57 26.79
CA LYS A 107 27.60 7.64 27.09
C LYS A 107 28.70 7.75 26.04
N LYS A 108 28.33 7.78 24.77
CA LYS A 108 29.35 7.85 23.71
C LYS A 108 30.12 9.16 23.78
N ILE A 109 29.41 10.27 24.00
CA ILE A 109 30.08 11.57 24.05
C ILE A 109 31.09 11.60 25.19
N THR A 110 30.63 11.29 26.40
CA THR A 110 31.52 11.38 27.55
C THR A 110 32.56 10.28 27.54
N GLU A 111 32.36 9.24 26.74
CA GLU A 111 33.39 8.24 26.55
C GLU A 111 34.50 8.77 25.66
N TYR A 112 34.13 9.38 24.53
CA TYR A 112 35.14 9.93 23.63
C TYR A 112 36.00 10.97 24.33
N LEU A 113 35.41 11.70 25.27
CA LEU A 113 36.20 12.66 26.04
C LEU A 113 37.02 11.98 27.13
N LYS A 114 36.94 10.65 27.23
CA LYS A 114 37.74 9.86 28.16
C LYS A 114 37.38 10.18 29.61
N TYR A 115 36.09 10.25 29.90
CA TYR A 115 35.56 10.30 31.25
C TYR A 115 34.67 9.09 31.41
N ARG A 116 35.06 8.13 32.24
CA ARG A 116 34.22 6.96 32.38
C ARG A 116 32.92 7.33 33.08
N VAL A 117 31.85 6.65 32.71
CA VAL A 117 30.51 7.00 33.16
C VAL A 117 30.32 6.46 34.56
N THR A 118 29.69 7.26 35.41
CA THR A 118 29.23 6.79 36.71
C THR A 118 27.75 6.44 36.59
N LYS A 119 27.38 5.25 37.05
CA LYS A 119 26.03 4.73 36.80
C LYS A 119 24.98 5.67 37.37
N GLY A 120 23.99 6.01 36.56
CA GLY A 120 22.95 6.92 37.00
C GLY A 120 21.78 6.97 36.06
N THR A 121 20.91 7.92 36.32
CA THR A 121 19.69 8.14 35.55
C THR A 121 20.00 9.04 34.35
N VAL A 122 19.09 9.00 33.35
CA VAL A 122 19.31 9.73 32.11
C VAL A 122 19.65 11.19 32.40
N SER A 123 18.99 11.79 33.39
CA SER A 123 19.27 13.16 33.76
C SER A 123 20.69 13.34 34.26
N ASP A 124 21.18 12.38 35.05
CA ASP A 124 22.54 12.47 35.57
C ASP A 124 23.54 12.43 34.46
N PHE A 125 23.32 11.54 33.48
CA PHE A 125 24.19 11.47 32.32
C PHE A 125 24.17 12.78 31.55
N ARG A 126 22.98 13.36 31.37
CA ARG A 126 22.89 14.64 30.67
C ARG A 126 23.71 15.71 31.38
N ASP A 127 23.54 15.81 32.69
CA ASP A 127 24.23 16.83 33.46
C ASP A 127 25.74 16.64 33.38
N ARG A 128 26.22 15.41 33.55
CA ARG A 128 27.66 15.16 33.47
C ARG A 128 28.19 15.43 32.07
N THR A 129 27.40 15.10 31.05
CA THR A 129 27.85 15.32 29.68
C THR A 129 28.02 16.80 29.40
N ILE A 130 27.04 17.61 29.84
CA ILE A 130 27.15 19.09 29.68
C ILE A 130 28.40 19.57 30.42
N GLU A 131 28.63 19.06 31.64
CA GLU A 131 29.78 19.52 32.47
C GLU A 131 31.12 19.23 31.79
N VAL A 132 31.29 18.02 31.22
CA VAL A 132 32.61 17.64 30.63
C VAL A 132 32.68 18.22 29.22
N LEU A 133 31.54 18.56 28.63
CA LEU A 133 31.51 19.11 27.29
C LEU A 133 31.86 20.58 27.30
N LYS A 134 31.50 21.29 28.38
CA LYS A 134 31.98 22.65 28.54
C LYS A 134 33.39 22.67 29.08
N GLY A 135 33.78 21.63 29.82
CA GLY A 135 35.11 21.60 30.40
C GLY A 135 36.20 21.38 29.37
N CYS A 136 36.00 20.43 28.47
CA CYS A 136 36.99 20.11 27.45
C CYS A 136 36.95 21.08 26.29
N GLY A 137 36.21 22.18 26.41
CA GLY A 137 36.16 23.20 25.38
C GLY A 137 35.85 22.68 24.00
N VAL A 138 34.91 21.75 23.91
CA VAL A 138 34.55 21.18 22.62
C VAL A 138 33.97 22.25 21.73
N GLU A 139 34.40 22.26 20.48
CA GLU A 139 33.92 23.22 19.49
C GLU A 139 32.98 22.61 18.47
N MET A 140 33.15 21.33 18.14
CA MET A 140 32.36 20.70 17.09
C MET A 140 32.09 19.26 17.48
N LEU A 141 30.85 18.82 17.27
CA LEU A 141 30.41 17.47 17.61
C LEU A 141 29.93 16.80 16.34
N ILE A 142 30.80 15.99 15.74
CA ILE A 142 30.45 15.31 14.45
C ILE A 142 29.74 13.99 14.75
N ILE A 143 28.42 13.95 14.54
CA ILE A 143 27.65 12.69 14.75
C ILE A 143 27.62 11.93 13.43
N ASP A 144 28.52 10.96 13.24
CA ASP A 144 28.51 10.16 12.03
C ASP A 144 27.38 9.14 12.08
N GLU A 145 26.87 8.81 10.91
CA GLU A 145 25.71 7.92 10.78
C GLU A 145 24.58 8.40 11.67
N ALA A 146 24.22 9.67 11.50
CA ALA A 146 23.24 10.33 12.33
C ALA A 146 21.82 10.07 11.87
N ASP A 147 21.60 9.05 11.05
CA ASP A 147 20.25 8.58 10.82
C ASP A 147 19.87 7.46 11.76
N ARG A 148 20.79 7.05 12.63
CA ARG A 148 20.50 5.95 13.54
C ARG A 148 19.75 6.42 14.78
N LEU A 149 20.19 7.52 15.38
CA LEU A 149 19.68 7.92 16.67
C LEU A 149 18.20 8.28 16.57
N LYS A 150 17.46 7.98 17.64
CA LYS A 150 16.02 8.04 17.67
C LYS A 150 15.54 9.48 17.61
N PRO A 151 14.29 9.71 17.22
CA PRO A 151 13.79 11.09 17.16
C PRO A 151 13.80 11.80 18.50
N GLU A 152 13.75 11.04 19.60
CA GLU A 152 13.67 11.67 20.91
C GLU A 152 15.03 12.06 21.45
N THR A 153 16.11 11.87 20.69
CA THR A 153 17.42 12.37 21.06
C THR A 153 17.89 13.52 20.20
N PHE A 154 17.21 13.78 19.09
CA PHE A 154 17.44 15.02 18.38
C PHE A 154 17.11 16.21 19.26
N ALA A 155 16.18 16.05 20.19
CA ALA A 155 15.94 17.09 21.17
C ALA A 155 17.18 17.37 21.98
N ASP A 156 17.90 16.33 22.39
CA ASP A 156 19.07 16.58 23.22
C ASP A 156 20.23 17.13 22.40
N VAL A 157 20.36 16.71 21.14
CA VAL A 157 21.44 17.28 20.33
C VAL A 157 21.06 18.73 20.03
N ARG A 158 19.75 18.98 19.89
CA ARG A 158 19.32 20.38 19.68
C ARG A 158 19.72 21.12 20.95
N ASP A 159 19.43 20.56 22.13
CA ASP A 159 19.78 21.21 23.38
C ASP A 159 21.26 21.56 23.52
N ILE A 160 22.12 20.60 23.19
CA ILE A 160 23.56 20.80 23.21
C ILE A 160 23.93 21.99 22.33
N ALA A 161 23.52 21.94 21.07
CA ALA A 161 23.86 22.99 20.12
C ALA A 161 23.20 24.24 20.66
N GLU A 162 22.00 24.15 21.24
CA GLU A 162 21.27 25.37 21.66
C GLU A 162 21.98 26.08 22.82
N ASP A 163 22.53 25.34 23.78
CA ASP A 163 23.09 26.00 24.99
C ASP A 163 24.61 26.14 24.98
N LEU A 164 25.35 25.13 24.52
CA LEU A 164 26.80 25.20 24.67
C LEU A 164 27.47 25.95 23.52
N GLY A 165 26.67 26.32 22.52
CA GLY A 165 27.26 26.97 21.33
C GLY A 165 28.25 26.00 20.71
N ILE A 166 27.80 24.81 20.35
CA ILE A 166 28.71 23.77 19.76
C ILE A 166 28.18 23.44 18.36
N ALA A 167 29.07 23.47 17.36
CA ALA A 167 28.64 23.19 15.99
C ALA A 167 28.43 21.68 15.85
N VAL A 168 27.18 21.26 15.77
CA VAL A 168 26.86 19.85 15.62
C VAL A 168 26.74 19.55 14.14
N VAL A 169 27.56 18.62 13.65
CA VAL A 169 27.59 18.26 12.23
C VAL A 169 27.05 16.84 12.12
N LEU A 170 25.84 16.70 11.59
CA LEU A 170 25.24 15.39 11.40
C LEU A 170 25.69 14.83 10.05
N VAL A 171 26.37 13.69 10.07
CA VAL A 171 26.77 13.01 8.85
C VAL A 171 25.78 11.89 8.60
N GLY A 172 25.53 11.55 7.34
CA GLY A 172 24.65 10.39 7.09
C GLY A 172 24.30 10.16 5.64
N THR A 173 23.71 8.99 5.34
CA THR A 173 23.27 8.69 3.96
C THR A 173 22.11 9.67 3.73
N ASP A 174 21.59 9.73 2.49
CA ASP A 174 20.43 10.62 2.17
C ASP A 174 19.23 10.28 3.10
N ARG A 175 19.23 9.07 3.68
CA ARG A 175 18.11 8.68 4.53
C ARG A 175 18.06 9.63 5.71
N LEU A 176 19.21 10.13 6.16
CA LEU A 176 19.24 11.15 7.20
C LEU A 176 18.40 12.39 6.93
N ASP A 177 18.35 12.83 5.69
CA ASP A 177 17.54 13.99 5.34
C ASP A 177 16.04 13.78 5.58
N ALA A 178 15.55 12.60 5.18
CA ALA A 178 14.15 12.28 5.43
C ALA A 178 13.99 12.12 6.94
N VAL A 179 15.01 11.57 7.60
CA VAL A 179 14.92 11.38 9.05
C VAL A 179 14.75 12.71 9.75
N ILE A 180 15.46 13.75 9.30
CA ILE A 180 15.25 15.05 9.90
C ILE A 180 14.03 15.74 9.32
N LYS A 181 13.66 15.43 8.08
CA LYS A 181 12.46 16.03 7.52
C LYS A 181 11.12 15.86 8.19
N ARG A 182 10.84 14.66 8.71
CA ARG A 182 9.60 14.46 9.47
C ARG A 182 9.51 15.13 10.89
N ASP A 183 10.73 15.47 11.35
CA ASP A 183 10.82 16.23 12.63
C ASP A 183 10.81 17.67 12.14
N GLU A 184 10.59 18.62 13.04
CA GLU A 184 10.48 20.02 12.64
C GLU A 184 11.60 21.04 12.85
N GLN A 185 12.33 20.98 13.95
CA GLN A 185 13.27 22.04 14.24
C GLN A 185 14.62 21.52 13.77
N VAL A 186 14.80 20.21 13.87
CA VAL A 186 16.08 19.60 13.50
C VAL A 186 16.27 20.00 12.05
N LEU A 187 15.22 19.86 11.25
CA LEU A 187 15.29 20.33 9.87
C LEU A 187 15.61 21.79 9.67
N GLU A 188 15.04 22.64 10.54
CA GLU A 188 15.34 24.10 10.49
C GLU A 188 16.80 24.44 10.97
N ARG A 189 17.13 23.93 12.16
CA ARG A 189 18.51 24.07 12.71
C ARG A 189 19.68 23.51 11.89
N PHE A 190 19.48 22.33 11.29
CA PHE A 190 20.55 21.70 10.47
C PHE A 190 20.16 21.82 9.00
N ARG A 191 20.42 23.00 8.41
CA ARG A 191 20.05 23.24 7.03
C ARG A 191 21.21 23.58 6.12
N ALA A 192 22.35 24.03 6.66
CA ALA A 192 23.53 24.15 5.83
C ALA A 192 24.06 22.75 5.56
N HIS A 193 24.40 22.47 4.30
CA HIS A 193 24.78 21.11 3.97
C HIS A 193 25.86 21.09 2.92
N LEU A 194 26.46 19.92 2.75
CA LEU A 194 27.56 19.73 1.81
C LEU A 194 27.47 18.32 1.26
N ARG A 195 26.95 18.20 0.03
CA ARG A 195 26.75 16.87 -0.59
C ARG A 195 28.09 16.26 -0.98
N PHE A 196 28.30 14.97 -0.74
CA PHE A 196 29.57 14.33 -1.21
C PHE A 196 29.54 14.20 -2.74
N GLY A 197 30.66 14.51 -3.39
CA GLY A 197 30.71 14.52 -4.88
C GLY A 197 30.70 13.05 -5.26
N LYS A 198 30.27 12.75 -6.50
CA LYS A 198 30.32 11.36 -7.03
C LYS A 198 31.74 11.16 -7.57
N LEU A 199 32.44 12.24 -7.97
CA LEU A 199 33.88 12.22 -8.41
C LEU A 199 34.07 11.83 -9.89
N SER A 200 33.02 11.50 -10.63
CA SER A 200 33.19 11.00 -12.02
C SER A 200 33.79 12.06 -12.98
N GLY A 201 34.65 11.63 -13.91
CA GLY A 201 35.24 12.54 -14.93
C GLY A 201 36.76 12.49 -14.94
N GLU A 202 37.42 13.53 -15.46
CA GLU A 202 38.91 13.58 -15.38
C GLU A 202 39.44 13.47 -13.95
N ASP A 203 38.82 14.17 -13.00
CA ASP A 203 39.21 14.06 -11.58
C ASP A 203 39.18 12.59 -11.10
N PHE A 204 38.31 11.78 -11.70
CA PHE A 204 38.18 10.36 -11.27
C PHE A 204 39.47 9.73 -11.84
N LYS A 205 39.83 10.10 -13.08
CA LYS A 205 41.03 9.52 -13.73
C LYS A 205 42.26 9.79 -12.84
N ASN A 206 42.41 11.04 -12.38
CA ASN A 206 43.52 11.35 -11.43
C ASN A 206 43.49 10.44 -10.20
N THR A 207 42.35 10.37 -9.51
CA THR A 207 42.21 9.51 -8.34
C THR A 207 42.72 8.11 -8.64
N VAL A 208 42.37 7.59 -9.83
CA VAL A 208 42.74 6.22 -10.15
C VAL A 208 44.26 6.15 -10.04
N GLU A 209 44.96 7.02 -10.78
CA GLU A 209 46.42 6.94 -10.69
C GLU A 209 46.99 7.25 -9.27
N MET A 210 46.36 8.24 -8.63
CA MET A 210 46.68 8.46 -7.23
C MET A 210 46.59 7.29 -6.26
N TRP A 211 45.76 6.30 -6.59
CA TRP A 211 45.68 5.10 -5.77
C TRP A 211 46.82 4.15 -6.05
N GLU A 212 47.31 4.15 -7.29
CA GLU A 212 48.44 3.32 -7.68
C GLU A 212 49.69 3.66 -6.88
N GLN A 213 49.98 4.95 -6.74
CA GLN A 213 51.25 5.35 -6.14
C GLN A 213 51.13 5.39 -4.63
N MET A 214 50.05 6.02 -4.13
CA MET A 214 49.91 6.28 -2.71
C MET A 214 49.64 5.00 -1.93
N VAL A 215 48.60 4.26 -2.32
CA VAL A 215 48.05 3.19 -1.51
C VAL A 215 48.56 1.82 -1.95
N LEU A 216 48.64 1.61 -3.28
CA LEU A 216 49.06 0.28 -3.79
C LEU A 216 50.55 0.05 -3.50
N LYS A 217 51.39 1.10 -3.56
CA LYS A 217 52.82 1.00 -3.16
C LYS A 217 53.57 -0.18 -3.81
N LEU A 218 53.49 -0.35 -5.13
CA LEU A 218 54.15 -1.52 -5.79
C LEU A 218 55.38 -1.07 -6.60
N PRO A 219 56.40 -1.92 -6.98
CA PRO A 219 57.46 -1.42 -7.85
C PRO A 219 56.76 -0.94 -9.13
N VAL A 220 57.22 0.18 -9.70
CA VAL A 220 56.47 0.74 -10.87
C VAL A 220 56.38 -0.32 -11.95
N SER A 221 55.16 -0.58 -12.44
CA SER A 221 54.95 -1.63 -13.47
C SER A 221 54.61 -0.97 -14.80
N SER A 222 54.67 0.37 -14.87
CA SER A 222 54.31 1.12 -16.11
C SER A 222 52.87 0.81 -16.51
N ASN A 223 52.02 0.46 -15.53
CA ASN A 223 50.58 0.21 -15.84
C ASN A 223 49.98 1.56 -16.25
N LEU A 224 50.06 2.57 -15.38
CA LEU A 224 49.61 3.96 -15.70
C LEU A 224 48.09 4.04 -15.86
N LYS A 225 47.35 3.01 -15.44
CA LYS A 225 45.86 3.06 -15.47
C LYS A 225 45.39 3.53 -16.86
N SER A 226 45.78 2.84 -17.93
CA SER A 226 45.46 3.27 -19.32
C SER A 226 43.95 3.20 -19.59
N LYS A 227 43.47 3.93 -20.62
CA LYS A 227 42.02 4.00 -20.94
C LYS A 227 41.32 2.64 -20.79
N GLU A 228 41.98 1.53 -21.12
CA GLU A 228 41.38 0.18 -20.87
C GLU A 228 41.08 0.00 -19.39
N MET A 229 42.07 0.16 -18.49
CA MET A 229 41.85 -0.11 -17.08
C MET A 229 40.87 0.95 -16.59
N LEU A 230 40.90 2.13 -17.20
CA LEU A 230 39.99 3.19 -16.79
C LEU A 230 38.56 2.86 -17.18
N ARG A 231 38.36 2.33 -18.39
CA ARG A 231 37.03 1.89 -18.78
C ARG A 231 36.55 0.80 -17.84
N ILE A 232 37.43 -0.14 -17.51
CA ILE A 232 37.05 -1.21 -16.58
C ILE A 232 36.61 -0.61 -15.24
N LEU A 233 37.40 0.33 -14.71
CA LEU A 233 37.11 0.84 -13.38
C LEU A 233 35.93 1.78 -13.37
N THR A 234 35.73 2.54 -14.45
CA THR A 234 34.54 3.39 -14.54
C THR A 234 33.38 2.42 -14.69
N SER A 235 33.60 1.36 -15.46
CA SER A 235 32.54 0.36 -15.63
C SER A 235 32.15 -0.31 -14.30
N ALA A 236 33.17 -0.61 -13.50
CA ALA A 236 32.93 -1.34 -12.26
C ALA A 236 32.57 -0.55 -11.01
N THR A 237 33.35 0.49 -10.70
CA THR A 237 33.18 1.22 -9.45
C THR A 237 32.02 2.19 -9.48
N GLU A 238 31.66 2.72 -10.64
CA GLU A 238 30.67 3.79 -10.77
C GLU A 238 31.05 5.05 -10.01
N GLY A 239 32.32 5.22 -9.66
CA GLY A 239 32.80 6.43 -9.05
C GLY A 239 32.93 6.36 -7.54
N TYR A 240 32.26 5.41 -6.89
CA TYR A 240 32.38 5.29 -5.45
C TYR A 240 33.82 5.02 -5.06
N ILE A 241 34.37 5.89 -4.21
CA ILE A 241 35.71 5.66 -3.68
C ILE A 241 35.77 4.31 -2.99
N GLY A 242 34.90 4.13 -2.07
CA GLY A 242 35.04 2.90 -1.33
C GLY A 242 34.85 1.76 -2.24
N ARG A 243 34.58 1.97 -3.53
CA ARG A 243 34.48 0.81 -4.46
C ARG A 243 35.80 0.73 -5.22
N LEU A 244 36.36 1.88 -5.58
CA LEU A 244 37.69 1.89 -6.24
C LEU A 244 38.65 1.19 -5.28
N ASP A 245 38.53 1.47 -3.98
CA ASP A 245 39.47 0.91 -3.01
C ASP A 245 39.30 -0.60 -2.89
N GLU A 246 38.05 -1.04 -2.74
CA GLU A 246 37.76 -2.49 -2.59
C GLU A 246 38.32 -3.25 -3.79
N ILE A 247 38.06 -2.77 -5.01
CA ILE A 247 38.48 -3.49 -6.21
C ILE A 247 40.00 -3.53 -6.30
N LEU A 248 40.65 -2.39 -6.08
CA LEU A 248 42.09 -2.35 -6.29
C LEU A 248 42.81 -3.20 -5.27
N ARG A 249 42.41 -3.14 -4.00
CA ARG A 249 43.03 -4.01 -3.00
C ARG A 249 42.83 -5.48 -3.29
N GLU A 250 41.63 -5.88 -3.69
CA GLU A 250 41.38 -7.28 -4.03
C GLU A 250 42.26 -7.75 -5.18
N ALA A 251 42.36 -6.92 -6.23
CA ALA A 251 43.13 -7.30 -7.41
C ALA A 251 44.60 -7.41 -7.01
N ALA A 252 45.08 -6.46 -6.21
CA ALA A 252 46.47 -6.51 -5.77
C ALA A 252 46.74 -7.77 -4.95
N ILE A 253 45.85 -8.06 -3.99
CA ILE A 253 46.04 -9.24 -3.16
C ILE A 253 46.00 -10.51 -4.00
N ARG A 254 45.03 -10.60 -4.91
CA ARG A 254 44.96 -11.77 -5.76
C ARG A 254 46.23 -11.96 -6.57
N SER A 255 46.69 -10.88 -7.21
CA SER A 255 47.85 -10.97 -8.10
C SER A 255 49.11 -11.34 -7.33
N LEU A 256 49.23 -10.84 -6.11
CA LEU A 256 50.40 -11.18 -5.32
C LEU A 256 50.30 -12.59 -4.76
N SER A 257 49.07 -13.06 -4.52
CA SER A 257 48.91 -14.43 -4.03
C SER A 257 49.21 -15.44 -5.13
N ARG A 258 48.87 -15.12 -6.37
CA ARG A 258 49.18 -16.04 -7.46
C ARG A 258 50.55 -15.80 -8.06
N GLY A 259 51.40 -15.00 -7.41
CA GLY A 259 52.77 -14.80 -7.80
C GLY A 259 52.96 -13.64 -8.77
N LEU A 260 51.89 -13.17 -9.39
CA LEU A 260 52.01 -12.08 -10.35
C LEU A 260 52.54 -10.84 -9.67
N LYS A 261 53.52 -10.20 -10.29
CA LYS A 261 54.21 -9.10 -9.63
C LYS A 261 53.42 -7.81 -9.76
N LYS A 262 52.88 -7.53 -10.94
CA LYS A 262 51.89 -6.48 -11.11
C LYS A 262 50.46 -7.00 -11.24
N ILE A 263 49.52 -6.07 -11.50
CA ILE A 263 48.09 -6.45 -11.68
C ILE A 263 47.81 -6.69 -13.16
N ASP A 264 47.33 -7.89 -13.52
CA ASP A 264 46.99 -8.24 -14.93
C ASP A 264 45.60 -7.72 -15.29
N LYS A 265 45.24 -7.76 -16.58
CA LYS A 265 43.86 -7.40 -16.98
C LYS A 265 42.94 -8.53 -16.51
N ALA A 266 43.46 -9.76 -16.41
CA ALA A 266 42.65 -10.91 -16.03
C ALA A 266 42.01 -10.70 -14.67
N VAL A 267 42.81 -10.34 -13.66
CA VAL A 267 42.27 -10.23 -12.32
C VAL A 267 41.34 -9.02 -12.24
N LEU A 268 41.59 -8.01 -13.09
CA LEU A 268 40.68 -6.83 -13.12
C LEU A 268 39.32 -7.26 -13.66
N GLN A 269 39.30 -8.04 -14.73
CA GLN A 269 38.03 -8.59 -15.19
C GLN A 269 37.36 -9.48 -14.15
N GLU A 270 38.16 -10.24 -13.41
CA GLU A 270 37.63 -11.06 -12.32
C GLU A 270 36.85 -10.25 -11.31
N VAL A 271 37.48 -9.22 -10.73
CA VAL A 271 36.77 -8.49 -9.68
C VAL A 271 35.60 -7.72 -10.29
N ALA A 272 35.76 -7.25 -11.53
CA ALA A 272 34.66 -6.58 -12.19
C ALA A 272 33.44 -7.47 -12.26
N LYS A 273 33.60 -8.69 -12.79
CA LYS A 273 32.44 -9.58 -12.85
C LYS A 273 31.87 -9.97 -11.50
N GLU A 274 32.72 -10.06 -10.48
CA GLU A 274 32.27 -10.57 -9.20
C GLU A 274 31.67 -9.47 -8.32
N TYR A 275 31.52 -8.28 -8.91
CA TYR A 275 30.82 -7.18 -8.21
C TYR A 275 29.49 -7.11 -8.95
N LYS A 276 29.55 -6.81 -10.24
CA LYS A 276 28.32 -6.74 -11.07
C LYS A 276 28.23 -8.00 -11.94
N ASP B 17 21.06 -59.81 10.80
CA ASP B 17 20.79 -59.14 9.53
C ASP B 17 19.76 -58.04 9.73
N ASP B 18 18.73 -58.33 10.54
CA ASP B 18 17.82 -57.26 10.95
C ASP B 18 18.59 -56.21 11.74
N GLU B 19 19.57 -56.64 12.52
CA GLU B 19 20.54 -55.71 13.11
C GLU B 19 21.22 -54.90 12.01
N TRP B 20 21.69 -55.58 10.97
CA TRP B 20 22.25 -54.92 9.81
C TRP B 20 21.23 -54.00 9.15
N LEU B 21 19.97 -54.41 9.11
CA LEU B 21 18.94 -53.57 8.51
C LEU B 21 18.74 -52.29 9.31
N GLN B 22 18.78 -52.39 10.64
CA GLN B 22 18.71 -51.20 11.46
C GLN B 22 19.91 -50.30 11.20
N ALA B 23 21.09 -50.89 11.06
CA ALA B 23 22.27 -50.11 10.69
C ALA B 23 22.04 -49.38 9.38
N GLU B 24 21.46 -50.07 8.39
CA GLU B 24 21.28 -49.48 7.04
C GLU B 24 20.32 -48.29 7.04
N ILE B 25 19.15 -48.43 7.66
CA ILE B 25 18.14 -47.33 7.64
C ILE B 25 18.69 -46.13 8.45
N ALA B 26 19.41 -46.41 9.54
CA ALA B 26 19.95 -45.33 10.40
C ALA B 26 21.04 -44.62 9.59
N ARG B 27 21.89 -45.38 8.87
CA ARG B 27 22.98 -44.76 8.12
C ARG B 27 22.42 -43.95 6.95
N LEU B 28 21.40 -44.48 6.29
CA LEU B 28 20.78 -43.75 5.18
C LEU B 28 20.01 -42.55 5.70
N LYS B 29 19.41 -42.69 6.89
CA LYS B 29 18.70 -41.58 7.50
C LYS B 29 19.61 -40.36 7.69
N GLY B 30 20.76 -40.56 8.32
CA GLY B 30 21.69 -39.46 8.52
C GLY B 30 22.36 -39.07 7.22
N LYS B 31 22.66 -37.77 7.12
CA LYS B 31 23.23 -37.24 5.87
C LYS B 31 24.76 -37.26 5.91
N SER B 32 25.37 -37.15 4.74
CA SER B 32 26.81 -37.18 4.57
C SER B 32 27.22 -35.91 3.83
N ILE B 33 28.52 -35.73 3.65
CA ILE B 33 29.05 -34.59 2.90
C ILE B 33 29.91 -35.13 1.76
N VAL B 34 29.32 -35.25 0.59
CA VAL B 34 30.04 -35.75 -0.57
C VAL B 34 30.70 -34.55 -1.27
N PRO B 35 32.01 -34.51 -1.35
CA PRO B 35 32.69 -33.30 -1.83
C PRO B 35 32.64 -33.16 -3.34
N LEU B 36 31.98 -32.12 -3.81
CA LEU B 36 31.90 -31.85 -5.25
C LEU B 36 32.29 -30.41 -5.54
N GLN B 37 32.30 -30.07 -6.83
CA GLN B 37 32.92 -28.83 -7.28
C GLN B 37 32.33 -27.61 -6.59
N GLN B 38 31.06 -27.67 -6.22
CA GLN B 38 30.40 -26.51 -5.64
C GLN B 38 31.06 -26.10 -4.33
N VAL B 39 31.23 -27.06 -3.41
CA VAL B 39 31.75 -26.73 -2.09
C VAL B 39 33.22 -26.34 -2.20
N LYS B 40 33.92 -26.89 -3.19
CA LYS B 40 35.33 -26.56 -3.34
C LYS B 40 35.48 -25.13 -3.84
N THR B 41 34.64 -24.73 -4.80
CA THR B 41 34.65 -23.34 -5.24
C THR B 41 34.29 -22.41 -4.11
N LEU B 42 33.30 -22.80 -3.30
CA LEU B 42 32.92 -21.95 -2.18
C LEU B 42 34.02 -21.76 -1.16
N HIS B 43 34.72 -22.86 -0.84
CA HIS B 43 35.84 -22.78 0.14
C HIS B 43 36.94 -21.87 -0.41
N ASP B 44 37.27 -22.03 -1.69
CA ASP B 44 38.33 -21.22 -2.28
C ASP B 44 37.91 -19.76 -2.20
N TRP B 45 36.66 -19.48 -2.58
CA TRP B 45 36.15 -18.12 -2.52
C TRP B 45 36.20 -17.56 -1.11
N LEU B 46 35.78 -18.35 -0.13
CA LEU B 46 35.74 -17.87 1.24
C LEU B 46 37.13 -17.68 1.81
N ASP B 47 38.07 -18.55 1.42
CA ASP B 47 39.45 -18.31 1.82
C ASP B 47 39.95 -17.00 1.25
N GLY B 48 39.66 -16.74 -0.03
CA GLY B 48 40.07 -15.47 -0.61
C GLY B 48 39.48 -14.28 0.13
N LYS B 49 38.20 -14.35 0.47
CA LYS B 49 37.59 -13.26 1.23
C LYS B 49 38.17 -13.13 2.62
N ARG B 50 38.48 -14.24 3.28
CA ARG B 50 38.91 -14.19 4.67
C ARG B 50 40.34 -13.69 4.79
N LYS B 51 41.19 -14.03 3.84
CA LYS B 51 42.54 -13.48 3.86
C LYS B 51 42.51 -11.97 3.72
N ALA B 52 41.45 -11.43 3.10
CA ALA B 52 41.34 -10.01 2.85
C ALA B 52 40.35 -9.32 3.78
N ARG B 53 39.81 -10.05 4.77
CA ARG B 53 38.77 -9.48 5.68
C ARG B 53 37.73 -8.78 4.82
N LYS B 54 37.16 -9.49 3.84
CA LYS B 54 36.24 -8.95 2.87
C LYS B 54 34.87 -9.56 3.12
N SER B 55 33.86 -8.70 3.24
CA SER B 55 32.50 -9.15 3.52
C SER B 55 31.81 -9.38 2.19
N CYS B 56 31.36 -10.60 1.94
CA CYS B 56 30.65 -10.91 0.72
C CYS B 56 29.28 -11.45 1.10
N ARG B 57 28.48 -11.81 0.10
CA ARG B 57 27.22 -12.49 0.37
C ARG B 57 27.14 -13.60 -0.65
N VAL B 58 26.95 -14.82 -0.19
CA VAL B 58 27.05 -15.96 -1.10
C VAL B 58 25.60 -16.38 -1.29
N VAL B 59 25.00 -15.90 -2.37
CA VAL B 59 23.57 -16.12 -2.58
C VAL B 59 23.44 -17.36 -3.44
N GLY B 60 22.22 -17.86 -3.52
CA GLY B 60 21.96 -19.04 -4.32
C GLY B 60 20.50 -19.40 -4.26
N GLU B 61 20.17 -20.53 -4.87
CA GLU B 61 18.79 -20.98 -4.89
C GLU B 61 18.49 -21.70 -3.58
N SER B 62 17.29 -22.26 -3.47
CA SER B 62 16.87 -22.93 -2.25
C SER B 62 16.96 -24.40 -2.62
N ARG B 63 17.22 -25.26 -1.63
CA ARG B 63 17.41 -26.74 -1.82
C ARG B 63 18.58 -27.00 -2.78
N THR B 64 19.69 -26.31 -2.58
CA THR B 64 20.86 -26.39 -3.42
C THR B 64 22.25 -26.64 -2.88
N GLY B 65 22.43 -26.69 -1.57
CA GLY B 65 23.71 -27.07 -1.01
C GLY B 65 24.53 -25.92 -0.45
N LYS B 66 23.88 -24.91 0.09
CA LYS B 66 24.60 -23.78 0.64
C LYS B 66 24.97 -23.99 2.10
N THR B 67 23.98 -24.38 2.92
CA THR B 67 24.23 -24.56 4.33
C THR B 67 25.26 -25.66 4.56
N VAL B 68 25.19 -26.73 3.79
CA VAL B 68 26.14 -27.83 3.95
C VAL B 68 27.54 -27.37 3.60
N ALA B 69 27.68 -26.56 2.55
CA ALA B 69 28.99 -26.09 2.16
C ALA B 69 29.57 -25.15 3.20
N CYS B 70 28.76 -24.24 3.73
CA CYS B 70 29.24 -23.36 4.79
C CYS B 70 29.62 -24.16 6.02
N ASP B 71 28.87 -25.21 6.34
CA ASP B 71 29.22 -26.06 7.47
C ASP B 71 30.55 -26.75 7.25
N ALA B 72 30.75 -27.31 6.05
CA ALA B 72 32.01 -27.95 5.75
C ALA B 72 33.17 -26.96 5.88
N TYR B 73 32.97 -25.73 5.43
CA TYR B 73 34.02 -24.73 5.59
C TYR B 73 34.25 -24.44 7.05
N ARG B 74 33.19 -24.48 7.85
CA ARG B 74 33.32 -24.22 9.32
C ARG B 74 34.15 -25.36 9.95
N TYR B 75 33.96 -26.60 9.50
CA TYR B 75 34.68 -27.72 10.11
C TYR B 75 36.14 -27.98 9.82
N ARG B 76 36.54 -27.73 8.56
CA ARG B 76 37.97 -27.93 8.17
C ARG B 76 38.83 -27.01 9.05
N HIS B 77 38.37 -25.75 9.21
CA HIS B 77 38.97 -24.91 10.31
C HIS B 77 38.35 -25.02 11.74
N LYS B 78 38.46 -26.21 12.33
CA LYS B 78 37.98 -26.38 13.73
C LYS B 78 38.96 -25.59 14.62
N PRO B 79 38.50 -24.78 15.59
CA PRO B 79 39.42 -23.94 16.36
C PRO B 79 40.49 -24.75 17.10
N GLN B 80 41.75 -24.35 16.97
CA GLN B 80 42.85 -25.02 17.72
C GLN B 80 43.11 -24.12 18.92
N GLN B 81 42.72 -24.56 20.12
CA GLN B 81 42.82 -23.63 21.27
C GLN B 81 44.20 -23.71 21.92
N GLU B 82 44.76 -22.56 22.32
CA GLU B 82 45.97 -22.61 23.14
C GLU B 82 45.65 -23.42 24.39
N ALA B 83 46.67 -24.06 24.96
CA ALA B 83 46.55 -24.86 26.17
C ALA B 83 45.68 -24.31 27.29
N GLY B 84 45.76 -23.01 27.55
CA GLY B 84 44.94 -22.39 28.58
C GLY B 84 44.25 -21.10 28.19
N ARG B 85 44.31 -20.68 26.94
CA ARG B 85 43.72 -19.41 26.56
C ARG B 85 42.43 -19.62 25.78
N PRO B 86 41.62 -18.57 25.62
CA PRO B 86 40.40 -18.68 24.81
C PRO B 86 40.73 -19.23 23.43
N PRO B 87 39.90 -20.13 22.90
CA PRO B 87 40.20 -20.76 21.62
C PRO B 87 40.08 -19.76 20.48
N THR B 88 41.10 -19.71 19.64
CA THR B 88 41.07 -18.84 18.48
C THR B 88 40.15 -19.47 17.45
N VAL B 89 38.89 -19.03 17.41
CA VAL B 89 37.92 -19.52 16.46
C VAL B 89 37.99 -18.67 15.20
N PRO B 90 38.64 -19.14 14.13
CA PRO B 90 38.78 -18.28 12.95
C PRO B 90 37.47 -18.01 12.24
N VAL B 91 36.60 -19.00 12.10
CA VAL B 91 35.35 -18.86 11.37
C VAL B 91 34.21 -19.13 12.35
N VAL B 92 33.23 -18.24 12.37
CA VAL B 92 32.05 -18.37 13.22
C VAL B 92 30.83 -18.47 12.32
N TYR B 93 30.05 -19.52 12.50
CA TYR B 93 28.86 -19.76 11.70
C TYR B 93 27.64 -19.74 12.59
N ILE B 94 26.65 -18.91 12.25
CA ILE B 94 25.42 -18.82 13.01
C ILE B 94 24.39 -18.71 11.90
N ARG B 95 23.20 -19.24 12.19
CA ARG B 95 22.04 -19.14 11.27
C ARG B 95 20.90 -18.63 12.16
N PRO B 96 20.70 -17.31 12.29
CA PRO B 96 19.70 -16.75 13.22
C PRO B 96 18.25 -17.25 13.12
N HIS B 97 17.48 -17.12 14.20
CA HIS B 97 16.07 -17.50 14.14
C HIS B 97 15.24 -16.40 13.47
N GLN B 98 13.97 -16.69 13.26
CA GLN B 98 13.09 -15.77 12.54
C GLN B 98 13.01 -14.43 13.24
N LYS B 99 13.18 -13.36 12.46
CA LYS B 99 13.22 -11.99 12.95
C LYS B 99 14.17 -11.89 14.14
N CYS B 100 15.44 -12.17 13.87
CA CYS B 100 16.50 -12.06 14.85
C CYS B 100 16.75 -10.59 15.13
N GLY B 101 16.46 -10.16 16.34
CA GLY B 101 16.79 -8.82 16.75
C GLY B 101 18.27 -8.70 17.08
N PRO B 102 18.69 -7.48 17.39
CA PRO B 102 20.10 -7.27 17.72
C PRO B 102 20.54 -8.03 18.96
N LYS B 103 19.67 -8.15 19.96
CA LYS B 103 20.01 -8.94 21.14
C LYS B 103 20.20 -10.41 20.78
N ASP B 104 19.32 -10.93 19.92
CA ASP B 104 19.35 -12.35 19.63
C ASP B 104 20.58 -12.72 18.83
N LEU B 105 20.97 -11.87 17.89
CA LEU B 105 22.19 -12.11 17.13
C LEU B 105 23.40 -12.18 18.04
N PHE B 106 23.49 -11.27 19.00
CA PHE B 106 24.61 -11.30 19.93
C PHE B 106 24.58 -12.54 20.79
N LYS B 107 23.38 -12.95 21.21
CA LYS B 107 23.30 -14.19 21.98
C LYS B 107 23.84 -15.35 21.16
N LYS B 108 23.44 -15.44 19.89
CA LYS B 108 23.91 -16.55 19.06
C LYS B 108 25.41 -16.49 18.84
N ILE B 109 25.95 -15.30 18.58
CA ILE B 109 27.38 -15.17 18.34
C ILE B 109 28.16 -15.60 19.57
N THR B 110 27.85 -15.00 20.72
CA THR B 110 28.62 -15.31 21.92
C THR B 110 28.32 -16.71 22.43
N GLU B 111 27.24 -17.31 21.97
CA GLU B 111 26.99 -18.72 22.28
C GLU B 111 27.90 -19.62 21.48
N TYR B 112 27.99 -19.37 20.17
CA TYR B 112 28.87 -20.19 19.34
C TYR B 112 30.30 -20.14 19.82
N LEU B 113 30.72 -19.00 20.36
CA LEU B 113 32.06 -18.91 20.93
C LEU B 113 32.16 -19.57 22.29
N LYS B 114 31.06 -20.14 22.78
CA LYS B 114 31.04 -20.89 24.03
C LYS B 114 31.32 -19.98 25.23
N TYR B 115 30.68 -18.82 25.26
CA TYR B 115 30.65 -17.93 26.42
C TYR B 115 29.18 -17.78 26.78
N ARG B 116 28.78 -18.31 27.92
CA ARG B 116 27.37 -18.17 28.28
C ARG B 116 27.04 -16.72 28.60
N VAL B 117 25.83 -16.32 28.27
CA VAL B 117 25.43 -14.93 28.35
C VAL B 117 25.12 -14.59 29.80
N THR B 118 25.54 -13.42 30.24
CA THR B 118 25.10 -12.88 31.51
C THR B 118 23.96 -11.90 31.25
N LYS B 119 22.87 -12.05 31.98
CA LYS B 119 21.64 -11.31 31.68
C LYS B 119 21.89 -9.81 31.75
N GLY B 120 21.47 -9.10 30.71
CA GLY B 120 21.69 -7.68 30.65
C GLY B 120 20.91 -7.01 29.56
N THR B 121 21.22 -5.74 29.34
CA THR B 121 20.59 -4.90 28.35
C THR B 121 21.28 -5.07 27.00
N VAL B 122 20.57 -4.68 25.93
CA VAL B 122 21.09 -4.88 24.58
C VAL B 122 22.51 -4.33 24.45
N SER B 123 22.77 -3.18 25.08
CA SER B 123 24.10 -2.59 25.04
C SER B 123 25.13 -3.49 25.70
N ASP B 124 24.76 -4.11 26.82
CA ASP B 124 25.69 -4.99 27.52
C ASP B 124 26.05 -6.19 26.66
N PHE B 125 25.05 -6.76 25.99
CA PHE B 125 25.28 -7.85 25.08
C PHE B 125 26.22 -7.42 23.95
N ARG B 126 25.98 -6.24 23.39
CA ARG B 126 26.84 -5.74 22.32
C ARG B 126 28.29 -5.64 22.79
N ASP B 127 28.49 -5.03 23.96
CA ASP B 127 29.83 -4.84 24.48
C ASP B 127 30.53 -6.17 24.73
N ARG B 128 29.83 -7.12 25.35
CA ARG B 128 30.43 -8.42 25.61
C ARG B 128 30.72 -9.16 24.30
N THR B 129 29.84 -9.02 23.31
CA THR B 129 30.06 -9.70 22.05
C THR B 129 31.29 -9.18 21.36
N ILE B 130 31.46 -7.85 21.35
CA ILE B 130 32.69 -7.25 20.75
C ILE B 130 33.91 -7.77 21.51
N GLU B 131 33.82 -7.83 22.84
CA GLU B 131 34.99 -8.26 23.68
C GLU B 131 35.40 -9.70 23.38
N VAL B 132 34.44 -10.62 23.25
CA VAL B 132 34.78 -12.05 23.04
C VAL B 132 35.06 -12.28 21.55
N LEU B 133 34.59 -11.37 20.70
CA LEU B 133 34.79 -11.50 19.27
C LEU B 133 36.19 -11.03 18.88
N LYS B 134 36.72 -10.05 19.61
CA LYS B 134 38.12 -9.69 19.40
C LYS B 134 39.03 -10.65 20.17
N GLY B 135 38.53 -11.25 21.23
CA GLY B 135 39.36 -12.15 22.02
C GLY B 135 39.64 -13.46 21.31
N CYS B 136 38.60 -14.06 20.74
CA CYS B 136 38.75 -15.34 20.06
C CYS B 136 39.32 -15.20 18.66
N GLY B 137 39.82 -14.01 18.30
CA GLY B 137 40.44 -13.78 17.02
C GLY B 137 39.61 -14.23 15.83
N VAL B 138 38.32 -13.96 15.88
CA VAL B 138 37.42 -14.38 14.79
C VAL B 138 37.82 -13.66 13.52
N GLU B 139 37.87 -14.40 12.42
CA GLU B 139 38.20 -13.83 11.13
C GLU B 139 37.02 -13.71 10.19
N MET B 140 36.03 -14.59 10.31
CA MET B 140 34.90 -14.62 9.39
C MET B 140 33.65 -14.99 10.16
N LEU B 141 32.56 -14.29 9.88
CA LEU B 141 31.28 -14.50 10.55
C LEU B 141 30.25 -14.85 9.48
N ILE B 142 29.99 -16.16 9.33
CA ILE B 142 29.04 -16.63 8.27
C ILE B 142 27.62 -16.61 8.84
N ILE B 143 26.81 -15.65 8.43
CA ILE B 143 25.38 -15.59 8.88
C ILE B 143 24.53 -16.37 7.88
N ASP B 144 24.24 -17.65 8.16
CA ASP B 144 23.38 -18.42 7.28
C ASP B 144 21.94 -18.01 7.45
N GLU B 145 21.17 -18.14 6.36
CA GLU B 145 19.78 -17.70 6.32
C GLU B 145 19.67 -16.26 6.81
N ALA B 146 20.47 -15.40 6.19
CA ALA B 146 20.58 -14.01 6.58
C ALA B 146 19.50 -13.14 6.00
N ASP B 147 18.41 -13.73 5.51
CA ASP B 147 17.22 -12.96 5.20
C ASP B 147 16.25 -12.93 6.37
N ARG B 148 16.59 -13.59 7.47
CA ARG B 148 15.69 -13.62 8.61
C ARG B 148 15.84 -12.39 9.49
N LEU B 149 17.07 -12.01 9.79
CA LEU B 149 17.31 -10.98 10.78
C LEU B 149 16.75 -9.64 10.32
N LYS B 150 16.27 -8.86 11.28
CA LYS B 150 15.49 -7.65 11.05
C LYS B 150 16.38 -6.57 10.45
N PRO B 151 15.78 -5.57 9.80
CA PRO B 151 16.60 -4.50 9.22
C PRO B 151 17.39 -3.73 10.26
N GLU B 152 16.94 -3.71 11.51
CA GLU B 152 17.62 -2.92 12.53
C GLU B 152 18.80 -3.64 13.15
N THR B 153 19.12 -4.85 12.69
CA THR B 153 20.34 -5.53 13.11
C THR B 153 21.39 -5.61 12.02
N PHE B 154 21.02 -5.28 10.78
CA PHE B 154 22.05 -5.07 9.77
C PHE B 154 22.96 -3.93 10.17
N ALA B 155 22.45 -2.97 10.93
CA ALA B 155 23.32 -1.93 11.47
C ALA B 155 24.38 -2.53 12.36
N ASP B 156 24.02 -3.50 13.19
CA ASP B 156 25.03 -4.06 14.09
C ASP B 156 25.99 -4.98 13.37
N VAL B 157 25.52 -5.69 12.34
CA VAL B 157 26.46 -6.53 11.59
C VAL B 157 27.35 -5.58 10.79
N ARG B 158 26.79 -4.46 10.35
CA ARG B 158 27.65 -3.46 9.65
C ARG B 158 28.69 -3.02 10.67
N ASP B 159 28.26 -2.69 11.89
CA ASP B 159 29.19 -2.24 12.92
C ASP B 159 30.33 -3.21 13.21
N ILE B 160 30.00 -4.49 13.35
CA ILE B 160 30.98 -5.55 13.55
C ILE B 160 32.00 -5.53 12.42
N ALA B 161 31.52 -5.61 11.18
CA ALA B 161 32.41 -5.67 10.03
C ALA B 161 33.14 -4.33 10.04
N GLU B 162 32.41 -3.25 10.35
CA GLU B 162 33.03 -1.93 10.35
C GLU B 162 34.27 -1.74 11.31
N ASP B 163 34.07 -2.13 12.57
CA ASP B 163 35.14 -1.87 13.58
C ASP B 163 36.06 -3.07 13.84
N LEU B 164 35.58 -4.32 13.71
CA LEU B 164 36.42 -5.48 14.11
C LEU B 164 37.19 -6.08 12.92
N GLY B 165 37.08 -5.49 11.73
CA GLY B 165 37.74 -6.02 10.52
C GLY B 165 37.43 -7.49 10.41
N ILE B 166 36.14 -7.85 10.37
CA ILE B 166 35.73 -9.28 10.30
C ILE B 166 34.94 -9.47 9.00
N ALA B 167 35.29 -10.49 8.21
CA ALA B 167 34.61 -10.71 6.94
C ALA B 167 33.26 -11.35 7.25
N VAL B 168 32.19 -10.58 7.09
CA VAL B 168 30.85 -11.09 7.33
C VAL B 168 30.29 -11.61 6.01
N VAL B 169 29.94 -12.88 5.98
CA VAL B 169 29.43 -13.53 4.79
C VAL B 169 27.96 -13.86 5.02
N LEU B 170 27.07 -13.12 4.36
CA LEU B 170 25.64 -13.37 4.49
C LEU B 170 25.23 -14.42 3.49
N VAL B 171 24.70 -15.54 3.97
CA VAL B 171 24.18 -16.60 3.12
C VAL B 171 22.67 -16.44 3.07
N GLY B 172 22.04 -16.81 1.94
CA GLY B 172 20.57 -16.77 1.92
C GLY B 172 19.95 -17.05 0.58
N THR B 173 18.63 -17.27 0.56
CA THR B 173 17.91 -17.50 -0.72
C THR B 173 17.99 -16.16 -1.44
N ASP B 174 17.55 -16.09 -2.70
CA ASP B 174 17.55 -14.83 -3.47
C ASP B 174 16.75 -13.74 -2.71
N ARG B 175 15.87 -14.16 -1.79
CA ARG B 175 15.05 -13.19 -1.07
C ARG B 175 15.99 -12.28 -0.28
N LEU B 176 17.11 -12.83 0.19
CA LEU B 176 18.12 -12.00 0.84
C LEU B 176 18.60 -10.78 0.07
N ASP B 177 18.73 -10.92 -1.24
CA ASP B 177 19.15 -9.79 -2.07
C ASP B 177 18.16 -8.63 -2.04
N ALA B 178 16.87 -8.94 -2.13
CA ALA B 178 15.85 -7.90 -2.04
C ALA B 178 15.88 -7.38 -0.61
N VAL B 179 16.13 -8.26 0.36
CA VAL B 179 16.15 -7.83 1.75
C VAL B 179 17.24 -6.80 1.97
N ILE B 180 18.41 -6.99 1.35
CA ILE B 180 19.45 -5.98 1.47
C ILE B 180 19.21 -4.83 0.49
N LYS B 181 18.53 -5.09 -0.62
CA LYS B 181 18.26 -4.00 -1.55
C LYS B 181 17.46 -2.79 -1.10
N ARG B 182 16.42 -3.01 -0.29
CA ARG B 182 15.69 -1.87 0.27
C ARG B 182 16.40 -1.01 1.37
N ASP B 183 17.44 -1.66 1.91
CA ASP B 183 18.31 -0.96 2.87
C ASP B 183 19.40 -0.38 1.97
N GLU B 184 20.18 0.56 2.48
CA GLU B 184 21.19 1.23 1.65
C GLU B 184 22.67 0.92 1.72
N GLN B 185 23.22 0.65 2.90
CA GLN B 185 24.66 0.52 3.00
C GLN B 185 24.93 -0.98 2.96
N VAL B 186 24.00 -1.76 3.49
CA VAL B 186 24.17 -3.21 3.56
C VAL B 186 24.36 -3.62 2.10
N LEU B 187 23.51 -3.10 1.22
CA LEU B 187 23.71 -3.36 -0.20
C LEU B 187 25.04 -2.94 -0.79
N GLU B 188 25.54 -1.78 -0.34
CA GLU B 188 26.88 -1.31 -0.79
C GLU B 188 28.07 -2.15 -0.19
N ARG B 189 28.03 -2.30 1.14
CA ARG B 189 29.02 -3.16 1.84
C ARG B 189 29.10 -4.65 1.46
N PHE B 190 27.94 -5.27 1.23
CA PHE B 190 27.91 -6.70 0.85
C PHE B 190 27.55 -6.80 -0.63
N ARG B 191 28.54 -6.60 -1.50
CA ARG B 191 28.31 -6.61 -2.93
C ARG B 191 29.10 -7.67 -3.69
N ALA B 192 30.17 -8.20 -3.13
CA ALA B 192 30.82 -9.34 -3.74
C ALA B 192 29.95 -10.56 -3.46
N HIS B 193 29.71 -11.37 -4.48
CA HIS B 193 28.78 -12.47 -4.30
C HIS B 193 29.20 -13.69 -5.10
N LEU B 194 28.57 -14.81 -4.79
CA LEU B 194 28.90 -16.09 -5.41
C LEU B 194 27.61 -16.90 -5.51
N ARG B 195 27.03 -16.93 -6.71
CA ARG B 195 25.73 -17.62 -6.91
C ARG B 195 25.94 -19.14 -6.86
N PHE B 196 25.06 -19.88 -6.19
CA PHE B 196 25.19 -21.37 -6.21
C PHE B 196 24.82 -21.90 -7.59
N GLY B 197 25.60 -22.85 -8.12
CA GLY B 197 25.40 -23.36 -9.49
C GLY B 197 24.14 -24.21 -9.39
N LYS B 198 23.46 -24.40 -10.53
CA LYS B 198 22.28 -25.32 -10.59
C LYS B 198 22.83 -26.74 -10.79
N LEU B 199 24.04 -26.87 -11.38
CA LEU B 199 24.77 -28.18 -11.53
C LEU B 199 24.32 -29.00 -12.75
N SER B 200 23.34 -28.55 -13.53
CA SER B 200 22.81 -29.38 -14.65
C SER B 200 23.83 -29.64 -15.76
N GLY B 201 23.84 -30.85 -16.35
CA GLY B 201 24.73 -31.18 -17.48
C GLY B 201 25.55 -32.43 -17.21
N GLU B 202 26.69 -32.60 -17.90
CA GLU B 202 27.59 -33.75 -17.60
C GLU B 202 28.03 -33.78 -16.13
N ASP B 203 28.40 -32.63 -15.57
CA ASP B 203 28.76 -32.55 -14.13
C ASP B 203 27.65 -33.11 -13.24
N PHE B 204 26.39 -33.02 -13.70
CA PHE B 204 25.25 -33.49 -12.88
C PHE B 204 25.38 -35.00 -13.00
N LYS B 205 25.68 -35.52 -14.19
CA LYS B 205 25.80 -36.98 -14.42
C LYS B 205 26.85 -37.54 -13.47
N ASN B 206 28.02 -36.89 -13.39
CA ASN B 206 29.05 -37.32 -12.41
C ASN B 206 28.50 -37.37 -10.99
N THR B 207 27.91 -36.28 -10.52
CA THR B 207 27.33 -36.21 -9.18
C THR B 207 26.45 -37.42 -8.94
N VAL B 208 25.63 -37.79 -9.93
CA VAL B 208 24.68 -38.88 -9.74
C VAL B 208 25.51 -40.10 -9.37
N GLU B 209 26.49 -40.46 -10.20
CA GLU B 209 27.27 -41.64 -9.84
C GLU B 209 28.08 -41.50 -8.52
N MET B 210 28.62 -40.30 -8.33
CA MET B 210 29.21 -39.99 -7.04
C MET B 210 28.37 -40.20 -5.79
N TRP B 211 27.05 -40.13 -5.94
CA TRP B 211 26.17 -40.40 -4.80
C TRP B 211 26.01 -41.91 -4.57
N GLU B 212 26.09 -42.69 -5.64
CA GLU B 212 26.00 -44.14 -5.57
C GLU B 212 27.11 -44.71 -4.69
N GLN B 213 28.34 -44.25 -4.92
CA GLN B 213 29.48 -44.88 -4.26
C GLN B 213 29.68 -44.28 -2.88
N MET B 214 29.67 -42.95 -2.79
CA MET B 214 30.03 -42.26 -1.56
C MET B 214 28.96 -42.43 -0.50
N VAL B 215 27.71 -42.09 -0.81
CA VAL B 215 26.67 -41.94 0.19
C VAL B 215 25.79 -43.17 0.28
N LEU B 216 25.44 -43.76 -0.87
CA LEU B 216 24.53 -44.94 -0.86
C LEU B 216 25.24 -46.15 -0.26
N LYS B 217 26.58 -46.23 -0.39
CA LYS B 217 27.37 -47.33 0.22
C LYS B 217 26.57 -48.63 0.21
N LEU B 218 26.09 -49.05 -0.97
CA LEU B 218 25.27 -50.28 -1.09
C LEU B 218 25.85 -51.13 -2.22
N PRO B 219 25.49 -52.42 -2.35
CA PRO B 219 26.13 -53.24 -3.40
C PRO B 219 25.86 -52.55 -4.73
N VAL B 220 26.89 -52.41 -5.57
CA VAL B 220 26.72 -51.64 -6.85
C VAL B 220 25.71 -52.35 -7.75
N SER B 221 24.79 -51.59 -8.35
CA SER B 221 23.83 -52.18 -9.32
C SER B 221 24.45 -52.09 -10.71
N SER B 222 25.66 -51.51 -10.82
CA SER B 222 26.36 -51.32 -12.11
C SER B 222 25.55 -50.39 -13.02
N ASN B 223 24.76 -49.50 -12.44
CA ASN B 223 23.97 -48.53 -13.24
C ASN B 223 24.93 -47.59 -13.98
N LEU B 224 25.99 -47.13 -13.31
CA LEU B 224 26.97 -46.18 -13.91
C LEU B 224 26.21 -44.98 -14.49
N LYS B 225 25.25 -44.42 -13.72
CA LYS B 225 24.42 -43.27 -14.19
C LYS B 225 23.74 -43.64 -15.52
N SER B 226 23.16 -44.83 -15.62
CA SER B 226 22.46 -45.30 -16.85
C SER B 226 21.53 -44.20 -17.37
N LYS B 227 21.55 -43.94 -18.68
CA LYS B 227 20.72 -42.84 -19.26
C LYS B 227 19.26 -42.90 -18.82
N GLU B 228 18.68 -44.10 -18.67
CA GLU B 228 17.30 -44.22 -18.13
C GLU B 228 17.22 -43.59 -16.73
N MET B 229 18.06 -44.03 -15.77
CA MET B 229 17.94 -43.54 -14.41
C MET B 229 18.32 -42.07 -14.46
N LEU B 230 19.20 -41.69 -15.38
CA LEU B 230 19.59 -40.29 -15.48
C LEU B 230 18.45 -39.43 -16.00
N ARG B 231 17.72 -39.92 -16.99
CA ARG B 231 16.54 -39.21 -17.45
C ARG B 231 15.54 -39.06 -16.32
N ILE B 232 15.33 -40.15 -15.56
CA ILE B 232 14.42 -40.08 -14.43
C ILE B 232 14.87 -39.01 -13.45
N LEU B 233 16.16 -39.00 -13.10
CA LEU B 233 16.62 -38.09 -12.06
C LEU B 233 16.71 -36.65 -12.56
N THR B 234 17.04 -36.44 -13.83
CA THR B 234 17.03 -35.10 -14.39
C THR B 234 15.56 -34.70 -14.43
N SER B 235 14.70 -35.65 -14.78
CA SER B 235 13.27 -35.35 -14.82
C SER B 235 12.71 -34.96 -13.43
N ALA B 236 13.18 -35.69 -12.41
CA ALA B 236 12.67 -35.46 -11.06
C ALA B 236 13.30 -34.37 -10.21
N THR B 237 14.63 -34.38 -10.10
CA THR B 237 15.33 -33.48 -9.20
C THR B 237 15.46 -32.07 -9.73
N GLU B 238 15.48 -31.88 -11.04
CA GLU B 238 15.76 -30.60 -11.67
C GLU B 238 17.11 -30.02 -11.29
N GLY B 239 18.04 -30.85 -10.79
CA GLY B 239 19.38 -30.43 -10.51
C GLY B 239 19.65 -30.09 -9.06
N TYR B 240 18.61 -29.83 -8.28
CA TYR B 240 18.81 -29.53 -6.87
C TYR B 240 19.48 -30.70 -6.17
N ILE B 241 20.63 -30.43 -5.55
CA ILE B 241 21.29 -31.45 -4.75
C ILE B 241 20.34 -31.96 -3.68
N GLY B 242 19.53 -31.05 -3.23
CA GLY B 242 18.66 -31.41 -2.12
C GLY B 242 17.65 -32.38 -2.60
N ARG B 243 17.40 -32.40 -3.90
CA ARG B 243 16.35 -33.31 -4.44
C ARG B 243 17.03 -34.63 -4.82
N LEU B 244 18.34 -34.63 -5.10
CA LEU B 244 18.94 -35.90 -5.54
C LEU B 244 19.05 -36.63 -4.24
N ASP B 245 19.47 -35.93 -3.24
CA ASP B 245 19.71 -36.65 -2.00
C ASP B 245 18.42 -37.24 -1.45
N GLU B 246 17.38 -36.40 -1.38
CA GLU B 246 16.06 -36.85 -0.84
C GLU B 246 15.57 -38.07 -1.63
N ILE B 247 15.61 -38.00 -2.96
CA ILE B 247 15.08 -39.09 -3.78
C ILE B 247 15.90 -40.35 -3.58
N LEU B 248 17.22 -40.24 -3.63
CA LEU B 248 18.03 -41.44 -3.59
C LEU B 248 17.93 -42.13 -2.24
N ARG B 249 17.96 -41.37 -1.15
CA ARG B 249 17.77 -41.99 0.16
C ARG B 249 16.42 -42.67 0.32
N GLU B 250 15.36 -42.03 -0.14
CA GLU B 250 14.03 -42.64 -0.07
C GLU B 250 13.96 -43.94 -0.84
N ALA B 251 14.51 -43.95 -2.05
CA ALA B 251 14.45 -45.12 -2.91
C ALA B 251 15.27 -46.23 -2.25
N ALA B 252 16.44 -45.89 -1.71
CA ALA B 252 17.26 -46.89 -1.04
C ALA B 252 16.54 -47.47 0.15
N ILE B 253 15.95 -46.61 0.99
CA ILE B 253 15.24 -47.09 2.18
C ILE B 253 14.06 -47.96 1.77
N ARG B 254 13.29 -47.52 0.77
CA ARG B 254 12.16 -48.33 0.34
C ARG B 254 12.61 -49.69 -0.14
N SER B 255 13.63 -49.72 -1.00
CA SER B 255 14.06 -50.98 -1.60
C SER B 255 14.61 -51.94 -0.55
N LEU B 256 15.29 -51.40 0.46
CA LEU B 256 15.80 -52.27 1.51
C LEU B 256 14.70 -52.71 2.45
N SER B 257 13.66 -51.89 2.61
CA SER B 257 12.55 -52.28 3.47
C SER B 257 11.72 -53.38 2.81
N ARG B 258 11.59 -53.35 1.48
CA ARG B 258 10.85 -54.39 0.81
C ARG B 258 11.72 -55.58 0.42
N GLY B 259 12.95 -55.64 0.92
CA GLY B 259 13.83 -56.78 0.72
C GLY B 259 14.72 -56.64 -0.51
N LEU B 260 14.38 -55.75 -1.42
CA LEU B 260 15.17 -55.60 -2.64
C LEU B 260 16.58 -55.19 -2.28
N LYS B 261 17.56 -55.85 -2.90
CA LYS B 261 18.94 -55.65 -2.50
C LYS B 261 19.52 -54.40 -3.16
N LYS B 262 19.24 -54.20 -4.44
CA LYS B 262 19.49 -52.93 -5.11
C LYS B 262 18.24 -52.08 -5.31
N ILE B 263 18.41 -50.94 -6.01
CA ILE B 263 17.26 -50.03 -6.31
C ILE B 263 16.66 -50.41 -7.67
N ASP B 264 15.37 -50.74 -7.70
CA ASP B 264 14.67 -51.09 -8.97
C ASP B 264 14.23 -49.82 -9.72
N LYS B 265 13.78 -49.96 -10.97
CA LYS B 265 13.23 -48.79 -11.70
C LYS B 265 11.87 -48.46 -11.07
N ALA B 266 11.20 -49.48 -10.50
CA ALA B 266 9.87 -49.29 -9.92
C ALA B 266 9.89 -48.24 -8.83
N VAL B 267 10.80 -48.38 -7.87
CA VAL B 267 10.80 -47.46 -6.73
C VAL B 267 11.26 -46.07 -7.21
N LEU B 268 12.08 -46.04 -8.27
CA LEU B 268 12.51 -44.72 -8.81
C LEU B 268 11.30 -44.02 -9.42
N GLN B 269 10.47 -44.74 -10.19
CA GLN B 269 9.24 -44.14 -10.66
C GLN B 269 8.32 -43.71 -9.53
N GLU B 270 8.28 -44.51 -8.46
CA GLU B 270 7.49 -44.15 -7.28
C GLU B 270 7.88 -42.78 -6.73
N VAL B 271 9.14 -42.60 -6.40
CA VAL B 271 9.52 -41.33 -5.77
C VAL B 271 9.38 -40.20 -6.77
N ALA B 272 9.63 -40.48 -8.05
CA ALA B 272 9.44 -39.46 -9.07
C ALA B 272 8.02 -38.96 -9.06
N LYS B 273 7.04 -39.86 -9.15
CA LYS B 273 5.65 -39.40 -9.14
C LYS B 273 5.23 -38.71 -7.85
N GLU B 274 5.81 -39.12 -6.73
CA GLU B 274 5.35 -38.60 -5.45
C GLU B 274 6.04 -37.29 -5.07
N TYR B 275 6.81 -36.76 -6.02
CA TYR B 275 7.42 -35.42 -5.82
C TYR B 275 6.60 -34.55 -6.77
N LYS B 276 6.66 -34.85 -8.06
CA LYS B 276 5.88 -34.09 -9.08
C LYS B 276 4.69 -34.93 -9.50
N ASP C 17 -37.28 -48.05 26.93
CA ASP C 17 -37.12 -47.88 25.49
C ASP C 17 -36.79 -46.43 25.17
N ASP C 18 -37.46 -45.49 25.85
CA ASP C 18 -37.04 -44.10 25.76
C ASP C 18 -35.63 -43.94 26.29
N GLU C 19 -35.28 -44.71 27.32
CA GLU C 19 -33.89 -44.84 27.73
C GLU C 19 -33.03 -45.31 26.56
N TRP C 20 -33.49 -46.36 25.88
CA TRP C 20 -32.83 -46.84 24.68
C TRP C 20 -32.79 -45.76 23.60
N LEU C 21 -33.85 -44.95 23.50
CA LEU C 21 -33.86 -43.88 22.50
C LEU C 21 -32.81 -42.84 22.81
N GLN C 22 -32.63 -42.52 24.10
CA GLN C 22 -31.58 -41.59 24.48
C GLN C 22 -30.21 -42.18 24.15
N ALA C 23 -30.05 -43.49 24.39
CA ALA C 23 -28.81 -44.16 24.00
C ALA C 23 -28.56 -44.00 22.51
N GLU C 24 -29.63 -44.19 21.71
CA GLU C 24 -29.48 -44.15 20.24
C GLU C 24 -29.06 -42.79 19.70
N ILE C 25 -29.74 -41.72 20.14
CA ILE C 25 -29.43 -40.36 19.62
C ILE C 25 -28.02 -39.95 20.08
N ALA C 26 -27.65 -40.34 21.30
CA ALA C 26 -26.32 -39.97 21.86
C ALA C 26 -25.27 -40.74 21.05
N ARG C 27 -25.52 -42.02 20.76
CA ARG C 27 -24.53 -42.81 20.04
C ARG C 27 -24.40 -42.32 18.60
N LEU C 28 -25.52 -41.97 17.98
CA LEU C 28 -25.47 -41.44 16.62
C LEU C 28 -24.86 -40.05 16.61
N LYS C 29 -25.11 -39.28 17.66
CA LYS C 29 -24.51 -37.95 17.78
C LYS C 29 -22.98 -38.01 17.73
N GLY C 30 -22.37 -38.85 18.56
CA GLY C 30 -20.92 -38.98 18.56
C GLY C 30 -20.45 -39.73 17.32
N LYS C 31 -19.25 -39.34 16.88
CA LYS C 31 -18.72 -39.92 15.63
C LYS C 31 -17.86 -41.15 15.92
N SER C 32 -17.62 -41.95 14.88
CA SER C 32 -16.84 -43.17 14.97
C SER C 32 -15.72 -43.09 13.95
N ILE C 33 -14.87 -44.11 13.94
CA ILE C 33 -13.78 -44.19 12.96
C ILE C 33 -13.93 -45.50 12.21
N VAL C 34 -14.55 -45.45 11.05
CA VAL C 34 -14.73 -46.64 10.23
C VAL C 34 -13.52 -46.78 9.32
N PRO C 35 -12.75 -47.85 9.43
CA PRO C 35 -11.48 -47.93 8.72
C PRO C 35 -11.65 -48.28 7.25
N LEU C 36 -11.27 -47.37 6.37
CA LEU C 36 -11.34 -47.61 4.94
C LEU C 36 -10.01 -47.28 4.29
N GLN C 37 -9.95 -47.52 2.97
CA GLN C 37 -8.68 -47.54 2.27
C GLN C 37 -7.91 -46.24 2.43
N GLN C 38 -8.63 -45.12 2.59
CA GLN C 38 -7.97 -43.83 2.67
C GLN C 38 -7.04 -43.76 3.87
N VAL C 39 -7.56 -44.08 5.06
CA VAL C 39 -6.76 -43.94 6.27
C VAL C 39 -5.63 -44.96 6.29
N LYS C 40 -5.85 -46.10 5.66
CA LYS C 40 -4.81 -47.12 5.62
C LYS C 40 -3.65 -46.68 4.74
N THR C 41 -3.97 -46.10 3.58
CA THR C 41 -2.93 -45.54 2.75
C THR C 41 -2.19 -44.43 3.46
N LEU C 42 -2.93 -43.58 4.17
CA LEU C 42 -2.27 -42.49 4.89
C LEU C 42 -1.32 -42.99 5.97
N HIS C 43 -1.75 -44.00 6.73
CA HIS C 43 -0.89 -44.56 7.80
C HIS C 43 0.37 -45.15 7.17
N ASP C 44 0.22 -45.91 6.08
CA ASP C 44 1.37 -46.52 5.44
C ASP C 44 2.33 -45.42 4.99
N TRP C 45 1.78 -44.39 4.36
CA TRP C 45 2.59 -43.27 3.90
C TRP C 45 3.31 -42.60 5.05
N LEU C 46 2.60 -42.36 6.16
CA LEU C 46 3.20 -41.66 7.28
C LEU C 46 4.23 -42.52 7.97
N ASP C 47 4.00 -43.83 8.03
CA ASP C 47 5.06 -44.71 8.55
C ASP C 47 6.30 -44.61 7.69
N GLY C 48 6.13 -44.64 6.37
CA GLY C 48 7.27 -44.51 5.49
C GLY C 48 8.03 -43.22 5.72
N LYS C 49 7.30 -42.10 5.86
CA LYS C 49 7.96 -40.84 6.12
C LYS C 49 8.63 -40.80 7.48
N ARG C 50 8.03 -41.42 8.50
CA ARG C 50 8.54 -41.30 9.85
C ARG C 50 9.78 -42.17 10.05
N LYS C 51 9.83 -43.33 9.40
CA LYS C 51 11.04 -44.13 9.46
C LYS C 51 12.21 -43.39 8.84
N ALA C 52 11.94 -42.46 7.94
CA ALA C 52 12.98 -41.72 7.24
C ALA C 52 13.14 -40.29 7.73
N ARG C 53 12.41 -39.92 8.79
CA ARG C 53 12.43 -38.51 9.31
C ARG C 53 12.26 -37.58 8.10
N LYS C 54 11.20 -37.79 7.32
CA LYS C 54 10.94 -37.06 6.10
C LYS C 54 9.72 -36.19 6.30
N SER C 55 9.85 -34.91 5.99
CA SER C 55 8.76 -33.96 6.17
C SER C 55 7.96 -33.91 4.87
N CYS C 56 6.69 -34.25 4.95
CA CYS C 56 5.82 -34.21 3.79
C CYS C 56 4.67 -33.26 4.10
N ARG C 57 3.76 -33.11 3.15
CA ARG C 57 2.55 -32.34 3.40
C ARG C 57 1.43 -33.15 2.78
N VAL C 58 0.42 -33.48 3.56
CA VAL C 58 -0.59 -34.41 3.08
C VAL C 58 -1.80 -33.52 2.80
N VAL C 59 -1.94 -33.11 1.55
CA VAL C 59 -2.95 -32.14 1.18
C VAL C 59 -4.18 -32.92 0.74
N GLY C 60 -5.29 -32.21 0.62
CA GLY C 60 -6.52 -32.84 0.20
C GLY C 60 -7.63 -31.83 0.13
N GLU C 61 -8.83 -32.31 -0.13
CA GLU C 61 -9.99 -31.45 -0.23
C GLU C 61 -10.51 -31.16 1.17
N SER C 62 -11.61 -30.43 1.25
CA SER C 62 -12.19 -30.07 2.53
C SER C 62 -13.39 -31.00 2.66
N ARG C 63 -13.76 -31.33 3.91
CA ARG C 63 -14.88 -32.29 4.21
C ARG C 63 -14.59 -33.65 3.59
N THR C 64 -13.36 -34.14 3.74
CA THR C 64 -12.91 -35.39 3.16
C THR C 64 -12.23 -36.48 3.97
N GLY C 65 -11.94 -36.24 5.24
CA GLY C 65 -11.43 -37.30 6.10
C GLY C 65 -9.95 -37.21 6.39
N LYS C 66 -9.41 -35.99 6.47
CA LYS C 66 -7.99 -35.83 6.75
C LYS C 66 -7.70 -35.80 8.25
N THR C 67 -8.44 -34.95 8.98
CA THR C 67 -8.20 -34.80 10.40
C THR C 67 -8.46 -36.13 11.12
N VAL C 68 -9.50 -36.84 10.72
CA VAL C 68 -9.81 -38.11 11.37
C VAL C 68 -8.71 -39.12 11.12
N ALA C 69 -8.16 -39.13 9.90
CA ALA C 69 -7.10 -40.09 9.61
C ALA C 69 -5.84 -39.76 10.39
N CYS C 70 -5.48 -38.48 10.46
CA CYS C 70 -4.32 -38.10 11.26
C CYS C 70 -4.52 -38.43 12.73
N ASP C 71 -5.75 -38.26 13.22
CA ASP C 71 -6.04 -38.62 14.61
C ASP C 71 -5.88 -40.11 14.83
N ALA C 72 -6.42 -40.92 13.92
CA ALA C 72 -6.27 -42.36 14.04
C ALA C 72 -4.80 -42.75 14.03
N TYR C 73 -4.00 -42.11 13.19
CA TYR C 73 -2.57 -42.39 13.20
C TYR C 73 -1.95 -41.99 14.53
N ARG C 74 -2.45 -40.90 15.11
CA ARG C 74 -1.92 -40.44 16.43
C ARG C 74 -2.25 -41.48 17.51
N TYR C 75 -3.43 -42.09 17.45
CA TYR C 75 -3.83 -43.04 18.48
C TYR C 75 -3.26 -44.44 18.53
N ARG C 76 -3.05 -45.03 17.34
CA ARG C 76 -2.46 -46.41 17.27
C ARG C 76 -1.07 -46.36 17.94
N HIS C 77 -0.30 -45.31 17.62
CA HIS C 77 0.90 -45.03 18.48
C HIS C 77 0.71 -44.15 19.75
N LYS C 78 -0.08 -44.66 20.71
CA LYS C 78 -0.25 -43.93 21.99
C LYS C 78 1.09 -44.05 22.72
N PRO C 79 1.65 -42.97 23.31
CA PRO C 79 2.97 -43.06 23.92
C PRO C 79 3.06 -44.09 25.04
N GLN C 80 4.08 -44.95 24.99
CA GLN C 80 4.29 -45.94 26.08
C GLN C 80 5.36 -45.32 26.98
N GLN C 81 4.99 -44.86 28.17
CA GLN C 81 5.99 -44.13 28.97
C GLN C 81 6.82 -45.08 29.83
N GLU C 82 8.13 -44.83 29.93
CA GLU C 82 8.91 -45.58 30.91
C GLU C 82 8.29 -45.34 32.28
N ALA C 83 8.46 -46.31 33.18
CA ALA C 83 7.94 -46.25 34.54
C ALA C 83 8.09 -44.92 35.28
N GLY C 84 9.23 -44.25 35.13
CA GLY C 84 9.44 -42.96 35.76
C GLY C 84 10.02 -41.88 34.89
N ARG C 85 10.17 -42.10 33.59
CA ARG C 85 10.80 -41.09 32.76
C ARG C 85 9.76 -40.40 31.88
N PRO C 86 10.11 -39.27 31.27
CA PRO C 86 9.20 -38.59 30.35
C PRO C 86 8.71 -39.55 29.28
N PRO C 87 7.42 -39.49 28.93
CA PRO C 87 6.87 -40.46 27.98
C PRO C 87 7.41 -40.20 26.58
N THR C 88 7.90 -41.26 25.95
CA THR C 88 8.38 -41.15 24.58
C THR C 88 7.17 -41.04 23.65
N VAL C 89 6.82 -39.83 23.28
CA VAL C 89 5.69 -39.58 22.39
C VAL C 89 6.20 -39.60 20.96
N PRO C 90 6.01 -40.67 20.21
CA PRO C 90 6.58 -40.73 18.86
C PRO C 90 5.94 -39.75 17.89
N VAL C 91 4.63 -39.59 17.93
CA VAL C 91 3.90 -38.73 17.01
C VAL C 91 3.20 -37.65 17.82
N VAL C 92 3.36 -36.41 17.40
CA VAL C 92 2.74 -35.26 18.05
C VAL C 92 1.82 -34.59 17.04
N TYR C 93 0.55 -34.44 17.41
CA TYR C 93 -0.45 -33.85 16.54
C TYR C 93 -0.97 -32.58 17.18
N ILE C 94 -0.93 -31.47 16.44
CA ILE C 94 -1.43 -30.19 16.92
C ILE C 94 -2.11 -29.65 15.68
N ARG C 95 -3.16 -28.87 15.93
CA ARG C 95 -3.88 -28.16 14.85
C ARG C 95 -3.98 -26.72 15.32
N PRO C 96 -3.01 -25.83 15.00
CA PRO C 96 -2.98 -24.46 15.54
C PRO C 96 -4.22 -23.58 15.37
N HIS C 97 -4.38 -22.56 16.22
CA HIS C 97 -5.48 -21.64 16.05
C HIS C 97 -5.17 -20.62 14.96
N GLN C 98 -6.18 -19.81 14.65
CA GLN C 98 -6.05 -18.87 13.54
C GLN C 98 -4.90 -17.90 13.75
N LYS C 99 -4.09 -17.73 12.72
CA LYS C 99 -2.87 -16.92 12.77
C LYS C 99 -2.04 -17.28 14.00
N CYS C 100 -1.61 -18.53 14.03
CA CYS C 100 -0.74 -19.03 15.10
C CYS C 100 0.63 -18.40 14.94
N GLY C 101 1.02 -17.57 15.89
CA GLY C 101 2.35 -17.04 15.90
C GLY C 101 3.34 -18.07 16.41
N PRO C 102 4.63 -17.70 16.39
CA PRO C 102 5.65 -18.63 16.87
C PRO C 102 5.49 -18.99 18.34
N LYS C 103 5.08 -18.04 19.17
CA LYS C 103 4.83 -18.35 20.57
C LYS C 103 3.71 -19.35 20.71
N ASP C 104 2.63 -19.17 19.94
CA ASP C 104 1.45 -20.00 20.12
C ASP C 104 1.72 -21.43 19.69
N LEU C 105 2.48 -21.60 18.60
CA LEU C 105 2.85 -22.94 18.16
C LEU C 105 3.63 -23.67 19.23
N PHE C 106 4.57 -22.98 19.87
CA PHE C 106 5.35 -23.62 20.92
C PHE C 106 4.47 -23.96 22.10
N LYS C 107 3.54 -23.07 22.44
CA LYS C 107 2.62 -23.39 23.52
C LYS C 107 1.85 -24.67 23.22
N LYS C 108 1.34 -24.78 21.99
CA LYS C 108 0.57 -25.97 21.64
C LYS C 108 1.44 -27.23 21.65
N ILE C 109 2.66 -27.13 21.13
CA ILE C 109 3.54 -28.30 21.09
C ILE C 109 3.84 -28.76 22.50
N THR C 110 4.34 -27.85 23.35
CA THR C 110 4.73 -28.27 24.69
C THR C 110 3.53 -28.57 25.56
N GLU C 111 2.34 -28.15 25.14
CA GLU C 111 1.13 -28.56 25.83
C GLU C 111 0.78 -30.00 25.50
N TYR C 112 0.81 -30.35 24.21
CA TYR C 112 0.50 -31.72 23.83
C TYR C 112 1.44 -32.70 24.50
N LEU C 113 2.69 -32.31 24.72
CA LEU C 113 3.62 -33.17 25.43
C LEU C 113 3.37 -33.15 26.93
N LYS C 114 2.38 -32.40 27.40
CA LYS C 114 1.98 -32.38 28.79
C LYS C 114 3.07 -31.79 29.68
N TYR C 115 3.65 -30.67 29.23
CA TYR C 115 4.54 -29.84 30.04
C TYR C 115 3.89 -28.48 30.10
N ARG C 116 3.43 -28.06 31.27
CA ARG C 116 2.80 -26.75 31.33
C ARG C 116 3.83 -25.66 31.12
N VAL C 117 3.41 -24.57 30.50
CA VAL C 117 4.31 -23.52 30.07
C VAL C 117 4.66 -22.66 31.26
N THR C 118 5.92 -22.27 31.38
CA THR C 118 6.32 -21.26 32.34
C THR C 118 6.42 -19.93 31.60
N LYS C 119 5.80 -18.89 32.16
CA LYS C 119 5.65 -17.62 31.45
C LYS C 119 7.00 -17.05 31.08
N GLY C 120 7.16 -16.67 29.82
CA GLY C 120 8.42 -16.14 29.36
C GLY C 120 8.33 -15.51 27.99
N THR C 121 9.50 -15.19 27.46
CA THR C 121 9.65 -14.56 26.16
C THR C 121 9.67 -15.62 25.05
N VAL C 122 9.40 -15.18 23.83
CA VAL C 122 9.31 -16.11 22.70
C VAL C 122 10.53 -17.01 22.64
N SER C 123 11.70 -16.46 22.92
CA SER C 123 12.93 -17.25 22.92
C SER C 123 12.91 -18.33 23.98
N ASP C 124 12.39 -18.00 25.16
CA ASP C 124 12.33 -18.99 26.24
C ASP C 124 11.42 -20.13 25.87
N PHE C 125 10.28 -19.82 25.26
CA PHE C 125 9.37 -20.86 24.77
C PHE C 125 10.06 -21.72 23.74
N ARG C 126 10.79 -21.11 22.81
CA ARG C 126 11.49 -21.88 21.79
C ARG C 126 12.48 -22.84 22.43
N ASP C 127 13.28 -22.34 23.37
CA ASP C 127 14.28 -23.18 24.01
C ASP C 127 13.64 -24.33 24.77
N ARG C 128 12.60 -24.06 25.53
CA ARG C 128 11.93 -25.13 26.28
C ARG C 128 11.28 -26.13 25.34
N THR C 129 10.73 -25.65 24.22
CA THR C 129 10.08 -26.56 23.29
C THR C 129 11.09 -27.51 22.68
N ILE C 130 12.25 -26.98 22.28
CA ILE C 130 13.34 -27.85 21.73
C ILE C 130 13.74 -28.86 22.80
N GLU C 131 13.86 -28.41 24.07
CA GLU C 131 14.33 -29.31 25.15
C GLU C 131 13.35 -30.46 25.39
N VAL C 132 12.04 -30.19 25.40
CA VAL C 132 11.05 -31.26 25.72
C VAL C 132 10.76 -32.05 24.44
N LEU C 133 11.09 -31.47 23.28
CA LEU C 133 10.86 -32.14 22.02
C LEU C 133 11.96 -33.14 21.73
N LYS C 134 13.17 -32.86 22.19
CA LYS C 134 14.23 -33.87 22.12
C LYS C 134 14.10 -34.86 23.27
N GLY C 135 13.50 -34.43 24.38
CA GLY C 135 13.40 -35.31 25.53
C GLY C 135 12.38 -36.42 25.32
N CYS C 136 11.20 -36.06 24.80
CA CYS C 136 10.14 -37.03 24.58
C CYS C 136 10.35 -37.85 23.33
N GLY C 137 11.53 -37.76 22.71
CA GLY C 137 11.84 -38.55 21.53
C GLY C 137 10.81 -38.46 20.43
N VAL C 138 10.29 -37.27 20.17
CA VAL C 138 9.28 -37.09 19.15
C VAL C 138 9.87 -37.45 17.79
N GLU C 139 9.11 -38.20 17.00
CA GLU C 139 9.53 -38.57 15.67
C GLU C 139 8.79 -37.85 14.57
N MET C 140 7.55 -37.45 14.79
CA MET C 140 6.73 -36.83 13.76
C MET C 140 5.85 -35.78 14.40
N LEU C 141 5.74 -34.64 13.73
CA LEU C 141 4.96 -33.50 14.21
C LEU C 141 3.92 -33.18 13.16
N ILE C 142 2.69 -33.68 13.38
CA ILE C 142 1.58 -33.47 12.39
C ILE C 142 0.88 -32.15 12.68
N ILE C 143 1.14 -31.12 11.86
CA ILE C 143 0.45 -29.80 12.04
C ILE C 143 -0.83 -29.83 11.20
N ASP C 144 -1.98 -30.14 11.83
CA ASP C 144 -3.24 -30.12 11.10
C ASP C 144 -3.71 -28.69 10.89
N GLU C 145 -4.42 -28.47 9.80
CA GLU C 145 -4.87 -27.14 9.40
C GLU C 145 -3.68 -26.18 9.39
N ALA C 146 -2.65 -26.58 8.66
CA ALA C 146 -1.40 -25.84 8.63
C ALA C 146 -1.42 -24.70 7.63
N ASP C 147 -2.59 -24.28 7.18
CA ASP C 147 -2.70 -23.02 6.45
C ASP C 147 -3.02 -21.87 7.37
N ARG C 148 -3.18 -22.14 8.68
CA ARG C 148 -3.53 -21.08 9.61
C ARG C 148 -2.30 -20.31 10.07
N LEU C 149 -1.23 -21.02 10.42
CA LEU C 149 -0.10 -20.38 11.08
C LEU C 149 0.58 -19.40 10.14
N LYS C 150 1.10 -18.32 10.72
CA LYS C 150 1.59 -17.16 9.99
C LYS C 150 2.86 -17.51 9.24
N PRO C 151 3.22 -16.72 8.22
CA PRO C 151 4.45 -17.02 7.48
C PRO C 151 5.70 -16.95 8.34
N GLU C 152 5.67 -16.20 9.43
CA GLU C 152 6.86 -16.03 10.24
C GLU C 152 7.05 -17.15 11.25
N THR C 153 6.18 -18.17 11.24
CA THR C 153 6.40 -19.36 12.04
C THR C 153 6.75 -20.59 11.22
N PHE C 154 6.60 -20.51 9.90
CA PHE C 154 7.18 -21.54 9.06
C PHE C 154 8.68 -21.57 9.22
N ALA C 155 9.30 -20.44 9.55
CA ALA C 155 10.71 -20.44 9.87
C ALA C 155 10.99 -21.34 11.07
N ASP C 156 10.14 -21.29 12.09
CA ASP C 156 10.42 -22.10 13.27
C ASP C 156 10.10 -23.56 13.02
N VAL C 157 9.09 -23.86 12.21
CA VAL C 157 8.82 -25.27 11.93
C VAL C 157 9.95 -25.77 11.03
N ARG C 158 10.47 -24.87 10.18
CA ARG C 158 11.63 -25.28 9.35
C ARG C 158 12.75 -25.58 10.33
N ASP C 159 12.98 -24.70 11.31
CA ASP C 159 14.04 -24.90 12.29
C ASP C 159 13.96 -26.22 13.03
N ILE C 160 12.77 -26.56 13.51
CA ILE C 160 12.51 -27.82 14.19
C ILE C 160 12.91 -28.98 13.29
N ALA C 161 12.36 -29.01 12.08
CA ALA C 161 12.62 -30.11 11.16
C ALA C 161 14.12 -30.03 10.86
N GLU C 162 14.67 -28.82 10.74
CA GLU C 162 16.10 -28.69 10.33
C GLU C 162 17.05 -29.26 11.38
N ASP C 163 16.77 -29.05 12.66
CA ASP C 163 17.76 -29.44 13.70
C ASP C 163 17.42 -30.75 14.42
N LEU C 164 16.15 -30.99 14.77
CA LEU C 164 15.85 -32.15 15.59
C LEU C 164 15.68 -33.42 14.77
N GLY C 165 15.70 -33.28 13.45
CA GLY C 165 15.46 -34.44 12.59
C GLY C 165 14.07 -34.97 12.89
N ILE C 166 13.05 -34.13 12.76
CA ILE C 166 11.65 -34.54 13.07
C ILE C 166 10.82 -34.39 11.79
N ALA C 167 10.07 -35.43 11.43
CA ALA C 167 9.28 -35.39 10.20
C ALA C 167 8.06 -34.53 10.46
N VAL C 168 8.04 -33.33 9.90
CA VAL C 168 6.92 -32.42 10.06
C VAL C 168 5.96 -32.64 8.91
N VAL C 169 4.72 -33.00 9.22
CA VAL C 169 3.70 -33.30 8.22
C VAL C 169 2.65 -32.19 8.30
N LEU C 170 2.63 -31.32 7.32
CA LEU C 170 1.64 -30.24 7.28
C LEU C 170 0.38 -30.75 6.61
N VAL C 171 -0.73 -30.74 7.32
CA VAL C 171 -2.03 -31.11 6.76
C VAL C 171 -2.77 -29.84 6.42
N GLY C 172 -3.61 -29.87 5.39
CA GLY C 172 -4.42 -28.66 5.12
C GLY C 172 -5.23 -28.72 3.85
N THR C 173 -6.15 -27.76 3.68
CA THR C 173 -6.97 -27.68 2.44
C THR C 173 -5.96 -27.30 1.37
N ASP C 174 -6.38 -27.30 0.09
CA ASP C 174 -5.48 -26.90 -1.03
C ASP C 174 -4.93 -25.48 -0.79
N ARG C 175 -5.61 -24.69 0.06
CA ARG C 175 -5.18 -23.32 0.31
C ARG C 175 -3.79 -23.38 0.91
N LEU C 176 -3.51 -24.42 1.70
CA LEU C 176 -2.16 -24.61 2.23
C LEU C 176 -1.03 -24.63 1.20
N ASP C 177 -1.29 -25.20 0.03
CA ASP C 177 -0.29 -25.22 -1.03
C ASP C 177 0.09 -23.82 -1.53
N ALA C 178 -0.91 -22.97 -1.72
CA ALA C 178 -0.63 -21.60 -2.12
C ALA C 178 0.05 -20.92 -0.94
N VAL C 179 -0.36 -21.26 0.28
CA VAL C 179 0.25 -20.64 1.45
C VAL C 179 1.73 -20.93 1.51
N ILE C 180 2.13 -22.17 1.18
CA ILE C 180 3.55 -22.45 1.14
C ILE C 180 4.17 -21.98 -0.16
N LYS C 181 3.41 -21.91 -1.25
CA LYS C 181 3.96 -21.42 -2.50
C LYS C 181 4.55 -20.03 -2.57
N ARG C 182 3.92 -19.05 -1.91
CA ARG C 182 4.52 -17.71 -1.87
C ARG C 182 5.81 -17.52 -0.98
N ASP C 183 5.96 -18.52 -0.11
CA ASP C 183 7.20 -18.57 0.71
C ASP C 183 8.12 -19.43 -0.13
N GLU C 184 9.41 -19.43 0.17
CA GLU C 184 10.37 -20.15 -0.65
C GLU C 184 10.97 -21.49 -0.25
N GLN C 185 11.27 -21.72 1.03
CA GLN C 185 12.01 -22.90 1.40
C GLN C 185 10.94 -23.89 1.87
N VAL C 186 9.88 -23.37 2.46
CA VAL C 186 8.82 -24.23 3.00
C VAL C 186 8.36 -25.03 1.80
N LEU C 187 8.14 -24.36 0.67
CA LEU C 187 7.80 -25.08 -0.54
C LEU C 187 8.79 -26.13 -1.01
N GLU C 188 10.08 -25.81 -0.87
CA GLU C 188 11.15 -26.79 -1.22
C GLU C 188 11.25 -27.98 -0.21
N ARG C 189 11.33 -27.63 1.08
CA ARG C 189 11.32 -28.63 2.17
C ARG C 189 10.11 -29.57 2.29
N PHE C 190 8.91 -29.02 2.08
CA PHE C 190 7.67 -29.83 2.16
C PHE C 190 7.14 -30.05 0.74
N ARG C 191 7.71 -31.02 0.03
CA ARG C 191 7.33 -31.28 -1.34
C ARG C 191 6.79 -32.67 -1.60
N ALA C 192 7.08 -33.64 -0.74
CA ALA C 192 6.42 -34.92 -0.84
C ALA C 192 4.99 -34.75 -0.34
N HIS C 193 4.03 -35.28 -1.09
CA HIS C 193 2.65 -35.02 -0.73
C HIS C 193 1.78 -36.23 -1.03
N LEU C 194 0.56 -36.19 -0.48
CA LEU C 194 -0.38 -37.29 -0.62
C LEU C 194 -1.78 -36.69 -0.66
N ARG C 195 -2.35 -36.61 -1.87
CA ARG C 195 -3.68 -35.98 -2.04
C ARG C 195 -4.78 -36.89 -1.49
N PHE C 196 -5.76 -36.34 -0.78
CA PHE C 196 -6.88 -37.21 -0.32
C PHE C 196 -7.76 -37.61 -1.51
N GLY C 197 -8.17 -38.88 -1.56
CA GLY C 197 -8.93 -39.38 -2.73
C GLY C 197 -10.30 -38.77 -2.58
N LYS C 198 -11.04 -38.67 -3.70
CA LYS C 198 -12.46 -38.20 -3.65
C LYS C 198 -13.32 -39.42 -3.30
N LEU C 199 -12.85 -40.65 -3.63
CA LEU C 199 -13.51 -41.93 -3.24
C LEU C 199 -14.63 -42.37 -4.20
N SER C 200 -14.96 -41.59 -5.24
CA SER C 200 -16.13 -41.91 -6.10
C SER C 200 -15.94 -43.22 -6.90
N GLY C 201 -17.00 -44.01 -7.07
CA GLY C 201 -16.96 -45.25 -7.88
C GLY C 201 -17.45 -46.46 -7.11
N GLU C 202 -17.06 -47.69 -7.52
CA GLU C 202 -17.42 -48.89 -6.72
C GLU C 202 -16.95 -48.81 -5.28
N ASP C 203 -15.71 -48.36 -5.05
CA ASP C 203 -15.19 -48.17 -3.66
C ASP C 203 -16.13 -47.27 -2.83
N PHE C 204 -16.84 -46.35 -3.50
CA PHE C 204 -17.73 -45.41 -2.77
C PHE C 204 -18.90 -46.32 -2.38
N LYS C 205 -19.34 -47.19 -3.30
CA LYS C 205 -20.50 -48.09 -3.03
C LYS C 205 -20.19 -48.94 -1.79
N ASN C 206 -18.99 -49.53 -1.73
CA ASN C 206 -18.58 -50.28 -0.52
C ASN C 206 -18.70 -49.42 0.75
N THR C 207 -18.06 -48.25 0.74
CA THR C 207 -18.12 -47.34 1.89
C THR C 207 -19.56 -47.16 2.34
N VAL C 208 -20.48 -46.99 1.39
CA VAL C 208 -21.86 -46.72 1.75
C VAL C 208 -22.31 -47.89 2.63
N GLU C 209 -22.19 -49.11 2.12
CA GLU C 209 -22.64 -50.23 2.95
C GLU C 209 -21.84 -50.41 4.27
N MET C 210 -20.53 -50.18 4.15
CA MET C 210 -19.73 -50.10 5.37
C MET C 210 -20.17 -49.14 6.47
N TRP C 211 -20.88 -48.09 6.10
CA TRP C 211 -21.42 -47.17 7.10
C TRP C 211 -22.67 -47.72 7.75
N GLU C 212 -23.43 -48.51 7.02
CA GLU C 212 -24.64 -49.15 7.52
C GLU C 212 -24.32 -50.07 8.69
N GLN C 213 -23.29 -50.90 8.54
CA GLN C 213 -23.03 -51.93 9.54
C GLN C 213 -22.21 -51.37 10.68
N MET C 214 -21.14 -50.66 10.34
CA MET C 214 -20.17 -50.23 11.33
C MET C 214 -20.73 -49.12 12.22
N VAL C 215 -21.22 -48.04 11.61
CA VAL C 215 -21.51 -46.81 12.33
C VAL C 215 -22.99 -46.69 12.67
N LEU C 216 -23.85 -47.06 11.71
CA LEU C 216 -25.32 -46.92 11.93
C LEU C 216 -25.79 -47.92 13.00
N LYS C 217 -25.23 -49.14 13.02
CA LYS C 217 -25.52 -50.12 14.11
C LYS C 217 -27.03 -50.35 14.35
N LEU C 218 -27.81 -50.63 13.30
CA LEU C 218 -29.28 -50.79 13.47
C LEU C 218 -29.69 -52.26 13.30
N PRO C 219 -30.86 -52.79 13.78
CA PRO C 219 -31.23 -54.17 13.46
C PRO C 219 -31.28 -54.24 11.93
N VAL C 220 -30.79 -55.35 11.34
CA VAL C 220 -30.71 -55.39 9.85
C VAL C 220 -32.10 -55.13 9.28
N SER C 221 -32.19 -54.17 8.34
CA SER C 221 -33.50 -53.81 7.74
C SER C 221 -33.55 -54.27 6.29
N SER C 222 -32.52 -55.01 5.85
CA SER C 222 -32.42 -55.47 4.44
C SER C 222 -32.45 -54.27 3.49
N ASN C 223 -31.99 -53.11 3.95
CA ASN C 223 -31.92 -51.92 3.06
C ASN C 223 -30.87 -52.24 1.99
N LEU C 224 -29.62 -52.51 2.41
CA LEU C 224 -28.53 -52.94 1.48
C LEU C 224 -28.10 -51.79 0.57
N LYS C 225 -28.51 -50.55 0.86
CA LYS C 225 -28.04 -49.38 0.06
C LYS C 225 -28.21 -49.66 -1.44
N SER C 226 -29.44 -49.97 -1.87
CA SER C 226 -29.70 -50.37 -3.29
C SER C 226 -29.44 -49.20 -4.26
N LYS C 227 -29.24 -49.49 -5.54
CA LYS C 227 -28.92 -48.45 -6.56
C LYS C 227 -29.74 -47.16 -6.35
N GLU C 228 -31.00 -47.26 -5.95
CA GLU C 228 -31.79 -46.03 -5.62
C GLU C 228 -31.09 -45.23 -4.52
N MET C 229 -30.80 -45.82 -3.36
CA MET C 229 -30.23 -45.07 -2.24
C MET C 229 -28.85 -44.64 -2.69
N LEU C 230 -28.20 -45.44 -3.53
CA LEU C 230 -26.88 -45.09 -3.99
C LEU C 230 -26.92 -43.90 -4.93
N ARG C 231 -27.90 -43.86 -5.83
CA ARG C 231 -28.07 -42.68 -6.68
C ARG C 231 -28.33 -41.45 -5.82
N ILE C 232 -29.18 -41.60 -4.81
CA ILE C 232 -29.46 -40.48 -3.92
C ILE C 232 -28.18 -40.00 -3.26
N LEU C 233 -27.38 -40.92 -2.73
CA LEU C 233 -26.20 -40.53 -1.97
C LEU C 233 -25.09 -40.02 -2.86
N THR C 234 -24.95 -40.58 -4.07
CA THR C 234 -23.97 -40.06 -5.00
C THR C 234 -24.49 -38.69 -5.41
N SER C 235 -25.79 -38.59 -5.59
CA SER C 235 -26.38 -37.29 -5.94
C SER C 235 -26.14 -36.22 -4.85
N ALA C 236 -26.28 -36.65 -3.60
CA ALA C 236 -26.17 -35.70 -2.49
C ALA C 236 -24.78 -35.41 -1.93
N THR C 237 -24.02 -36.45 -1.60
CA THR C 237 -22.74 -36.29 -0.92
C THR C 237 -21.63 -35.83 -1.84
N GLU C 238 -21.68 -36.17 -3.12
CA GLU C 238 -20.59 -35.93 -4.07
C GLU C 238 -19.30 -36.62 -3.68
N GLY C 239 -19.36 -37.62 -2.81
CA GLY C 239 -18.21 -38.41 -2.45
C GLY C 239 -17.54 -38.01 -1.16
N TYR C 240 -17.79 -36.79 -0.68
CA TYR C 240 -17.19 -36.38 0.58
C TYR C 240 -17.62 -37.29 1.71
N ILE C 241 -16.65 -37.89 2.39
CA ILE C 241 -16.96 -38.69 3.57
C ILE C 241 -17.73 -37.87 4.58
N GLY C 242 -17.35 -36.66 4.75
CA GLY C 242 -18.16 -35.95 5.73
C GLY C 242 -19.57 -36.11 5.27
N ARG C 243 -19.84 -35.65 4.06
CA ARG C 243 -21.25 -35.57 3.60
C ARG C 243 -21.95 -36.92 3.78
N LEU C 244 -21.26 -38.02 3.47
CA LEU C 244 -21.86 -39.36 3.71
C LEU C 244 -22.24 -39.45 5.19
N ASP C 245 -21.35 -39.02 6.09
CA ASP C 245 -21.58 -39.20 7.51
C ASP C 245 -22.70 -38.29 8.00
N GLU C 246 -22.60 -37.01 7.63
CA GLU C 246 -23.62 -36.00 8.07
C GLU C 246 -25.01 -36.46 7.63
N ILE C 247 -25.16 -36.87 6.37
CA ILE C 247 -26.47 -37.24 5.85
C ILE C 247 -27.00 -38.48 6.56
N LEU C 248 -26.16 -39.50 6.70
CA LEU C 248 -26.66 -40.75 7.24
C LEU C 248 -27.05 -40.61 8.70
N ARG C 249 -26.23 -39.91 9.49
CA ARG C 249 -26.61 -39.66 10.88
C ARG C 249 -27.90 -38.88 11.03
N GLU C 250 -28.06 -37.83 10.23
CA GLU C 250 -29.30 -37.04 10.26
C GLU C 250 -30.52 -37.89 9.94
N ALA C 251 -30.41 -38.70 8.89
CA ALA C 251 -31.55 -39.52 8.45
C ALA C 251 -31.86 -40.53 9.54
N ALA C 252 -30.83 -41.13 10.13
CA ALA C 252 -31.05 -42.09 11.20
C ALA C 252 -31.73 -41.43 12.39
N ILE C 253 -31.23 -40.27 12.80
CA ILE C 253 -31.82 -39.58 13.95
C ILE C 253 -33.26 -39.18 13.65
N ARG C 254 -33.51 -38.65 12.46
CA ARG C 254 -34.87 -38.27 12.11
C ARG C 254 -35.80 -39.48 12.16
N SER C 255 -35.40 -40.58 11.54
CA SER C 255 -36.26 -41.76 11.44
C SER C 255 -36.53 -42.35 12.81
N LEU C 256 -35.55 -42.31 13.70
CA LEU C 256 -35.77 -42.85 15.04
C LEU C 256 -36.60 -41.89 15.87
N SER C 257 -36.50 -40.59 15.60
CA SER C 257 -37.31 -39.63 16.34
C SER C 257 -38.77 -39.71 15.94
N ARG C 258 -39.05 -40.00 14.67
CA ARG C 258 -40.43 -40.14 14.24
C ARG C 258 -40.95 -41.56 14.39
N GLY C 259 -40.22 -42.43 15.08
CA GLY C 259 -40.66 -43.78 15.38
C GLY C 259 -40.26 -44.80 14.34
N LEU C 260 -39.89 -44.35 13.14
CA LEU C 260 -39.53 -45.29 12.09
C LEU C 260 -38.33 -46.12 12.52
N LYS C 261 -38.42 -47.43 12.30
CA LYS C 261 -37.40 -48.32 12.84
C LYS C 261 -36.18 -48.36 11.92
N LYS C 262 -36.39 -48.42 10.61
CA LYS C 262 -35.34 -48.19 9.64
C LYS C 262 -35.40 -46.82 8.98
N ILE C 263 -34.50 -46.60 8.00
CA ILE C 263 -34.48 -45.30 7.25
C ILE C 263 -35.35 -45.42 5.99
N ASP C 264 -36.36 -44.56 5.85
CA ASP C 264 -37.26 -44.56 4.66
C ASP C 264 -36.61 -43.80 3.50
N LYS C 265 -37.20 -43.89 2.30
CA LYS C 265 -36.69 -43.08 1.17
C LYS C 265 -37.10 -41.63 1.43
N ALA C 266 -38.19 -41.42 2.17
CA ALA C 266 -38.70 -40.08 2.44
C ALA C 266 -37.65 -39.22 3.14
N VAL C 267 -37.09 -39.74 4.23
CA VAL C 267 -36.15 -38.93 5.01
C VAL C 267 -34.86 -38.75 4.21
N LEU C 268 -34.55 -39.71 3.34
CA LEU C 268 -33.33 -39.57 2.48
C LEU C 268 -33.56 -38.41 1.51
N GLN C 269 -34.73 -38.35 0.86
CA GLN C 269 -35.03 -37.20 0.03
C GLN C 269 -35.02 -35.89 0.81
N GLU C 270 -35.50 -35.94 2.06
CA GLU C 270 -35.46 -34.76 2.92
C GLU C 270 -34.06 -34.21 3.08
N VAL C 271 -33.12 -35.03 3.53
CA VAL C 271 -31.79 -34.49 3.79
C VAL C 271 -31.11 -34.12 2.47
N ALA C 272 -31.42 -34.86 1.41
CA ALA C 272 -30.88 -34.51 0.11
C ALA C 272 -31.29 -33.10 -0.28
N LYS C 273 -32.59 -32.79 -0.24
CA LYS C 273 -32.99 -31.45 -0.59
C LYS C 273 -32.46 -30.36 0.32
N GLU C 274 -32.27 -30.69 1.59
CA GLU C 274 -31.90 -29.66 2.56
C GLU C 274 -30.38 -29.44 2.62
N TYR C 275 -29.69 -30.09 1.69
CA TYR C 275 -28.22 -29.84 1.56
C TYR C 275 -28.14 -29.03 0.26
N LYS C 276 -28.58 -29.64 -0.84
CA LYS C 276 -28.58 -28.94 -2.16
C LYS C 276 -30.02 -28.52 -2.49
N ASP D 17 -59.00 8.87 28.10
CA ASP D 17 -58.99 8.37 26.73
C ASP D 17 -57.68 8.74 26.05
N ASP D 18 -57.22 9.97 26.29
CA ASP D 18 -55.87 10.32 25.85
C ASP D 18 -54.84 9.44 26.55
N GLU D 19 -55.11 9.09 27.80
CA GLU D 19 -54.35 8.04 28.46
C GLU D 19 -54.42 6.74 27.66
N TRP D 20 -55.64 6.36 27.26
CA TRP D 20 -55.82 5.21 26.38
C TRP D 20 -55.10 5.39 25.06
N LEU D 21 -55.08 6.62 24.53
CA LEU D 21 -54.37 6.86 23.28
C LEU D 21 -52.88 6.65 23.44
N GLN D 22 -52.33 7.08 24.57
CA GLN D 22 -50.91 6.82 24.83
C GLN D 22 -50.66 5.33 24.94
N ALA D 23 -51.58 4.60 25.58
CA ALA D 23 -51.46 3.15 25.63
C ALA D 23 -51.43 2.56 24.23
N GLU D 24 -52.32 3.06 23.36
CA GLU D 24 -52.44 2.51 21.98
C GLU D 24 -51.18 2.71 21.15
N ILE D 25 -50.65 3.93 21.11
CA ILE D 25 -49.45 4.21 20.27
C ILE D 25 -48.24 3.44 20.82
N ALA D 26 -48.15 3.32 22.15
CA ALA D 26 -47.01 2.63 22.78
C ALA D 26 -47.14 1.14 22.45
N ARG D 27 -48.36 0.59 22.52
CA ARG D 27 -48.55 -0.83 22.25
C ARG D 27 -48.30 -1.14 20.78
N LEU D 28 -48.76 -0.26 19.89
CA LEU D 28 -48.52 -0.46 18.47
C LEU D 28 -47.05 -0.24 18.14
N LYS D 29 -46.40 0.69 18.85
CA LYS D 29 -44.98 0.92 18.65
C LYS D 29 -44.17 -0.35 18.88
N GLY D 30 -44.36 -1.01 20.03
CA GLY D 30 -43.63 -2.23 20.31
C GLY D 30 -44.16 -3.38 19.46
N LYS D 31 -43.23 -4.28 19.15
CA LYS D 31 -43.57 -5.40 18.25
C LYS D 31 -44.03 -6.63 19.02
N SER D 32 -44.69 -7.55 18.35
CA SER D 32 -45.23 -8.76 18.93
C SER D 32 -44.67 -9.94 18.15
N ILE D 33 -45.00 -11.14 18.59
CA ILE D 33 -44.60 -12.37 17.90
C ILE D 33 -45.86 -13.16 17.56
N VAL D 34 -46.35 -12.99 16.34
CA VAL D 34 -47.55 -13.70 15.92
C VAL D 34 -47.11 -15.04 15.30
N PRO D 35 -47.50 -16.15 15.88
CA PRO D 35 -46.95 -17.44 15.45
C PRO D 35 -47.57 -17.94 14.16
N LEU D 36 -46.75 -18.06 13.12
CA LEU D 36 -47.21 -18.57 11.83
C LEU D 36 -46.28 -19.69 11.35
N GLN D 37 -46.64 -20.26 10.20
CA GLN D 37 -46.03 -21.51 9.76
C GLN D 37 -44.52 -21.41 9.65
N GLN D 38 -44.01 -20.22 9.35
CA GLN D 38 -42.58 -20.06 9.14
C GLN D 38 -41.80 -20.39 10.40
N VAL D 39 -42.18 -19.77 11.53
CA VAL D 39 -41.42 -19.95 12.76
C VAL D 39 -41.59 -21.37 13.27
N LYS D 40 -42.73 -21.98 12.99
CA LYS D 40 -42.96 -23.35 13.45
C LYS D 40 -42.07 -24.32 12.69
N THR D 41 -41.97 -24.13 11.38
CA THR D 41 -41.06 -24.95 10.60
C THR D 41 -39.63 -24.75 11.05
N LEU D 42 -39.25 -23.50 11.33
CA LEU D 42 -37.90 -23.24 11.79
C LEU D 42 -37.58 -23.92 13.11
N HIS D 43 -38.52 -23.86 14.06
CA HIS D 43 -38.31 -24.49 15.39
C HIS D 43 -38.16 -26.00 15.19
N ASP D 44 -39.03 -26.61 14.37
CA ASP D 44 -38.96 -28.05 14.17
C ASP D 44 -37.59 -28.39 13.58
N TRP D 45 -37.18 -27.62 12.57
CA TRP D 45 -35.88 -27.85 11.93
C TRP D 45 -34.75 -27.72 12.94
N LEU D 46 -34.80 -26.68 13.78
CA LEU D 46 -33.71 -26.45 14.72
C LEU D 46 -33.71 -27.50 15.81
N ASP D 47 -34.88 -27.98 16.23
CA ASP D 47 -34.91 -29.09 17.16
C ASP D 47 -34.25 -30.32 16.54
N GLY D 48 -34.58 -30.61 15.28
CA GLY D 48 -33.95 -31.73 14.61
C GLY D 48 -32.44 -31.60 14.57
N LYS D 49 -31.95 -30.41 14.24
CA LYS D 49 -30.50 -30.21 14.20
C LYS D 49 -29.88 -30.30 15.59
N ARG D 50 -30.57 -29.82 16.61
CA ARG D 50 -29.97 -29.75 17.93
C ARG D 50 -29.92 -31.13 18.60
N LYS D 51 -30.92 -31.96 18.36
CA LYS D 51 -30.87 -33.32 18.86
C LYS D 51 -29.69 -34.07 18.27
N ALA D 52 -29.24 -33.66 17.09
CA ALA D 52 -28.17 -34.33 16.38
C ALA D 52 -26.86 -33.57 16.44
N ARG D 53 -26.80 -32.47 17.19
CA ARG D 53 -25.57 -31.61 17.25
C ARG D 53 -25.11 -31.38 15.82
N LYS D 54 -26.01 -30.87 14.97
CA LYS D 54 -25.76 -30.68 13.55
C LYS D 54 -25.73 -29.19 13.26
N SER D 55 -24.67 -28.74 12.60
CA SER D 55 -24.50 -27.33 12.29
C SER D 55 -25.13 -27.07 10.93
N CYS D 56 -26.12 -26.19 10.89
CA CYS D 56 -26.76 -25.84 9.64
C CYS D 56 -26.61 -24.35 9.43
N ARG D 57 -27.16 -23.83 8.35
CA ARG D 57 -27.20 -22.39 8.14
C ARG D 57 -28.59 -22.10 7.61
N VAL D 58 -29.31 -21.21 8.27
CA VAL D 58 -30.71 -21.02 7.93
C VAL D 58 -30.73 -19.70 7.18
N VAL D 59 -30.68 -19.77 5.86
CA VAL D 59 -30.52 -18.57 5.05
C VAL D 59 -31.93 -18.13 4.66
N GLY D 60 -32.02 -16.91 4.14
CA GLY D 60 -33.29 -16.38 3.73
C GLY D 60 -33.13 -15.00 3.17
N GLU D 61 -34.25 -14.37 2.86
CA GLU D 61 -34.23 -13.04 2.31
C GLU D 61 -34.08 -12.03 3.44
N SER D 62 -34.12 -10.75 3.11
CA SER D 62 -33.95 -9.69 4.09
C SER D 62 -35.37 -9.17 4.29
N ARG D 63 -35.66 -8.65 5.50
CA ARG D 63 -37.03 -8.15 5.88
C ARG D 63 -38.05 -9.28 5.76
N THR D 64 -37.71 -10.45 6.26
CA THR D 64 -38.55 -11.64 6.18
C THR D 64 -38.91 -12.49 7.39
N GLY D 65 -38.35 -12.20 8.56
CA GLY D 65 -38.77 -12.88 9.77
C GLY D 65 -37.81 -13.93 10.27
N LYS D 66 -36.51 -13.71 10.07
CA LYS D 66 -35.53 -14.69 10.53
C LYS D 66 -35.10 -14.42 11.97
N THR D 67 -34.72 -13.19 12.26
CA THR D 67 -34.26 -12.85 13.60
C THR D 67 -35.34 -13.09 14.63
N VAL D 68 -36.58 -12.74 14.30
CA VAL D 68 -37.68 -12.94 15.23
C VAL D 68 -37.90 -14.42 15.50
N ALA D 69 -37.79 -15.24 14.46
CA ALA D 69 -38.00 -16.67 14.65
C ALA D 69 -36.89 -17.27 15.49
N CYS D 70 -35.64 -16.88 15.24
CA CYS D 70 -34.54 -17.37 16.07
C CYS D 70 -34.69 -16.91 17.51
N ASP D 71 -35.18 -15.68 17.71
CA ASP D 71 -35.42 -15.21 19.08
C ASP D 71 -36.51 -16.03 19.76
N ALA D 72 -37.60 -16.29 19.06
CA ALA D 72 -38.66 -17.12 19.63
C ALA D 72 -38.12 -18.49 20.01
N TYR D 73 -37.27 -19.06 19.16
CA TYR D 73 -36.69 -20.35 19.50
C TYR D 73 -35.80 -20.23 20.72
N ARG D 74 -35.13 -19.09 20.86
CA ARG D 74 -34.24 -18.87 22.03
C ARG D 74 -35.10 -18.80 23.31
N TYR D 75 -36.28 -18.18 23.23
CA TYR D 75 -37.11 -18.02 24.42
C TYR D 75 -37.90 -19.19 24.99
N ARG D 76 -38.45 -20.02 24.09
CA ARG D 76 -39.22 -21.22 24.55
C ARG D 76 -38.28 -22.10 25.40
N HIS D 77 -37.05 -22.29 24.92
CA HIS D 77 -36.00 -22.83 25.85
C HIS D 77 -35.20 -21.82 26.73
N LYS D 78 -35.92 -21.16 27.64
CA LYS D 78 -35.22 -20.25 28.60
C LYS D 78 -34.44 -21.14 29.56
N PRO D 79 -33.16 -20.86 29.87
CA PRO D 79 -32.37 -21.78 30.70
C PRO D 79 -32.99 -22.02 32.08
N GLN D 80 -33.09 -23.29 32.47
CA GLN D 80 -33.60 -23.63 33.82
C GLN D 80 -32.35 -23.90 34.66
N GLN D 81 -32.01 -22.98 35.58
CA GLN D 81 -30.72 -23.17 36.28
C GLN D 81 -30.87 -24.04 37.51
N GLU D 82 -29.90 -24.93 37.76
CA GLU D 82 -29.91 -25.63 39.04
C GLU D 82 -29.86 -24.59 40.14
N ALA D 83 -30.40 -24.94 41.30
CA ALA D 83 -30.44 -24.07 42.48
C ALA D 83 -29.17 -23.27 42.79
N GLY D 84 -28.01 -23.89 42.64
CA GLY D 84 -26.75 -23.20 42.87
C GLY D 84 -25.67 -23.38 41.83
N ARG D 85 -25.96 -24.03 40.71
CA ARG D 85 -24.93 -24.29 39.72
C ARG D 85 -25.10 -23.37 38.51
N PRO D 86 -24.09 -23.26 37.67
CA PRO D 86 -24.22 -22.48 36.43
C PRO D 86 -25.44 -22.91 35.64
N PRO D 87 -26.18 -21.95 35.08
CA PRO D 87 -27.41 -22.30 34.38
C PRO D 87 -27.12 -23.04 33.09
N THR D 88 -27.80 -24.17 32.90
CA THR D 88 -27.64 -24.93 31.66
C THR D 88 -28.40 -24.20 30.56
N VAL D 89 -27.67 -23.40 29.78
CA VAL D 89 -28.26 -22.66 28.67
C VAL D 89 -28.20 -23.53 27.42
N PRO D 90 -29.29 -24.15 27.02
CA PRO D 90 -29.22 -25.06 25.88
C PRO D 90 -28.95 -24.36 24.56
N VAL D 91 -29.58 -23.21 24.32
CA VAL D 91 -29.45 -22.48 23.07
C VAL D 91 -28.85 -21.12 23.37
N VAL D 92 -27.82 -20.74 22.63
CA VAL D 92 -27.15 -19.45 22.78
C VAL D 92 -27.30 -18.69 21.48
N TYR D 93 -27.84 -17.48 21.56
CA TYR D 93 -28.09 -16.64 20.40
C TYR D 93 -27.26 -15.38 20.51
N ILE D 94 -26.46 -15.08 19.49
CA ILE D 94 -25.64 -13.89 19.47
C ILE D 94 -25.79 -13.45 18.02
N ARG D 95 -25.73 -12.13 17.84
CA ARG D 95 -25.75 -11.51 16.48
C ARG D 95 -24.56 -10.55 16.47
N PRO D 96 -23.34 -10.99 16.08
CA PRO D 96 -22.14 -10.15 16.17
C PRO D 96 -22.17 -8.76 15.52
N HIS D 97 -21.30 -7.85 15.98
CA HIS D 97 -21.21 -6.55 15.36
C HIS D 97 -20.39 -6.60 14.07
N GLN D 98 -20.37 -5.49 13.36
CA GLN D 98 -19.71 -5.45 12.06
C GLN D 98 -18.23 -5.81 12.16
N LYS D 99 -17.80 -6.71 11.28
CA LYS D 99 -16.45 -7.25 11.29
C LYS D 99 -16.06 -7.72 12.69
N CYS D 100 -16.81 -8.69 13.18
CA CYS D 100 -16.56 -9.30 14.48
C CYS D 100 -15.29 -10.14 14.37
N GLY D 101 -14.24 -9.73 15.08
CA GLY D 101 -13.06 -10.51 15.17
C GLY D 101 -13.22 -11.68 16.13
N PRO D 102 -12.20 -12.51 16.22
CA PRO D 102 -12.29 -13.67 17.12
C PRO D 102 -12.44 -13.27 18.58
N LYS D 103 -11.79 -12.18 18.99
CA LYS D 103 -11.96 -11.71 20.36
C LYS D 103 -13.39 -11.27 20.61
N ASP D 104 -13.98 -10.57 19.64
CA ASP D 104 -15.29 -9.98 19.85
C ASP D 104 -16.36 -11.07 19.94
N LEU D 105 -16.23 -12.10 19.10
CA LEU D 105 -17.16 -13.21 19.16
C LEU D 105 -17.14 -13.88 20.52
N PHE D 106 -15.95 -14.09 21.07
CA PHE D 106 -15.85 -14.71 22.38
C PHE D 106 -16.43 -13.80 23.45
N LYS D 107 -16.20 -12.50 23.33
CA LYS D 107 -16.83 -11.59 24.28
C LYS D 107 -18.33 -11.71 24.24
N LYS D 108 -18.92 -11.75 23.04
CA LYS D 108 -20.37 -11.85 22.95
C LYS D 108 -20.88 -13.18 23.49
N ILE D 109 -20.18 -14.27 23.18
CA ILE D 109 -20.62 -15.58 23.65
C ILE D 109 -20.60 -15.62 25.17
N THR D 110 -19.46 -15.29 25.77
CA THR D 110 -19.35 -15.40 27.21
C THR D 110 -20.15 -14.32 27.91
N GLU D 111 -20.56 -13.28 27.19
CA GLU D 111 -21.48 -12.30 27.75
C GLU D 111 -22.88 -12.86 27.83
N TYR D 112 -23.35 -13.47 26.74
CA TYR D 112 -24.69 -14.04 26.74
C TYR D 112 -24.84 -15.08 27.82
N LEU D 113 -23.76 -15.81 28.12
CA LEU D 113 -23.81 -16.77 29.22
C LEU D 113 -23.71 -16.11 30.57
N LYS D 114 -23.61 -14.78 30.60
CA LYS D 114 -23.59 -14.01 31.84
C LYS D 114 -22.35 -14.31 32.68
N TYR D 115 -21.20 -14.34 32.02
CA TYR D 115 -19.90 -14.38 32.69
C TYR D 115 -19.15 -13.15 32.20
N ARG D 116 -18.90 -12.19 33.10
CA ARG D 116 -18.20 -11.00 32.64
C ARG D 116 -16.77 -11.34 32.30
N VAL D 117 -16.23 -10.65 31.30
CA VAL D 117 -14.93 -10.96 30.74
C VAL D 117 -13.85 -10.42 31.67
N THR D 118 -12.81 -11.20 31.88
CA THR D 118 -11.61 -10.71 32.53
C THR D 118 -10.59 -10.34 31.45
N LYS D 119 -10.04 -9.13 31.55
CA LYS D 119 -9.21 -8.58 30.47
C LYS D 119 -8.03 -9.51 30.18
N GLY D 120 -7.83 -9.83 28.91
CA GLY D 120 -6.76 -10.71 28.54
C GLY D 120 -6.51 -10.75 27.05
N THR D 121 -5.67 -11.68 26.66
CA THR D 121 -5.28 -11.88 25.27
C THR D 121 -6.29 -12.79 24.57
N VAL D 122 -6.28 -12.73 23.23
CA VAL D 122 -7.26 -13.48 22.44
C VAL D 122 -7.30 -14.95 22.87
N SER D 123 -6.13 -15.52 23.17
CA SER D 123 -6.06 -16.91 23.61
C SER D 123 -6.79 -17.10 24.94
N ASP D 124 -6.63 -16.15 25.85
CA ASP D 124 -7.28 -16.27 27.16
C ASP D 124 -8.79 -16.25 27.00
N PHE D 125 -9.29 -15.35 26.13
CA PHE D 125 -10.71 -15.31 25.84
C PHE D 125 -11.19 -16.63 25.25
N ARG D 126 -10.42 -17.19 24.32
CA ARG D 126 -10.80 -18.46 23.73
C ARG D 126 -10.90 -19.54 24.79
N ASP D 127 -9.90 -19.64 25.65
CA ASP D 127 -9.89 -20.66 26.69
C ASP D 127 -11.06 -20.51 27.64
N ARG D 128 -11.33 -19.29 28.10
CA ARG D 128 -12.45 -19.07 29.00
C ARG D 128 -13.78 -19.35 28.30
N THR D 129 -13.89 -19.01 27.02
CA THR D 129 -15.13 -19.25 26.31
C THR D 129 -15.41 -20.74 26.20
N ILE D 130 -14.38 -21.52 25.87
CA ILE D 130 -14.54 -23.00 25.80
C ILE D 130 -14.96 -23.52 27.18
N GLU D 131 -14.34 -22.99 28.25
CA GLU D 131 -14.61 -23.48 29.63
C GLU D 131 -16.06 -23.21 30.04
N VAL D 132 -16.59 -22.01 29.74
CA VAL D 132 -17.98 -21.67 30.18
C VAL D 132 -18.97 -22.25 29.18
N LEU D 133 -18.50 -22.56 27.97
CA LEU D 133 -19.37 -23.12 26.95
C LEU D 133 -19.60 -24.61 27.18
N LYS D 134 -18.59 -25.29 27.74
CA LYS D 134 -18.82 -26.67 28.16
C LYS D 134 -19.50 -26.71 29.51
N GLY D 135 -19.33 -25.68 30.31
CA GLY D 135 -19.92 -25.67 31.65
C GLY D 135 -21.42 -25.48 31.60
N CYS D 136 -21.89 -24.53 30.82
CA CYS D 136 -23.31 -24.24 30.73
C CYS D 136 -24.04 -25.22 29.83
N GLY D 137 -23.40 -26.31 29.42
CA GLY D 137 -24.03 -27.33 28.61
C GLY D 137 -24.73 -26.80 27.38
N VAL D 138 -24.11 -25.86 26.69
CA VAL D 138 -24.71 -25.27 25.50
C VAL D 138 -24.87 -26.36 24.44
N GLU D 139 -26.03 -26.38 23.79
CA GLU D 139 -26.29 -27.32 22.73
C GLU D 139 -26.31 -26.71 21.35
N MET D 140 -26.67 -25.44 21.23
CA MET D 140 -26.81 -24.80 19.94
C MET D 140 -26.36 -23.35 20.05
N LEU D 141 -25.60 -22.88 19.07
CA LEU D 141 -25.06 -21.53 19.04
C LEU D 141 -25.58 -20.85 17.77
N ILE D 142 -26.65 -20.06 17.91
CA ILE D 142 -27.25 -19.38 16.73
C ILE D 142 -26.54 -18.06 16.49
N ILE D 143 -25.70 -17.99 15.45
CA ILE D 143 -25.02 -16.71 15.10
C ILE D 143 -25.90 -15.95 14.10
N ASP D 144 -26.71 -15.00 14.58
CA ASP D 144 -27.53 -14.21 13.68
C ASP D 144 -26.68 -13.17 12.97
N GLU D 145 -27.09 -12.83 11.75
CA GLU D 145 -26.33 -11.92 10.91
C GLU D 145 -24.88 -12.38 10.80
N ALA D 146 -24.72 -13.64 10.42
CA ALA D 146 -23.42 -14.28 10.38
C ALA D 146 -22.67 -13.99 9.09
N ASP D 147 -23.07 -12.97 8.34
CA ASP D 147 -22.24 -12.48 7.26
C ASP D 147 -21.34 -11.35 7.72
N ARG D 148 -21.45 -10.94 8.99
CA ARG D 148 -20.64 -9.83 9.48
C ARG D 148 -19.26 -10.28 9.90
N LEU D 149 -19.16 -11.39 10.63
CA LEU D 149 -17.90 -11.77 11.24
C LEU D 149 -16.86 -12.11 10.17
N LYS D 150 -15.61 -11.79 10.48
CA LYS D 150 -14.51 -11.81 9.53
C LYS D 150 -14.18 -13.24 9.15
N PRO D 151 -13.50 -13.44 8.02
CA PRO D 151 -13.15 -14.82 7.63
C PRO D 151 -12.24 -15.52 8.63
N GLU D 152 -11.48 -14.77 9.41
CA GLU D 152 -10.54 -15.38 10.33
C GLU D 152 -11.18 -15.79 11.64
N THR D 153 -12.49 -15.62 11.80
CA THR D 153 -13.21 -16.15 12.95
C THR D 153 -14.12 -17.32 12.61
N PHE D 154 -14.35 -17.56 11.32
CA PHE D 154 -14.97 -18.82 10.94
C PHE D 154 -14.11 -19.99 11.38
N ALA D 155 -12.80 -19.80 11.44
CA ALA D 155 -11.94 -20.84 11.99
C ALA D 155 -12.32 -21.14 13.43
N ASP D 156 -12.60 -20.11 14.22
CA ASP D 156 -12.91 -20.38 15.63
C ASP D 156 -14.30 -20.96 15.79
N VAL D 157 -15.25 -20.55 14.95
CA VAL D 157 -16.59 -21.14 15.05
C VAL D 157 -16.48 -22.58 14.55
N ARG D 158 -15.59 -22.80 13.58
CA ARG D 158 -15.38 -24.20 13.13
C ARG D 158 -14.83 -24.95 14.33
N ASP D 159 -13.83 -24.37 15.02
CA ASP D 159 -13.24 -25.02 16.18
C ASP D 159 -14.23 -25.40 17.27
N ILE D 160 -15.12 -24.46 17.61
CA ILE D 160 -16.18 -24.69 18.59
C ILE D 160 -17.02 -25.88 18.16
N ALA D 161 -17.55 -25.84 16.95
CA ALA D 161 -18.43 -26.90 16.47
C ALA D 161 -17.54 -28.14 16.42
N GLU D 162 -16.29 -27.98 15.99
CA GLU D 162 -15.39 -29.12 15.89
C GLU D 162 -15.14 -29.92 17.22
N ASP D 163 -14.85 -29.17 18.29
CA ASP D 163 -14.48 -29.84 19.56
C ASP D 163 -15.63 -30.01 20.57
N LEU D 164 -16.54 -29.04 20.73
CA LEU D 164 -17.52 -29.13 21.79
C LEU D 164 -18.77 -29.90 21.39
N GLY D 165 -18.84 -30.27 20.10
CA GLY D 165 -20.06 -30.93 19.60
C GLY D 165 -21.23 -30.00 19.83
N ILE D 166 -21.16 -28.78 19.26
CA ILE D 166 -22.24 -27.78 19.44
C ILE D 166 -22.79 -27.44 18.05
N ALA D 167 -24.13 -27.49 17.90
CA ALA D 167 -24.73 -27.22 16.59
C ALA D 167 -24.70 -25.71 16.36
N VAL D 168 -23.83 -25.27 15.48
CA VAL D 168 -23.72 -23.84 15.16
C VAL D 168 -24.63 -23.55 13.98
N VAL D 169 -25.58 -22.65 14.17
CA VAL D 169 -26.55 -22.29 13.15
C VAL D 169 -26.27 -20.86 12.71
N LEU D 170 -25.72 -20.70 11.51
CA LEU D 170 -25.42 -19.38 10.98
C LEU D 170 -26.67 -18.84 10.28
N VAL D 171 -27.19 -17.72 10.77
CA VAL D 171 -28.31 -17.05 10.14
C VAL D 171 -27.76 -15.91 9.29
N GLY D 172 -28.43 -15.56 8.19
CA GLY D 172 -27.96 -14.39 7.43
C GLY D 172 -28.67 -14.17 6.11
N THR D 173 -28.47 -13.00 5.51
CA THR D 173 -29.06 -12.69 4.19
C THR D 173 -28.34 -13.64 3.23
N ASP D 174 -28.78 -13.71 1.97
CA ASP D 174 -28.12 -14.57 0.95
C ASP D 174 -26.62 -14.21 0.84
N ARG D 175 -26.24 -12.99 1.28
CA ARG D 175 -24.85 -12.57 1.17
C ARG D 175 -24.01 -13.52 2.00
N LEU D 176 -24.56 -14.03 3.09
CA LEU D 176 -23.86 -15.05 3.87
C LEU D 176 -23.38 -16.27 3.11
N ASP D 177 -24.18 -16.72 2.14
CA ASP D 177 -23.79 -17.87 1.34
C ASP D 177 -22.52 -17.62 0.51
N ALA D 178 -22.44 -16.45 -0.10
CA ALA D 178 -21.25 -16.09 -0.85
C ALA D 178 -20.13 -15.92 0.17
N VAL D 179 -20.45 -15.39 1.34
CA VAL D 179 -19.42 -15.18 2.35
C VAL D 179 -18.79 -16.51 2.75
N ILE D 180 -19.60 -17.56 2.89
CA ILE D 180 -19.01 -18.85 3.19
C ILE D 180 -18.48 -19.53 1.93
N LYS D 181 -19.04 -19.21 0.76
CA LYS D 181 -18.52 -19.80 -0.47
C LYS D 181 -17.07 -19.59 -0.86
N ARG D 182 -16.55 -18.38 -0.65
CA ARG D 182 -15.12 -18.15 -0.91
C ARG D 182 -14.09 -18.81 0.08
N ASP D 183 -14.67 -19.17 1.24
CA ASP D 183 -13.88 -19.93 2.23
C ASP D 183 -14.16 -21.38 1.85
N GLU D 184 -13.39 -22.32 2.36
CA GLU D 184 -13.55 -23.71 1.98
C GLU D 184 -14.21 -24.75 2.87
N GLN D 185 -14.02 -24.70 4.19
CA GLN D 185 -14.50 -25.78 5.02
C GLN D 185 -15.83 -25.29 5.58
N VAL D 186 -15.93 -23.99 5.79
CA VAL D 186 -17.13 -23.41 6.37
C VAL D 186 -18.24 -23.81 5.42
N LEU D 187 -17.99 -23.65 4.12
CA LEU D 187 -18.97 -24.13 3.15
C LEU D 187 -19.30 -25.61 3.19
N GLU D 188 -18.29 -26.43 3.44
CA GLU D 188 -18.52 -27.90 3.61
C GLU D 188 -19.27 -28.26 4.93
N ARG D 189 -18.74 -27.76 6.04
CA ARG D 189 -19.38 -27.92 7.37
C ARG D 189 -20.80 -27.38 7.55
N PHE D 190 -21.09 -26.22 6.98
CA PHE D 190 -22.45 -25.60 7.09
C PHE D 190 -23.13 -25.73 5.74
N ARG D 191 -23.70 -26.90 5.47
CA ARG D 191 -24.35 -27.16 4.19
C ARG D 191 -25.81 -27.52 4.29
N ALA D 192 -26.29 -27.99 5.44
CA ALA D 192 -27.72 -28.15 5.61
C ALA D 192 -28.32 -26.75 5.78
N HIS D 193 -29.41 -26.48 5.08
CA HIS D 193 -29.94 -25.13 5.10
C HIS D 193 -31.45 -25.15 5.04
N LEU D 194 -32.03 -23.98 5.33
CA LEU D 194 -33.48 -23.82 5.37
C LEU D 194 -33.81 -22.41 4.91
N ARG D 195 -34.25 -22.29 3.66
CA ARG D 195 -34.54 -20.95 3.07
C ARG D 195 -35.81 -20.37 3.68
N PHE D 196 -35.83 -19.09 4.02
CA PHE D 196 -37.10 -18.49 4.51
C PHE D 196 -38.11 -18.36 3.37
N GLY D 197 -39.38 -18.70 3.62
CA GLY D 197 -40.40 -18.71 2.57
C GLY D 197 -40.67 -17.25 2.27
N LYS D 198 -41.19 -16.95 1.08
CA LYS D 198 -41.62 -15.57 0.73
C LYS D 198 -43.04 -15.40 1.27
N LEU D 199 -43.80 -16.49 1.43
CA LEU D 199 -45.16 -16.51 2.07
C LEU D 199 -46.30 -16.13 1.10
N SER D 200 -46.01 -15.78 -0.15
CA SER D 200 -47.09 -15.30 -1.06
C SER D 200 -48.15 -16.36 -1.38
N GLY D 201 -49.44 -15.96 -1.49
CA GLY D 201 -50.52 -16.88 -1.86
C GLY D 201 -51.66 -16.86 -0.86
N GLU D 202 -52.48 -17.93 -0.81
CA GLU D 202 -53.54 -18.01 0.25
C GLU D 202 -52.97 -17.89 1.66
N ASP D 203 -51.86 -18.58 1.95
CA ASP D 203 -51.20 -18.47 3.28
C ASP D 203 -50.89 -17.00 3.63
N PHE D 204 -50.66 -16.17 2.60
CA PHE D 204 -50.30 -14.74 2.85
C PHE D 204 -51.65 -14.15 3.27
N LYS D 205 -52.74 -14.53 2.60
CA LYS D 205 -54.08 -13.98 2.93
C LYS D 205 -54.40 -14.27 4.41
N ASN D 206 -54.17 -15.51 4.85
CA ASN D 206 -54.36 -15.85 6.29
C ASN D 206 -53.53 -14.92 7.19
N THR D 207 -52.22 -14.82 6.94
CA THR D 207 -51.35 -13.96 7.72
C THR D 207 -51.95 -12.58 7.85
N VAL D 208 -52.50 -12.05 6.75
CA VAL D 208 -53.02 -10.69 6.76
C VAL D 208 -54.07 -10.64 7.86
N GLU D 209 -55.07 -11.53 7.78
CA GLU D 209 -56.10 -11.48 8.82
C GLU D 209 -55.57 -11.80 10.25
N MET D 210 -54.65 -12.77 10.30
CA MET D 210 -53.94 -12.99 11.55
C MET D 210 -53.25 -11.81 12.22
N TRP D 211 -52.87 -10.80 11.43
CA TRP D 211 -52.28 -9.60 12.00
C TRP D 211 -53.35 -8.68 12.56
N GLU D 212 -54.54 -8.69 11.97
CA GLU D 212 -55.66 -7.89 12.43
C GLU D 212 -56.03 -8.25 13.87
N GLN D 213 -56.14 -9.55 14.15
CA GLN D 213 -56.66 -9.97 15.45
C GLN D 213 -55.56 -10.00 16.48
N MET D 214 -54.42 -10.60 16.14
CA MET D 214 -53.37 -10.84 17.10
C MET D 214 -52.66 -9.54 17.50
N VAL D 215 -52.17 -8.80 16.51
CA VAL D 215 -51.23 -7.71 16.76
C VAL D 215 -51.94 -6.36 16.79
N LEU D 216 -52.88 -6.15 15.86
CA LEU D 216 -53.56 -4.83 15.77
C LEU D 216 -54.48 -4.63 16.99
N LYS D 217 -55.13 -5.69 17.48
CA LYS D 217 -55.92 -5.62 18.76
C LYS D 217 -56.94 -4.47 18.78
N LEU D 218 -57.76 -4.31 17.75
CA LEU D 218 -58.71 -3.15 17.70
C LEU D 218 -60.16 -3.63 17.93
N PRO D 219 -61.18 -2.80 18.34
CA PRO D 219 -62.55 -3.32 18.39
C PRO D 219 -62.87 -3.81 16.97
N VAL D 220 -63.58 -4.93 16.84
CA VAL D 220 -63.80 -5.49 15.47
C VAL D 220 -64.47 -4.42 14.61
N SER D 221 -63.91 -4.15 13.43
CA SER D 221 -64.46 -3.10 12.53
C SER D 221 -65.08 -3.77 11.30
N SER D 222 -65.15 -5.10 11.29
CA SER D 222 -65.70 -5.85 10.13
C SER D 222 -64.90 -5.52 8.87
N ASN D 223 -63.62 -5.15 9.03
CA ASN D 223 -62.76 -4.88 7.84
C ASN D 223 -62.58 -6.21 7.12
N LEU D 224 -62.02 -7.22 7.81
CA LEU D 224 -61.88 -8.60 7.26
C LEU D 224 -60.85 -8.65 6.12
N LYS D 225 -60.05 -7.60 5.95
CA LYS D 225 -58.96 -7.62 4.92
C LYS D 225 -59.52 -8.10 3.58
N SER D 226 -60.54 -7.41 3.05
CA SER D 226 -61.22 -7.85 1.80
C SER D 226 -60.30 -7.76 0.59
N LYS D 227 -60.61 -8.48 -0.50
CA LYS D 227 -59.74 -8.52 -1.71
C LYS D 227 -59.15 -7.14 -2.06
N GLU D 228 -59.88 -6.05 -1.86
CA GLU D 228 -59.30 -4.69 -2.06
C GLU D 228 -58.08 -4.49 -1.15
N MET D 229 -58.21 -4.67 0.17
CA MET D 229 -57.11 -4.39 1.08
C MET D 229 -56.04 -5.42 0.76
N LEU D 230 -56.45 -6.61 0.34
CA LEU D 230 -55.47 -7.64 0.02
C LEU D 230 -54.69 -7.29 -1.22
N ARG D 231 -55.36 -6.76 -2.25
CA ARG D 231 -54.64 -6.29 -3.43
C ARG D 231 -53.67 -5.19 -3.05
N ILE D 232 -54.12 -4.26 -2.20
CA ILE D 232 -53.24 -3.20 -1.74
C ILE D 232 -52.00 -3.77 -1.06
N LEU D 233 -52.21 -4.72 -0.14
CA LEU D 233 -51.11 -5.21 0.65
C LEU D 233 -50.19 -6.13 -0.15
N THR D 234 -50.75 -6.90 -1.09
CA THR D 234 -49.92 -7.72 -1.95
C THR D 234 -49.18 -6.74 -2.84
N SER D 235 -49.87 -5.68 -3.26
CA SER D 235 -49.23 -4.67 -4.08
C SER D 235 -48.05 -3.97 -3.35
N ALA D 236 -48.28 -3.69 -2.07
CA ALA D 236 -47.28 -2.95 -1.30
C ALA D 236 -46.16 -3.72 -0.63
N THR D 237 -46.51 -4.78 0.12
CA THR D 237 -45.55 -5.49 0.93
C THR D 237 -44.68 -6.45 0.13
N GLU D 238 -45.18 -6.98 -0.98
CA GLU D 238 -44.52 -8.02 -1.76
C GLU D 238 -44.27 -9.29 -0.95
N GLY D 239 -44.97 -9.48 0.16
CA GLY D 239 -44.89 -10.69 0.93
C GLY D 239 -43.99 -10.61 2.14
N TYR D 240 -43.08 -9.65 2.18
CA TYR D 240 -42.19 -9.52 3.32
C TYR D 240 -43.01 -9.28 4.59
N ILE D 241 -42.83 -10.16 5.57
CA ILE D 241 -43.47 -9.95 6.86
C ILE D 241 -43.08 -8.60 7.43
N GLY D 242 -41.90 -8.18 7.13
CA GLY D 242 -41.53 -6.85 7.60
C GLY D 242 -42.33 -5.75 6.98
N ARG D 243 -42.69 -5.86 5.71
CA ARG D 243 -43.40 -4.72 5.09
C ARG D 243 -44.84 -4.71 5.60
N LEU D 244 -45.39 -5.86 5.99
CA LEU D 244 -46.81 -5.92 6.39
C LEU D 244 -46.78 -5.35 7.78
N ASP D 245 -45.86 -5.82 8.58
CA ASP D 245 -45.91 -5.27 9.93
C ASP D 245 -45.74 -3.76 9.92
N GLU D 246 -44.71 -3.29 9.19
CA GLU D 246 -44.42 -1.84 9.13
C GLU D 246 -45.66 -1.09 8.62
N ILE D 247 -46.26 -1.58 7.53
CA ILE D 247 -47.40 -0.88 6.93
C ILE D 247 -48.58 -0.87 7.88
N LEU D 248 -48.90 -2.01 8.46
CA LEU D 248 -50.11 -2.08 9.27
C LEU D 248 -49.98 -1.24 10.53
N ARG D 249 -48.83 -1.29 11.19
CA ARG D 249 -48.64 -0.43 12.36
C ARG D 249 -48.72 1.06 12.03
N GLU D 250 -48.09 1.47 10.93
CA GLU D 250 -48.17 2.87 10.52
C GLU D 250 -49.60 3.32 10.25
N ALA D 251 -50.36 2.48 9.55
CA ALA D 251 -51.73 2.84 9.19
C ALA D 251 -52.55 2.92 10.46
N ALA D 252 -52.36 1.97 11.37
CA ALA D 252 -53.10 1.99 12.63
C ALA D 252 -52.76 3.25 13.43
N ILE D 253 -51.48 3.57 13.55
CA ILE D 253 -51.08 4.75 14.30
C ILE D 253 -51.63 6.00 13.67
N ARG D 254 -51.53 6.11 12.34
CA ARG D 254 -52.07 7.28 11.66
C ARG D 254 -53.56 7.43 11.91
N SER D 255 -54.31 6.34 11.74
CA SER D 255 -55.76 6.41 11.85
C SER D 255 -56.19 6.76 13.27
N LEU D 256 -55.46 6.26 14.26
CA LEU D 256 -55.81 6.59 15.64
C LEU D 256 -55.37 8.00 15.99
N SER D 257 -54.31 8.50 15.35
CA SER D 257 -53.89 9.87 15.61
C SER D 257 -54.86 10.86 15.01
N ARG D 258 -55.44 10.55 13.86
CA ARG D 258 -56.42 11.45 13.26
C ARG D 258 -57.83 11.19 13.75
N GLY D 259 -58.02 10.38 14.78
CA GLY D 259 -59.30 10.14 15.40
C GLY D 259 -60.06 8.97 14.81
N LEU D 260 -59.67 8.53 13.62
CA LEU D 260 -60.38 7.43 12.97
C LEU D 260 -60.29 6.18 13.83
N LYS D 261 -61.43 5.51 14.01
CA LYS D 261 -61.48 4.41 14.96
C LYS D 261 -60.95 3.12 14.33
N LYS D 262 -61.34 2.85 13.09
CA LYS D 262 -60.69 1.83 12.29
C LYS D 262 -59.73 2.37 11.23
N ILE D 263 -59.20 1.46 10.41
CA ILE D 263 -58.25 1.87 9.32
C ILE D 263 -59.04 2.11 8.03
N ASP D 264 -58.95 3.31 7.46
CA ASP D 264 -59.65 3.66 6.19
C ASP D 264 -58.85 3.16 4.98
N LYS D 265 -59.45 3.21 3.78
CA LYS D 265 -58.68 2.86 2.56
C LYS D 265 -57.70 4.02 2.30
N ALA D 266 -58.04 5.22 2.74
CA ALA D 266 -57.21 6.41 2.49
C ALA D 266 -55.82 6.21 3.07
N VAL D 267 -55.73 5.85 4.35
CA VAL D 267 -54.42 5.75 4.99
C VAL D 267 -53.66 4.56 4.41
N LEU D 268 -54.40 3.54 3.94
CA LEU D 268 -53.72 2.38 3.29
C LEU D 268 -53.08 2.84 1.99
N GLN D 269 -53.79 3.62 1.18
CA GLN D 269 -53.18 4.18 -0.01
C GLN D 269 -52.00 5.09 0.32
N GLU D 270 -52.10 5.84 1.42
CA GLU D 270 -51.01 6.68 1.88
C GLU D 270 -49.73 5.87 2.10
N VAL D 271 -49.79 4.85 2.94
CA VAL D 271 -48.55 4.13 3.25
C VAL D 271 -48.07 3.38 2.02
N ALA D 272 -49.01 2.91 1.19
CA ALA D 272 -48.62 2.25 -0.04
C ALA D 272 -47.78 3.17 -0.90
N LYS D 273 -48.27 4.38 -1.18
CA LYS D 273 -47.47 5.30 -2.00
C LYS D 273 -46.15 5.70 -1.38
N GLU D 274 -46.11 5.78 -0.05
CA GLU D 274 -44.92 6.31 0.61
C GLU D 274 -43.86 5.23 0.85
N TYR D 275 -44.13 4.04 0.30
CA TYR D 275 -43.11 2.95 0.35
C TYR D 275 -42.62 2.91 -1.10
N LYS D 276 -43.53 2.60 -2.02
CA LYS D 276 -43.17 2.54 -3.46
C LYS D 276 -43.70 3.80 -4.15
N ASP E 17 -25.66 56.19 7.73
CA ASP E 17 -26.28 55.51 6.60
C ASP E 17 -25.33 54.46 6.04
N ASP E 18 -24.03 54.79 5.97
CA ASP E 18 -23.04 53.77 5.66
C ASP E 18 -23.03 52.71 6.74
N GLU E 19 -23.26 53.11 7.99
CA GLU E 19 -23.54 52.16 9.05
C GLU E 19 -24.74 51.30 8.69
N TRP E 20 -25.82 51.95 8.24
CA TRP E 20 -27.00 51.23 7.74
C TRP E 20 -26.64 50.34 6.56
N LEU E 21 -25.74 50.80 5.69
CA LEU E 21 -25.35 49.99 4.55
C LEU E 21 -24.61 48.74 4.99
N GLN E 22 -23.76 48.87 6.01
CA GLN E 22 -23.10 47.69 6.55
C GLN E 22 -24.11 46.74 7.16
N ALA E 23 -25.12 47.29 7.84
CA ALA E 23 -26.20 46.45 8.36
C ALA E 23 -26.88 45.69 7.22
N GLU E 24 -27.13 46.40 6.12
CA GLU E 24 -27.89 45.78 4.99
C GLU E 24 -27.12 44.62 4.33
N ILE E 25 -25.84 44.84 4.00
CA ILE E 25 -25.05 43.77 3.30
C ILE E 25 -24.87 42.57 4.25
N ALA E 26 -24.69 42.84 5.55
CA ALA E 26 -24.48 41.76 6.54
C ALA E 26 -25.79 40.99 6.66
N ARG E 27 -26.93 41.69 6.70
CA ARG E 27 -28.21 41.01 6.87
C ARG E 27 -28.56 40.22 5.62
N LEU E 28 -28.26 40.76 4.45
CA LEU E 28 -28.51 40.04 3.20
C LEU E 28 -27.53 38.89 3.06
N LYS E 29 -26.31 39.06 3.54
CA LYS E 29 -25.32 37.99 3.51
C LYS E 29 -25.81 36.75 4.25
N GLY E 30 -26.26 36.91 5.49
CA GLY E 30 -26.76 35.78 6.24
C GLY E 30 -28.12 35.34 5.72
N LYS E 31 -28.35 34.03 5.84
CA LYS E 31 -29.58 33.45 5.29
C LYS E 31 -30.69 33.40 6.34
N SER E 32 -31.93 33.25 5.88
CA SER E 32 -33.10 33.21 6.72
C SER E 32 -33.85 31.91 6.43
N ILE E 33 -34.93 31.69 7.18
CA ILE E 33 -35.77 30.51 6.96
C ILE E 33 -37.19 31.00 6.69
N VAL E 34 -37.55 31.10 5.42
CA VAL E 34 -38.89 31.55 5.05
C VAL E 34 -39.78 30.32 4.96
N PRO E 35 -40.81 30.22 5.78
CA PRO E 35 -41.58 28.98 5.86
C PRO E 35 -42.54 28.81 4.70
N LEU E 36 -42.34 27.78 3.90
CA LEU E 36 -43.21 27.49 2.78
C LEU E 36 -43.64 26.02 2.82
N GLN E 37 -44.49 25.65 1.86
CA GLN E 37 -45.21 24.38 1.93
C GLN E 37 -44.26 23.20 2.03
N GLN E 38 -43.06 23.33 1.45
CA GLN E 38 -42.13 22.20 1.43
C GLN E 38 -41.73 21.80 2.84
N VAL E 39 -41.27 22.76 3.64
CA VAL E 39 -40.78 22.44 4.97
C VAL E 39 -41.92 21.99 5.87
N LYS E 40 -43.12 22.50 5.62
CA LYS E 40 -44.26 22.10 6.43
C LYS E 40 -44.64 20.66 6.16
N THR E 41 -44.64 20.27 4.88
CA THR E 41 -44.89 18.88 4.54
C THR E 41 -43.81 17.98 5.14
N LEU E 42 -42.56 18.42 5.08
CA LEU E 42 -41.48 17.63 5.64
C LEU E 42 -41.62 17.41 7.14
N HIS E 43 -41.97 18.48 7.85
CA HIS E 43 -42.13 18.39 9.33
C HIS E 43 -43.28 17.42 9.64
N ASP E 44 -44.40 17.55 8.91
CA ASP E 44 -45.53 16.67 9.19
C ASP E 44 -45.11 15.23 8.94
N TRP E 45 -44.43 14.99 7.83
CA TRP E 45 -43.94 13.65 7.51
C TRP E 45 -43.01 13.13 8.58
N LEU E 46 -42.08 13.96 9.03
CA LEU E 46 -41.11 13.51 10.03
C LEU E 46 -41.76 13.28 11.38
N ASP E 47 -42.75 14.09 11.72
CA ASP E 47 -43.50 13.81 12.94
C ASP E 47 -44.19 12.46 12.85
N GLY E 48 -44.82 12.20 11.70
CA GLY E 48 -45.45 10.90 11.52
C GLY E 48 -44.48 9.75 11.67
N LYS E 49 -43.29 9.88 11.06
CA LYS E 49 -42.30 8.83 11.20
C LYS E 49 -41.78 8.70 12.62
N ARG E 50 -41.63 9.81 13.33
CA ARG E 50 -41.00 9.78 14.65
C ARG E 50 -41.96 9.22 15.69
N LYS E 51 -43.25 9.51 15.57
CA LYS E 51 -44.22 8.90 16.48
C LYS E 51 -44.22 7.40 16.33
N ALA E 52 -43.83 6.90 15.17
CA ALA E 52 -43.84 5.47 14.89
C ALA E 52 -42.46 4.84 14.91
N ARG E 53 -41.43 5.61 15.29
CA ARG E 53 -40.03 5.10 15.26
C ARG E 53 -39.80 4.42 13.91
N LYS E 54 -40.07 5.14 12.82
CA LYS E 54 -40.00 4.60 11.47
C LYS E 54 -38.84 5.27 10.75
N SER E 55 -37.99 4.46 10.15
CA SER E 55 -36.81 4.98 9.45
C SER E 55 -37.20 5.20 8.00
N CYS E 56 -37.08 6.44 7.53
CA CYS E 56 -37.39 6.75 6.15
C CYS E 56 -36.14 7.35 5.53
N ARG E 57 -36.24 7.72 4.25
CA ARG E 57 -35.14 8.44 3.60
C ARG E 57 -35.82 9.55 2.82
N VAL E 58 -35.43 10.78 3.04
CA VAL E 58 -36.15 11.89 2.44
C VAL E 58 -35.23 12.37 1.33
N VAL E 59 -35.48 11.89 0.13
CA VAL E 59 -34.57 12.15 -0.98
C VAL E 59 -35.10 13.39 -1.70
N GLY E 60 -34.28 13.93 -2.58
CA GLY E 60 -34.67 15.09 -3.33
C GLY E 60 -33.56 15.52 -4.26
N GLU E 61 -33.77 16.65 -4.91
CA GLU E 61 -32.78 17.16 -5.85
C GLU E 61 -31.72 17.91 -5.07
N SER E 62 -30.78 18.51 -5.79
CA SER E 62 -29.68 19.24 -5.16
C SER E 62 -30.06 20.69 -5.35
N ARG E 63 -29.63 21.57 -4.43
CA ARG E 63 -29.97 23.03 -4.44
C ARG E 63 -31.48 23.22 -4.36
N THR E 64 -32.13 22.48 -3.47
CA THR E 64 -33.58 22.50 -3.31
C THR E 64 -34.26 22.72 -1.97
N GLY E 65 -33.52 22.78 -0.88
CA GLY E 65 -34.11 23.13 0.40
C GLY E 65 -34.29 21.96 1.34
N LYS E 66 -33.39 20.98 1.29
CA LYS E 66 -33.52 19.83 2.18
C LYS E 66 -32.82 20.07 3.51
N THR E 67 -31.56 20.51 3.46
CA THR E 67 -30.80 20.71 4.69
C THR E 67 -31.46 21.77 5.56
N VAL E 68 -31.97 22.84 4.94
CA VAL E 68 -32.62 23.89 5.71
C VAL E 68 -33.87 23.37 6.39
N ALA E 69 -34.64 22.54 5.68
CA ALA E 69 -35.86 22.01 6.27
C ALA E 69 -35.55 21.07 7.42
N CYS E 70 -34.55 20.21 7.26
CA CYS E 70 -34.16 19.33 8.36
C CYS E 70 -33.65 20.13 9.54
N ASP E 71 -32.93 21.22 9.28
CA ASP E 71 -32.46 22.08 10.37
C ASP E 71 -33.63 22.71 11.10
N ALA E 72 -34.61 23.24 10.35
CA ALA E 72 -35.78 23.83 10.98
C ALA E 72 -36.49 22.79 11.84
N TYR E 73 -36.60 21.56 11.35
CA TYR E 73 -37.23 20.52 12.17
C TYR E 73 -36.40 20.26 13.41
N ARG E 74 -35.08 20.36 13.29
CA ARG E 74 -34.19 20.12 14.46
C ARG E 74 -34.43 21.23 15.50
N TYR E 75 -34.65 22.47 15.06
CA TYR E 75 -34.81 23.57 16.00
C TYR E 75 -36.11 23.77 16.77
N ARG E 76 -37.23 23.49 16.09
CA ARG E 76 -38.57 23.62 16.77
C ARG E 76 -38.58 22.67 17.99
N HIS E 77 -38.08 21.45 17.79
CA HIS E 77 -37.74 20.61 18.99
C HIS E 77 -36.33 20.77 19.64
N LYS E 78 -36.07 21.97 20.17
CA LYS E 78 -34.78 22.18 20.90
C LYS E 78 -34.89 21.38 22.19
N PRO E 79 -33.86 20.60 22.60
CA PRO E 79 -33.99 19.75 23.77
C PRO E 79 -34.31 20.53 25.05
N GLN E 80 -35.32 20.07 25.79
CA GLN E 80 -35.66 20.71 27.10
C GLN E 80 -35.01 19.84 28.16
N GLN E 81 -33.94 20.32 28.79
CA GLN E 81 -33.21 19.41 29.70
C GLN E 81 -33.80 19.45 31.11
N GLU E 82 -33.89 18.29 31.76
CA GLU E 82 -34.24 18.31 33.19
C GLU E 82 -33.20 19.16 33.90
N ALA E 83 -33.60 19.76 35.02
CA ALA E 83 -32.73 20.60 35.85
C ALA E 83 -31.32 20.11 36.08
N GLY E 84 -31.15 18.81 36.32
CA GLY E 84 -29.83 18.24 36.53
C GLY E 84 -29.51 16.96 35.77
N ARG E 85 -30.38 16.52 34.87
CA ARG E 85 -30.15 15.27 34.19
C ARG E 85 -29.72 15.51 32.73
N PRO E 86 -29.18 14.50 32.07
CA PRO E 86 -28.83 14.64 30.65
C PRO E 86 -30.01 15.14 29.85
N PRO E 87 -29.78 16.06 28.91
CA PRO E 87 -30.91 16.65 28.18
C PRO E 87 -31.53 15.64 27.23
N THR E 88 -32.84 15.52 27.30
CA THR E 88 -33.56 14.63 26.40
C THR E 88 -33.61 15.28 25.03
N VAL E 89 -32.67 14.88 24.15
CA VAL E 89 -32.61 15.40 22.80
C VAL E 89 -33.47 14.52 21.90
N PRO E 90 -34.68 14.94 21.55
CA PRO E 90 -35.55 14.05 20.76
C PRO E 90 -35.04 13.81 19.35
N VAL E 91 -34.53 14.84 18.68
CA VAL E 91 -34.08 14.73 17.30
C VAL E 91 -32.60 15.07 17.25
N VAL E 92 -31.82 14.21 16.61
CA VAL E 92 -30.38 14.41 16.45
C VAL E 92 -30.08 14.52 14.97
N TYR E 93 -29.42 15.61 14.59
CA TYR E 93 -29.09 15.89 13.20
C TYR E 93 -27.59 15.93 13.05
N ILE E 94 -27.05 15.14 12.12
CA ILE E 94 -25.62 15.11 11.86
C ILE E 94 -25.60 15.02 10.34
N ARG E 95 -24.55 15.60 9.77
CA ARG E 95 -24.29 15.52 8.31
C ARG E 95 -22.83 15.08 8.19
N PRO E 96 -22.54 13.77 8.14
CA PRO E 96 -21.14 13.27 8.16
C PRO E 96 -20.17 13.82 7.12
N HIS E 97 -18.86 13.75 7.40
CA HIS E 97 -17.88 14.17 6.42
C HIS E 97 -17.66 13.10 5.37
N GLN E 98 -16.87 13.44 4.35
CA GLN E 98 -16.68 12.55 3.23
C GLN E 98 -16.08 11.22 3.67
N LYS E 99 -16.68 10.13 3.19
CA LYS E 99 -16.32 8.78 3.57
C LYS E 99 -16.23 8.65 5.09
N CYS E 100 -17.36 8.88 5.73
CA CYS E 100 -17.48 8.76 7.18
C CYS E 100 -17.43 7.28 7.54
N GLY E 101 -16.37 6.88 8.23
CA GLY E 101 -16.29 5.55 8.75
C GLY E 101 -17.15 5.37 9.98
N PRO E 102 -17.20 4.14 10.48
CA PRO E 102 -18.02 3.89 11.67
C PRO E 102 -17.55 4.66 12.89
N LYS E 103 -16.25 4.83 13.05
CA LYS E 103 -15.75 5.63 14.16
C LYS E 103 -16.19 7.07 14.03
N ASP E 104 -16.13 7.62 12.82
CA ASP E 104 -16.40 9.03 12.63
C ASP E 104 -17.87 9.34 12.87
N LEU E 105 -18.76 8.44 12.43
CA LEU E 105 -20.18 8.62 12.68
C LEU E 105 -20.47 8.66 14.17
N PHE E 106 -19.85 7.78 14.93
CA PHE E 106 -20.06 7.77 16.37
C PHE E 106 -19.52 9.04 17.00
N LYS E 107 -18.37 9.51 16.53
CA LYS E 107 -17.84 10.76 17.04
C LYS E 107 -18.84 11.88 16.81
N LYS E 108 -19.40 11.96 15.60
CA LYS E 108 -20.35 13.04 15.32
C LYS E 108 -21.61 12.91 16.15
N ILE E 109 -22.13 11.69 16.31
CA ILE E 109 -23.35 11.50 17.09
C ILE E 109 -23.12 11.92 18.54
N THR E 110 -22.09 11.37 19.17
CA THR E 110 -21.88 11.67 20.58
C THR E 110 -21.37 13.09 20.77
N GLU E 111 -20.90 13.73 19.71
CA GLU E 111 -20.57 15.14 19.80
C GLU E 111 -21.83 15.99 19.81
N TYR E 112 -22.76 15.71 18.91
CA TYR E 112 -24.00 16.48 18.87
C TYR E 112 -24.73 16.39 20.20
N LEU E 113 -24.63 15.24 20.86
CA LEU E 113 -25.24 15.11 22.18
C LEU E 113 -24.43 15.79 23.27
N LYS E 114 -23.32 16.41 22.91
CA LYS E 114 -22.49 17.19 23.83
C LYS E 114 -21.87 16.29 24.90
N TYR E 115 -21.32 15.16 24.47
CA TYR E 115 -20.48 14.31 25.30
C TYR E 115 -19.15 14.22 24.59
N ARG E 116 -18.10 14.78 25.18
CA ARG E 116 -16.82 14.72 24.49
C ARG E 116 -16.30 13.28 24.50
N VAL E 117 -15.60 12.93 23.43
CA VAL E 117 -15.18 11.55 23.21
C VAL E 117 -13.97 11.26 24.07
N THR E 118 -13.94 10.08 24.67
CA THR E 118 -12.75 9.58 25.32
C THR E 118 -12.03 8.64 24.35
N LYS E 119 -10.73 8.85 24.16
CA LYS E 119 -9.99 8.16 23.12
C LYS E 119 -10.08 6.65 23.31
N GLY E 120 -10.43 5.94 22.24
CA GLY E 120 -10.56 4.51 22.33
C GLY E 120 -10.69 3.84 20.99
N THR E 121 -11.01 2.55 21.03
CA THR E 121 -11.16 1.72 19.86
C THR E 121 -12.59 1.83 19.32
N VAL E 122 -12.76 1.46 18.06
CA VAL E 122 -14.06 1.60 17.40
C VAL E 122 -15.17 0.99 18.24
N SER E 123 -14.89 -0.15 18.87
CA SER E 123 -15.88 -0.79 19.73
C SER E 123 -16.25 0.09 20.92
N ASP E 124 -15.25 0.74 21.52
CA ASP E 124 -15.51 1.59 22.67
C ASP E 124 -16.40 2.76 22.28
N PHE E 125 -16.13 3.36 21.12
CA PHE E 125 -16.97 4.42 20.61
C PHE E 125 -18.39 3.93 20.39
N ARG E 126 -18.54 2.75 19.81
CA ARG E 126 -19.87 2.20 19.58
C ARG E 126 -20.62 2.03 20.89
N ASP E 127 -19.95 1.45 21.89
CA ASP E 127 -20.60 1.22 23.17
C ASP E 127 -21.01 2.53 23.84
N ARG E 128 -20.12 3.51 23.85
CA ARG E 128 -20.46 4.80 24.46
C ARG E 128 -21.58 5.50 23.69
N THR E 129 -21.58 5.37 22.36
CA THR E 129 -22.62 6.01 21.57
C THR E 129 -23.97 5.43 21.89
N ILE E 130 -24.05 4.10 21.98
CA ILE E 130 -25.33 3.44 22.35
C ILE E 130 -25.75 3.92 23.74
N GLU E 131 -24.79 4.02 24.67
CA GLU E 131 -25.12 4.40 26.07
C GLU E 131 -25.69 5.83 26.14
N VAL E 132 -25.10 6.78 25.41
CA VAL E 132 -25.56 8.20 25.50
C VAL E 132 -26.77 8.38 24.58
N LEU E 133 -26.94 7.47 23.63
CA LEU E 133 -28.07 7.56 22.71
C LEU E 133 -29.33 7.03 23.34
N LYS E 134 -29.20 6.05 24.23
CA LYS E 134 -30.35 5.63 25.02
C LYS E 134 -30.57 6.57 26.20
N GLY E 135 -29.51 7.21 26.66
CA GLY E 135 -29.64 8.09 27.81
C GLY E 135 -30.37 9.37 27.49
N CYS E 136 -30.02 10.01 26.37
CA CYS E 136 -30.63 11.26 25.98
C CYS E 136 -31.99 11.07 25.33
N GLY E 137 -32.54 9.86 25.38
CA GLY E 137 -33.86 9.58 24.84
C GLY E 137 -34.05 10.03 23.41
N VAL E 138 -33.05 9.83 22.57
CA VAL E 138 -33.14 10.24 21.18
C VAL E 138 -34.25 9.48 20.49
N GLU E 139 -35.06 10.19 19.72
CA GLU E 139 -36.15 9.58 18.97
C GLU E 139 -35.88 9.49 17.49
N MET E 140 -35.11 10.41 16.92
CA MET E 140 -34.89 10.47 15.48
C MET E 140 -33.46 10.91 15.21
N LEU E 141 -32.81 10.25 14.26
CA LEU E 141 -31.43 10.51 13.90
C LEU E 141 -31.40 10.89 12.43
N ILE E 142 -31.37 12.19 12.15
CA ILE E 142 -31.38 12.68 10.74
C ILE E 142 -29.95 12.74 10.21
N ILE E 143 -29.58 11.79 9.35
CA ILE E 143 -28.22 11.80 8.73
C ILE E 143 -28.30 12.60 7.42
N ASP E 144 -27.94 13.88 7.46
CA ASP E 144 -27.94 14.67 6.24
C ASP E 144 -26.73 14.33 5.38
N GLU E 145 -26.89 14.46 4.07
CA GLU E 145 -25.87 14.07 3.11
C GLU E 145 -25.41 12.65 3.38
N ALA E 146 -26.37 11.75 3.44
CA ALA E 146 -26.13 10.36 3.80
C ALA E 146 -25.67 9.53 2.62
N ASP E 147 -25.22 10.15 1.54
CA ASP E 147 -24.52 9.42 0.51
C ASP E 147 -23.02 9.44 0.72
N ARG E 148 -22.56 10.12 1.77
CA ARG E 148 -21.13 10.21 2.01
C ARG E 148 -20.60 9.00 2.77
N LEU E 149 -21.30 8.56 3.80
CA LEU E 149 -20.76 7.54 4.69
C LEU E 149 -20.59 6.22 3.95
N LYS E 150 -19.56 5.50 4.33
CA LYS E 150 -19.10 4.31 3.63
C LYS E 150 -20.09 3.18 3.77
N PRO E 151 -20.05 2.19 2.88
CA PRO E 151 -21.00 1.07 2.99
C PRO E 151 -20.85 0.29 4.28
N GLU E 152 -19.68 0.32 4.90
CA GLU E 152 -19.47 -0.48 6.10
C GLU E 152 -19.97 0.22 7.36
N THR E 153 -20.56 1.40 7.25
CA THR E 153 -21.21 2.04 8.39
C THR E 153 -22.72 2.05 8.28
N PHE E 154 -23.27 1.71 7.11
CA PHE E 154 -24.70 1.44 7.05
C PHE E 154 -25.06 0.27 7.95
N ALA E 155 -24.13 -0.65 8.15
CA ALA E 155 -24.35 -1.71 9.12
C ALA E 155 -24.58 -1.14 10.51
N ASP E 156 -23.80 -0.13 10.90
CA ASP E 156 -23.96 0.41 12.24
C ASP E 156 -25.21 1.26 12.35
N VAL E 157 -25.58 1.97 11.29
CA VAL E 157 -26.81 2.76 11.37
C VAL E 157 -27.97 1.78 11.36
N ARG E 158 -27.79 0.65 10.66
CA ARG E 158 -28.85 -0.39 10.70
C ARG E 158 -28.93 -0.85 12.14
N ASP E 159 -27.78 -1.13 12.76
CA ASP E 159 -27.76 -1.59 14.14
C ASP E 159 -28.45 -0.67 15.13
N ILE E 160 -28.17 0.62 15.02
CA ILE E 160 -28.81 1.65 15.84
C ILE E 160 -30.32 1.56 15.68
N ALA E 161 -30.80 1.64 14.45
CA ALA E 161 -32.22 1.63 14.19
C ALA E 161 -32.71 0.27 14.66
N GLU E 162 -31.92 -0.77 14.40
CA GLU E 162 -32.31 -2.12 14.80
C GLU E 162 -32.58 -2.33 16.34
N ASP E 163 -31.63 -1.83 17.15
CA ASP E 163 -31.74 -2.09 18.62
C ASP E 163 -32.38 -0.97 19.44
N LEU E 164 -32.12 0.32 19.13
CA LEU E 164 -32.60 1.37 20.01
C LEU E 164 -34.00 1.83 19.68
N GLY E 165 -34.55 1.31 18.58
CA GLY E 165 -35.87 1.79 18.12
C GLY E 165 -35.77 3.27 17.85
N ILE E 166 -34.87 3.67 16.96
CA ILE E 166 -34.67 5.12 16.65
C ILE E 166 -34.95 5.31 15.16
N ALA E 167 -35.79 6.30 14.82
CA ALA E 167 -36.14 6.52 13.42
C ALA E 167 -34.98 7.22 12.75
N VAL E 168 -34.25 6.50 11.90
CA VAL E 168 -33.11 7.05 11.19
C VAL E 168 -33.61 7.57 9.85
N VAL E 169 -33.41 8.86 9.60
CA VAL E 169 -33.87 9.51 8.38
C VAL E 169 -32.64 9.88 7.57
N LEU E 170 -32.39 9.18 6.48
CA LEU E 170 -31.25 9.48 5.62
C LEU E 170 -31.66 10.53 4.61
N VAL E 171 -31.00 11.67 4.63
CA VAL E 171 -31.23 12.73 3.66
C VAL E 171 -30.15 12.63 2.60
N GLY E 172 -30.44 13.01 1.35
CA GLY E 172 -29.36 13.02 0.36
C GLY E 172 -29.81 13.30 -1.05
N THR E 173 -28.86 13.56 -1.95
CA THR E 173 -29.18 13.80 -3.39
C THR E 173 -29.68 12.44 -3.87
N ASP E 174 -30.18 12.37 -5.11
CA ASP E 174 -30.65 11.08 -5.69
C ASP E 174 -29.50 10.05 -5.68
N ARG E 175 -28.25 10.51 -5.58
CA ARG E 175 -27.12 9.59 -5.60
C ARG E 175 -27.25 8.67 -4.40
N LEU E 176 -27.80 9.18 -3.30
CA LEU E 176 -28.07 8.33 -2.13
C LEU E 176 -28.88 7.08 -2.40
N ASP E 177 -29.86 7.19 -3.29
CA ASP E 177 -30.68 6.03 -3.64
C ASP E 177 -29.87 4.90 -4.29
N ALA E 178 -28.99 5.26 -5.22
CA ALA E 178 -28.14 4.26 -5.83
C ALA E 178 -27.17 3.77 -4.76
N VAL E 179 -26.75 4.67 -3.87
CA VAL E 179 -25.81 4.26 -2.82
C VAL E 179 -26.43 3.19 -1.94
N ILE E 180 -27.73 3.33 -1.62
CA ILE E 180 -28.36 2.28 -0.85
C ILE E 180 -28.79 1.12 -1.74
N LYS E 181 -29.06 1.37 -3.02
CA LYS E 181 -29.42 0.29 -3.92
C LYS E 181 -28.47 -0.88 -4.12
N ARG E 182 -27.17 -0.61 -4.21
CA ARG E 182 -26.20 -1.71 -4.30
C ARG E 182 -25.96 -2.56 -3.01
N ASP E 183 -26.39 -1.94 -1.91
CA ASP E 183 -26.37 -2.66 -0.61
C ASP E 183 -27.75 -3.31 -0.56
N GLU E 184 -27.94 -4.26 0.32
CA GLU E 184 -29.21 -4.99 0.37
C GLU E 184 -30.28 -4.74 1.42
N GLN E 185 -29.92 -4.45 2.67
CA GLN E 185 -30.91 -4.39 3.72
C GLN E 185 -31.22 -2.90 3.88
N VAL E 186 -30.20 -2.07 3.65
CA VAL E 186 -30.35 -0.64 3.83
C VAL E 186 -31.48 -0.26 2.89
N LEU E 187 -31.42 -0.76 1.67
CA LEU E 187 -32.53 -0.54 0.74
C LEU E 187 -33.89 -1.03 1.19
N GLU E 188 -33.91 -2.19 1.85
CA GLU E 188 -35.19 -2.73 2.41
C GLU E 188 -35.70 -1.93 3.65
N ARG E 189 -34.80 -1.74 4.63
CA ARG E 189 -35.09 -0.90 5.81
C ARG E 189 -35.47 0.56 5.59
N PHE E 190 -34.80 1.23 4.66
CA PHE E 190 -35.08 2.66 4.37
C PHE E 190 -35.81 2.73 3.03
N ARG E 191 -37.13 2.48 3.04
CA ARG E 191 -37.91 2.47 1.83
C ARG E 191 -39.04 3.48 1.80
N ALA E 192 -39.50 3.97 2.95
CA ALA E 192 -40.43 5.08 2.94
C ALA E 192 -39.65 6.33 2.58
N HIS E 193 -40.20 7.13 1.67
CA HIS E 193 -39.43 8.27 1.18
C HIS E 193 -40.33 9.45 0.89
N LEU E 194 -39.71 10.60 0.71
CA LEU E 194 -40.42 11.85 0.48
C LEU E 194 -39.57 12.71 -0.44
N ARG E 195 -39.94 12.74 -1.72
CA ARG E 195 -39.14 13.49 -2.73
C ARG E 195 -39.32 15.00 -2.54
N PHE E 196 -38.25 15.79 -2.62
CA PHE E 196 -38.43 17.26 -2.54
C PHE E 196 -39.12 17.78 -3.81
N GLY E 197 -40.09 18.69 -3.66
CA GLY E 197 -40.87 19.17 -4.81
C GLY E 197 -39.91 20.07 -5.58
N LYS E 198 -40.17 20.27 -6.88
CA LYS E 198 -39.38 21.23 -7.71
C LYS E 198 -39.99 22.62 -7.46
N LEU E 199 -41.29 22.69 -7.09
CA LEU E 199 -41.98 23.97 -6.70
C LEU E 199 -42.51 24.78 -7.90
N SER E 200 -42.27 24.34 -9.14
CA SER E 200 -42.67 25.18 -10.32
C SER E 200 -44.19 25.38 -10.45
N GLY E 201 -44.64 26.56 -10.87
CA GLY E 201 -46.07 26.84 -11.11
C GLY E 201 -46.55 28.06 -10.35
N GLU E 202 -47.86 28.18 -10.10
CA GLU E 202 -48.37 29.29 -9.25
C GLU E 202 -47.73 29.34 -7.87
N ASP E 203 -47.58 28.18 -7.22
CA ASP E 203 -46.88 28.11 -5.90
C ASP E 203 -45.47 28.74 -5.98
N PHE E 204 -44.85 28.69 -7.17
CA PHE E 204 -43.47 29.22 -7.32
C PHE E 204 -43.71 30.73 -7.31
N LYS E 205 -44.76 31.19 -7.99
CA LYS E 205 -45.06 32.66 -8.07
C LYS E 205 -45.23 33.20 -6.64
N ASN E 206 -46.02 32.51 -5.81
CA ASN E 206 -46.15 32.92 -4.38
C ASN E 206 -44.79 33.02 -3.70
N THR E 207 -43.98 31.95 -3.75
CA THR E 207 -42.66 31.94 -3.14
C THR E 207 -41.89 33.19 -3.55
N VAL E 208 -41.97 33.56 -4.84
CA VAL E 208 -41.19 34.70 -5.32
C VAL E 208 -41.60 35.89 -4.48
N GLU E 209 -42.90 36.20 -4.43
CA GLU E 209 -43.29 37.35 -3.62
C GLU E 209 -43.00 37.21 -2.10
N MET E 210 -43.23 35.98 -1.62
CA MET E 210 -42.78 35.69 -0.27
C MET E 210 -41.33 35.95 0.11
N TRP E 211 -40.44 35.93 -0.89
CA TRP E 211 -39.04 36.27 -0.63
C TRP E 211 -38.84 37.77 -0.56
N GLU E 212 -39.65 38.53 -1.29
CA GLU E 212 -39.59 39.99 -1.28
C GLU E 212 -39.86 40.54 0.12
N GLN E 213 -40.90 40.03 0.78
CA GLN E 213 -41.34 40.62 2.03
C GLN E 213 -40.54 40.05 3.19
N MET E 214 -40.40 38.72 3.23
CA MET E 214 -39.82 38.04 4.37
C MET E 214 -38.32 38.28 4.46
N VAL E 215 -37.59 37.98 3.38
CA VAL E 215 -36.15 37.88 3.42
C VAL E 215 -35.48 39.15 2.92
N LEU E 216 -36.02 39.73 1.84
CA LEU E 216 -35.39 40.94 1.24
C LEU E 216 -35.57 42.14 2.18
N LYS E 217 -36.71 42.25 2.87
CA LYS E 217 -36.90 43.31 3.91
C LYS E 217 -36.58 44.72 3.42
N LEU E 218 -37.11 45.16 2.28
CA LEU E 218 -36.74 46.50 1.74
C LEU E 218 -37.94 47.47 1.86
N PRO E 219 -37.81 48.84 1.83
CA PRO E 219 -39.02 49.68 1.83
C PRO E 219 -39.82 49.25 0.59
N VAL E 220 -41.16 49.18 0.70
CA VAL E 220 -41.94 48.64 -0.44
C VAL E 220 -41.63 49.48 -1.68
N SER E 221 -41.28 48.81 -2.78
CA SER E 221 -40.92 49.53 -4.03
C SER E 221 -42.01 49.31 -5.07
N SER E 222 -43.12 48.65 -4.68
CA SER E 222 -44.22 48.34 -5.63
C SER E 222 -43.69 47.49 -6.80
N ASN E 223 -42.63 46.72 -6.56
CA ASN E 223 -42.10 45.82 -7.62
C ASN E 223 -43.17 44.75 -7.86
N LEU E 224 -43.53 43.99 -6.81
CA LEU E 224 -44.64 42.99 -6.88
C LEU E 224 -44.26 41.80 -7.77
N LYS E 225 -42.99 41.65 -8.14
CA LYS E 225 -42.54 40.47 -8.92
C LYS E 225 -43.47 40.25 -10.12
N SER E 226 -43.61 41.26 -10.98
CA SER E 226 -44.55 41.20 -12.14
C SER E 226 -44.14 40.14 -13.15
N LYS E 227 -45.07 39.68 -14.00
CA LYS E 227 -44.80 38.61 -14.99
C LYS E 227 -43.42 38.74 -15.64
N GLU E 228 -42.94 39.96 -15.91
CA GLU E 228 -41.56 40.15 -16.43
C GLU E 228 -40.53 39.55 -15.45
N MET E 229 -40.53 39.97 -14.18
CA MET E 229 -39.52 39.52 -13.24
C MET E 229 -39.76 38.03 -13.05
N LEU E 230 -41.02 37.60 -13.15
CA LEU E 230 -41.32 36.19 -12.97
C LEU E 230 -40.79 35.36 -14.12
N ARG E 231 -40.93 35.86 -15.35
CA ARG E 231 -40.33 35.18 -16.49
C ARG E 231 -38.82 35.11 -16.32
N ILE E 232 -38.21 36.20 -15.88
CA ILE E 232 -36.76 36.20 -15.65
C ILE E 232 -36.39 35.13 -14.64
N LEU E 233 -37.12 35.07 -13.52
CA LEU E 233 -36.73 34.18 -12.45
C LEU E 233 -37.06 32.72 -12.77
N THR E 234 -38.15 32.48 -13.50
CA THR E 234 -38.45 31.13 -13.93
C THR E 234 -37.39 30.79 -14.95
N SER E 235 -37.02 31.76 -15.78
CA SER E 235 -35.97 31.52 -16.77
C SER E 235 -34.61 31.18 -16.11
N ALA E 236 -34.31 31.90 -15.03
CA ALA E 236 -33.02 31.73 -14.38
C ALA E 236 -32.87 30.63 -13.33
N THR E 237 -33.78 30.59 -12.36
CA THR E 237 -33.65 29.69 -11.22
C THR E 237 -34.04 28.25 -11.55
N GLU E 238 -34.93 28.04 -12.52
CA GLU E 238 -35.50 26.73 -12.81
C GLU E 238 -36.22 26.12 -11.63
N GLY E 239 -36.61 26.91 -10.63
CA GLY E 239 -37.40 26.45 -9.53
C GLY E 239 -36.61 26.13 -8.27
N TYR E 240 -35.30 25.93 -8.40
CA TYR E 240 -34.51 25.65 -7.22
C TYR E 240 -34.58 26.80 -6.23
N ILE E 241 -35.00 26.50 -5.01
CA ILE E 241 -35.01 27.52 -3.95
C ILE E 241 -33.61 28.09 -3.78
N GLY E 242 -32.62 27.19 -3.82
CA GLY E 242 -31.22 27.63 -3.64
C GLY E 242 -30.90 28.75 -4.60
N ARG E 243 -31.34 28.62 -5.85
CA ARG E 243 -31.01 29.64 -6.88
C ARG E 243 -31.85 30.90 -6.71
N LEU E 244 -33.06 30.81 -6.13
CA LEU E 244 -33.94 31.99 -6.06
C LEU E 244 -33.22 32.78 -5.03
N ASP E 245 -32.84 32.09 -4.01
CA ASP E 245 -32.22 32.83 -2.91
C ASP E 245 -30.91 33.48 -3.37
N GLU E 246 -30.06 32.69 -4.02
CA GLU E 246 -28.75 33.20 -4.50
C GLU E 246 -28.96 34.42 -5.39
N ILE E 247 -29.88 34.32 -6.36
CA ILE E 247 -30.08 35.41 -7.32
C ILE E 247 -30.61 36.65 -6.62
N LEU E 248 -31.62 36.48 -5.76
CA LEU E 248 -32.25 37.65 -5.17
C LEU E 248 -31.29 38.38 -4.23
N ARG E 249 -30.55 37.63 -3.42
CA ARG E 249 -29.56 38.28 -2.56
C ARG E 249 -28.49 39.02 -3.33
N GLU E 250 -27.98 38.41 -4.40
CA GLU E 250 -26.97 39.07 -5.23
C GLU E 250 -27.49 40.37 -5.84
N ALA E 251 -28.72 40.33 -6.36
CA ALA E 251 -29.29 41.48 -7.02
C ALA E 251 -29.51 42.57 -5.98
N ALA E 252 -30.00 42.19 -4.80
CA ALA E 252 -30.20 43.18 -3.75
C ALA E 252 -28.89 43.82 -3.33
N ILE E 253 -27.86 43.00 -3.11
CA ILE E 253 -26.56 43.52 -2.70
C ILE E 253 -26.00 44.44 -3.78
N ARG E 254 -26.07 44.01 -5.05
CA ARG E 254 -25.56 44.84 -6.13
C ARG E 254 -26.27 46.19 -6.17
N SER E 255 -27.61 46.15 -6.11
CA SER E 255 -28.38 47.37 -6.26
C SER E 255 -28.13 48.33 -5.10
N LEU E 256 -27.94 47.79 -3.90
CA LEU E 256 -27.65 48.66 -2.76
C LEU E 256 -26.22 49.17 -2.80
N SER E 257 -25.31 48.39 -3.39
CA SER E 257 -23.92 48.85 -3.50
C SER E 257 -23.80 49.96 -4.52
N ARG E 258 -24.59 49.90 -5.60
CA ARG E 258 -24.54 50.97 -6.59
C ARG E 258 -25.49 52.10 -6.28
N GLY E 259 -26.08 52.14 -5.07
CA GLY E 259 -26.92 53.22 -4.63
C GLY E 259 -28.39 53.04 -4.94
N LEU E 260 -28.71 52.14 -5.86
CA LEU E 260 -30.10 51.93 -6.24
C LEU E 260 -30.90 51.47 -5.02
N LYS E 261 -32.06 52.07 -4.83
CA LYS E 261 -32.82 51.83 -3.61
C LYS E 261 -33.62 50.54 -3.72
N LYS E 262 -34.26 50.33 -4.87
CA LYS E 262 -34.84 49.03 -5.20
C LYS E 262 -34.02 48.24 -6.21
N ILE E 263 -34.57 47.08 -6.62
CA ILE E 263 -33.87 46.21 -7.61
C ILE E 263 -34.35 46.58 -9.03
N ASP E 264 -33.43 46.95 -9.92
CA ASP E 264 -33.78 47.30 -11.32
C ASP E 264 -33.90 46.04 -12.19
N LYS E 265 -34.41 46.18 -13.41
CA LYS E 265 -34.43 45.01 -14.33
C LYS E 265 -32.99 44.76 -14.78
N ALA E 266 -32.16 45.80 -14.80
CA ALA E 266 -30.78 45.68 -15.26
C ALA E 266 -30.01 44.64 -14.45
N VAL E 267 -30.05 44.77 -13.12
CA VAL E 267 -29.26 43.88 -12.28
C VAL E 267 -29.85 42.47 -12.34
N LEU E 268 -31.17 42.39 -12.59
CA LEU E 268 -31.80 41.04 -12.72
C LEU E 268 -31.27 40.37 -13.98
N GLN E 269 -31.21 41.10 -15.10
CA GLN E 269 -30.58 40.55 -16.29
C GLN E 269 -29.13 40.18 -16.07
N GLU E 270 -28.42 40.99 -15.29
CA GLU E 270 -27.03 40.70 -14.95
C GLU E 270 -26.87 39.33 -14.30
N VAL E 271 -27.59 39.10 -13.20
CA VAL E 271 -27.38 37.83 -12.50
C VAL E 271 -27.90 36.68 -13.35
N ALA E 272 -28.96 36.93 -14.13
CA ALA E 272 -29.46 35.90 -15.02
C ALA E 272 -28.38 35.45 -15.97
N LYS E 273 -27.75 36.39 -16.69
CA LYS E 273 -26.71 35.98 -17.61
C LYS E 273 -25.50 35.34 -16.95
N GLU E 274 -25.19 35.75 -15.72
CA GLU E 274 -23.96 35.28 -15.08
C GLU E 274 -24.17 33.94 -14.35
N TYR E 275 -25.36 33.37 -14.54
CA TYR E 275 -25.61 32.00 -14.00
C TYR E 275 -25.60 31.14 -15.28
N LYS E 276 -26.53 31.43 -16.19
CA LYS E 276 -26.60 30.67 -17.47
C LYS E 276 -26.02 31.56 -18.57
N ASP F 17 28.07 46.43 -21.17
CA ASP F 17 26.96 46.24 -22.11
C ASP F 17 26.56 44.77 -22.12
N ASP F 18 27.54 43.87 -22.09
CA ASP F 18 27.23 42.46 -21.88
C ASP F 18 26.59 42.27 -20.52
N GLU F 19 27.01 43.05 -19.54
CA GLU F 19 26.27 43.14 -18.28
C GLU F 19 24.83 43.56 -18.53
N TRP F 20 24.66 44.61 -19.34
CA TRP F 20 23.34 45.05 -19.75
C TRP F 20 22.61 43.94 -20.51
N LEU F 21 23.33 43.16 -21.32
CA LEU F 21 22.69 42.07 -22.05
C LEU F 21 22.18 41.00 -21.12
N GLN F 22 22.95 40.70 -20.07
CA GLN F 22 22.48 39.75 -19.06
C GLN F 22 21.26 40.29 -18.36
N ALA F 23 21.25 41.59 -18.06
CA ALA F 23 20.06 42.22 -17.49
C ALA F 23 18.86 42.02 -18.41
N GLU F 24 19.07 42.23 -19.71
CA GLU F 24 17.95 42.17 -20.69
C GLU F 24 17.33 40.77 -20.79
N ILE F 25 18.17 39.74 -20.96
CA ILE F 25 17.63 38.36 -21.13
C ILE F 25 16.95 37.91 -19.82
N ALA F 26 17.51 38.31 -18.68
CA ALA F 26 16.94 37.91 -17.37
C ALA F 26 15.59 38.63 -17.21
N ARG F 27 15.53 39.91 -17.59
CA ARG F 27 14.28 40.65 -17.43
C ARG F 27 13.21 40.14 -18.39
N LEU F 28 13.61 39.81 -19.61
CA LEU F 28 12.66 39.25 -20.57
C LEU F 28 12.26 37.84 -20.16
N LYS F 29 13.19 37.09 -19.57
CA LYS F 29 12.89 35.75 -19.09
C LYS F 29 11.74 35.77 -18.08
N GLY F 30 11.85 36.60 -17.04
CA GLY F 30 10.78 36.68 -16.05
C GLY F 30 9.57 37.39 -16.62
N LYS F 31 8.40 36.96 -16.11
CA LYS F 31 7.14 37.49 -16.64
C LYS F 31 6.67 38.70 -15.84
N SER F 32 5.76 39.47 -16.42
CA SER F 32 5.20 40.67 -15.82
C SER F 32 3.70 40.53 -15.77
N ILE F 33 3.03 41.52 -15.19
CA ILE F 33 1.57 41.55 -15.15
C ILE F 33 1.10 42.85 -15.79
N VAL F 34 0.76 42.79 -17.06
CA VAL F 34 0.29 43.97 -17.77
C VAL F 34 -1.23 44.06 -17.60
N PRO F 35 -1.73 45.10 -16.97
CA PRO F 35 -3.15 45.12 -16.62
C PRO F 35 -4.05 45.45 -17.80
N LEU F 36 -4.91 44.52 -18.18
CA LEU F 36 -5.85 44.73 -19.27
C LEU F 36 -7.26 44.35 -18.83
N GLN F 37 -8.21 44.55 -19.73
CA GLN F 37 -9.62 44.52 -19.37
C GLN F 37 -10.02 43.19 -18.74
N GLN F 38 -9.34 42.10 -19.12
CA GLN F 38 -9.72 40.79 -18.62
C GLN F 38 -9.56 40.72 -17.11
N VAL F 39 -8.38 41.08 -16.60
CA VAL F 39 -8.11 40.94 -15.17
C VAL F 39 -8.96 41.92 -14.38
N LYS F 40 -9.28 43.06 -14.98
CA LYS F 40 -10.09 44.04 -14.28
C LYS F 40 -11.52 43.55 -14.13
N THR F 41 -12.06 42.94 -15.18
CA THR F 41 -13.39 42.35 -15.08
C THR F 41 -13.38 41.22 -14.07
N LEU F 42 -12.33 40.41 -14.07
CA LEU F 42 -12.26 39.32 -13.10
C LEU F 42 -12.23 39.80 -11.66
N HIS F 43 -11.43 40.84 -11.40
CA HIS F 43 -11.34 41.39 -10.02
C HIS F 43 -12.71 41.94 -9.60
N ASP F 44 -13.38 42.68 -10.50
CA ASP F 44 -14.67 43.24 -10.16
C ASP F 44 -15.63 42.10 -9.83
N TRP F 45 -15.64 41.08 -10.68
CA TRP F 45 -16.50 39.92 -10.47
C TRP F 45 -16.20 39.26 -9.13
N LEU F 46 -14.92 39.06 -8.83
CA LEU F 46 -14.55 38.36 -7.60
C LEU F 46 -14.86 39.20 -6.39
N ASP F 47 -14.70 40.52 -6.48
CA ASP F 47 -15.14 41.38 -5.39
C ASP F 47 -16.62 41.23 -5.15
N GLY F 48 -17.41 41.23 -6.22
CA GLY F 48 -18.85 41.04 -6.08
C GLY F 48 -19.18 39.73 -5.40
N LYS F 49 -18.52 38.65 -5.81
CA LYS F 49 -18.78 37.36 -5.18
C LYS F 49 -18.31 37.33 -3.73
N ARG F 50 -17.21 38.00 -3.41
CA ARG F 50 -16.64 37.89 -2.07
C ARG F 50 -17.44 38.72 -1.07
N LYS F 51 -17.97 39.86 -1.49
CA LYS F 51 -18.83 40.63 -0.62
C LYS F 51 -20.08 39.83 -0.25
N ALA F 52 -20.47 38.89 -1.11
CA ALA F 52 -21.67 38.11 -0.90
C ALA F 52 -21.39 36.68 -0.45
N ARG F 53 -20.12 36.36 -0.18
CA ARG F 53 -19.72 34.97 0.20
C ARG F 53 -20.40 34.02 -0.80
N LYS F 54 -20.17 34.24 -2.09
CA LYS F 54 -20.81 33.50 -3.17
C LYS F 54 -19.75 32.66 -3.87
N SER F 55 -20.01 31.37 -4.02
CA SER F 55 -19.06 30.46 -4.64
C SER F 55 -19.38 30.42 -6.13
N CYS F 56 -18.40 30.80 -6.95
CA CYS F 56 -18.58 30.76 -8.39
C CYS F 56 -17.50 29.85 -8.96
N ARG F 57 -17.48 29.71 -10.28
CA ARG F 57 -16.40 28.98 -10.94
C ARG F 57 -16.05 29.83 -12.15
N VAL F 58 -14.78 30.20 -12.28
CA VAL F 58 -14.42 31.15 -13.31
C VAL F 58 -13.72 30.29 -14.36
N VAL F 59 -14.46 29.87 -15.36
CA VAL F 59 -13.94 28.92 -16.33
C VAL F 59 -13.38 29.73 -17.49
N GLY F 60 -12.63 29.06 -18.35
CA GLY F 60 -12.06 29.71 -19.50
C GLY F 60 -11.26 28.74 -20.32
N GLU F 61 -10.59 29.26 -21.33
CA GLU F 61 -9.78 28.42 -22.20
C GLU F 61 -8.44 28.18 -21.55
N SER F 62 -7.55 27.50 -22.26
CA SER F 62 -6.24 27.18 -21.74
C SER F 62 -5.32 28.14 -22.45
N ARG F 63 -4.19 28.52 -21.80
CA ARG F 63 -3.21 29.52 -22.35
C ARG F 63 -3.91 30.86 -22.59
N THR F 64 -4.71 31.31 -21.63
CA THR F 64 -5.48 32.53 -21.72
C THR F 64 -5.45 33.61 -20.66
N GLY F 65 -4.78 33.39 -19.54
CA GLY F 65 -4.61 34.44 -18.57
C GLY F 65 -5.48 34.31 -17.33
N LYS F 66 -5.76 33.09 -16.91
CA LYS F 66 -6.59 32.89 -15.73
C LYS F 66 -5.76 32.86 -14.45
N THR F 67 -4.71 32.06 -14.44
CA THR F 67 -3.88 31.94 -13.24
C THR F 67 -3.26 33.27 -12.88
N VAL F 68 -2.80 34.02 -13.88
CA VAL F 68 -2.18 35.31 -13.62
C VAL F 68 -3.19 36.28 -13.03
N ALA F 69 -4.42 36.26 -13.54
CA ALA F 69 -5.42 37.17 -13.02
C ALA F 69 -5.80 36.82 -11.59
N CYS F 70 -5.95 35.53 -11.30
CA CYS F 70 -6.24 35.12 -9.92
C CYS F 70 -5.08 35.49 -8.99
N ASP F 71 -3.84 35.36 -9.48
CA ASP F 71 -2.70 35.77 -8.67
C ASP F 71 -2.72 37.26 -8.39
N ALA F 72 -2.98 38.07 -9.41
CA ALA F 72 -3.06 39.50 -9.21
C ALA F 72 -4.15 39.84 -8.20
N TYR F 73 -5.28 39.15 -8.26
CA TYR F 73 -6.33 39.40 -7.27
C TYR F 73 -5.85 39.00 -5.89
N ARG F 74 -5.03 37.95 -5.81
CA ARG F 74 -4.51 37.49 -4.50
C ARG F 74 -3.56 38.57 -3.94
N TYR F 75 -2.77 39.21 -4.80
CA TYR F 75 -1.80 40.19 -4.31
C TYR F 75 -2.24 41.58 -3.88
N ARG F 76 -3.23 42.13 -4.59
CA ARG F 76 -3.76 43.49 -4.22
C ARG F 76 -4.30 43.41 -2.77
N HIS F 77 -5.04 42.33 -2.48
CA HIS F 77 -5.31 42.03 -1.04
C HIS F 77 -4.26 41.19 -0.26
N LYS F 78 -3.05 41.74 -0.11
CA LYS F 78 -2.02 41.03 0.71
C LYS F 78 -2.48 41.12 2.17
N PRO F 79 -2.45 40.04 2.97
CA PRO F 79 -2.99 40.09 4.31
C PRO F 79 -2.32 41.16 5.19
N GLN F 80 -3.12 41.98 5.88
CA GLN F 80 -2.56 42.98 6.81
C GLN F 80 -2.71 42.35 8.20
N GLN F 81 -1.59 41.93 8.81
CA GLN F 81 -1.74 41.18 10.07
C GLN F 81 -1.79 42.12 11.27
N GLU F 82 -2.66 41.83 12.25
CA GLU F 82 -2.57 42.57 13.49
C GLU F 82 -1.18 42.38 14.06
N ALA F 83 -0.71 43.36 14.84
CA ALA F 83 0.59 43.34 15.48
C ALA F 83 1.05 42.02 16.09
N GLY F 84 0.15 41.31 16.76
CA GLY F 84 0.48 40.04 17.36
C GLY F 84 -0.50 38.91 17.12
N ARG F 85 -1.51 39.10 16.29
CA ARG F 85 -2.52 38.07 16.11
C ARG F 85 -2.33 37.39 14.74
N PRO F 86 -2.97 36.23 14.54
CA PRO F 86 -2.91 35.57 13.23
C PRO F 86 -3.33 36.53 12.13
N PRO F 87 -2.63 36.49 11.00
CA PRO F 87 -2.93 37.46 9.93
C PRO F 87 -4.27 37.16 9.28
N THR F 88 -5.09 38.19 9.17
CA THR F 88 -6.39 38.04 8.50
C THR F 88 -6.14 37.95 7.00
N VAL F 89 -6.09 36.74 6.48
CA VAL F 89 -5.88 36.51 5.06
C VAL F 89 -7.24 36.47 4.37
N PRO F 90 -7.66 37.55 3.70
CA PRO F 90 -9.00 37.55 3.12
C PRO F 90 -9.16 36.58 1.97
N VAL F 91 -8.18 36.47 1.09
CA VAL F 91 -8.26 35.61 -0.08
C VAL F 91 -7.15 34.58 0.01
N VAL F 92 -7.51 33.31 -0.19
CA VAL F 92 -6.57 32.20 -0.16
C VAL F 92 -6.57 31.55 -1.53
N TYR F 93 -5.40 31.43 -2.13
CA TYR F 93 -5.24 30.86 -3.46
C TYR F 93 -4.37 29.62 -3.36
N ILE F 94 -4.87 28.50 -3.87
CA ILE F 94 -4.14 27.24 -3.88
C ILE F 94 -4.48 26.70 -5.26
N ARG F 95 -3.51 25.96 -5.81
CA ARG F 95 -3.70 25.25 -7.09
C ARG F 95 -3.25 23.82 -6.83
N PRO F 96 -4.15 22.90 -6.39
CA PRO F 96 -3.76 21.54 -5.99
C PRO F 96 -2.94 20.69 -6.97
N HIS F 97 -2.21 19.70 -6.47
CA HIS F 97 -1.49 18.81 -7.36
C HIS F 97 -2.41 17.76 -7.96
N GLN F 98 -1.88 16.98 -8.88
CA GLN F 98 -2.69 16.01 -9.60
C GLN F 98 -3.34 15.01 -8.67
N LYS F 99 -4.64 14.79 -8.86
CA LYS F 99 -5.46 13.95 -7.98
C LYS F 99 -5.23 14.30 -6.52
N CYS F 100 -5.56 15.53 -6.18
CA CYS F 100 -5.47 16.03 -4.82
C CYS F 100 -6.55 15.36 -3.99
N GLY F 101 -6.15 14.53 -3.04
CA GLY F 101 -7.09 13.97 -2.11
C GLY F 101 -7.50 14.96 -1.05
N PRO F 102 -8.42 14.55 -0.18
CA PRO F 102 -8.88 15.47 0.87
C PRO F 102 -7.76 15.86 1.83
N LYS F 103 -6.85 14.93 2.13
CA LYS F 103 -5.73 15.29 2.98
C LYS F 103 -4.84 16.33 2.32
N ASP F 104 -4.59 16.16 1.03
CA ASP F 104 -3.65 17.03 0.34
C ASP F 104 -4.20 18.44 0.23
N LEU F 105 -5.50 18.57 -0.04
CA LEU F 105 -6.11 19.89 -0.10
C LEU F 105 -5.97 20.61 1.23
N PHE F 106 -6.19 19.91 2.33
CA PHE F 106 -6.05 20.54 3.63
C PHE F 106 -4.62 20.94 3.89
N LYS F 107 -3.67 20.08 3.49
CA LYS F 107 -2.28 20.45 3.64
C LYS F 107 -1.98 21.75 2.89
N LYS F 108 -2.46 21.85 1.66
CA LYS F 108 -2.18 23.07 0.88
C LYS F 108 -2.85 24.28 1.49
N ILE F 109 -4.09 24.14 1.96
CA ILE F 109 -4.79 25.27 2.55
C ILE F 109 -4.06 25.76 3.78
N THR F 110 -3.80 24.85 4.73
CA THR F 110 -3.19 25.28 5.98
C THR F 110 -1.73 25.65 5.78
N GLU F 111 -1.13 25.24 4.65
CA GLU F 111 0.20 25.71 4.32
C GLU F 111 0.18 27.15 3.86
N TYR F 112 -0.74 27.48 2.96
CA TYR F 112 -0.84 28.85 2.46
C TYR F 112 -1.10 29.82 3.61
N LEU F 113 -1.84 29.38 4.63
CA LEU F 113 -2.04 30.23 5.78
C LEU F 113 -0.85 30.26 6.70
N LYS F 114 0.22 29.55 6.35
CA LYS F 114 1.48 29.56 7.09
C LYS F 114 1.32 28.96 8.48
N TYR F 115 0.63 27.81 8.55
CA TYR F 115 0.57 26.98 9.73
C TYR F 115 1.13 25.63 9.32
N ARG F 116 2.29 25.24 9.85
CA ARG F 116 2.84 23.96 9.45
C ARG F 116 1.99 22.83 10.00
N VAL F 117 1.91 21.75 9.25
CA VAL F 117 0.99 20.66 9.56
C VAL F 117 1.61 19.81 10.65
N THR F 118 0.79 19.39 11.60
CA THR F 118 1.19 18.38 12.57
C THR F 118 0.66 17.03 12.10
N LYS F 119 1.54 16.02 12.06
CA LYS F 119 1.20 14.75 11.44
C LYS F 119 -0.02 14.13 12.09
N GLY F 120 -0.99 13.72 11.28
CA GLY F 120 -2.20 13.15 11.82
C GLY F 120 -3.05 12.49 10.76
N THR F 121 -4.25 12.11 11.17
CA THR F 121 -5.22 11.45 10.32
C THR F 121 -6.04 12.49 9.56
N VAL F 122 -6.68 12.04 8.47
CA VAL F 122 -7.42 12.95 7.60
C VAL F 122 -8.38 13.80 8.40
N SER F 123 -9.03 13.22 9.41
CA SER F 123 -9.94 13.98 10.26
C SER F 123 -9.23 15.08 11.01
N ASP F 124 -8.02 14.79 11.51
CA ASP F 124 -7.29 15.79 12.26
C ASP F 124 -6.92 16.97 11.38
N PHE F 125 -6.51 16.67 10.15
CA PHE F 125 -6.21 17.73 9.19
C PHE F 125 -7.45 18.56 8.90
N ARG F 126 -8.60 17.89 8.73
CA ARG F 126 -9.84 18.63 8.48
C ARG F 126 -10.15 19.57 9.63
N ASP F 127 -10.06 19.06 10.86
CA ASP F 127 -10.38 19.88 12.02
C ASP F 127 -9.44 21.07 12.14
N ARG F 128 -8.14 20.84 11.98
CA ARG F 128 -7.19 21.95 12.06
C ARG F 128 -7.41 22.95 10.94
N THR F 129 -7.75 22.46 9.75
CA THR F 129 -7.97 23.37 8.63
C THR F 129 -9.15 24.28 8.89
N ILE F 130 -10.25 23.70 9.40
CA ILE F 130 -11.43 24.53 9.75
C ILE F 130 -11.03 25.55 10.81
N GLU F 131 -10.24 25.12 11.81
CA GLU F 131 -9.86 26.02 12.94
C GLU F 131 -9.03 27.22 12.44
N VAL F 132 -8.06 26.98 11.55
CA VAL F 132 -7.16 28.09 11.09
C VAL F 132 -7.87 28.87 9.98
N LEU F 133 -8.88 28.25 9.36
CA LEU F 133 -9.61 28.90 8.28
C LEU F 133 -10.64 29.87 8.84
N LYS F 134 -11.19 29.55 10.01
CA LYS F 134 -12.04 30.52 10.69
C LYS F 134 -11.20 31.54 11.45
N GLY F 135 -9.99 31.15 11.84
CA GLY F 135 -9.14 32.06 12.61
C GLY F 135 -8.60 33.18 11.76
N CYS F 136 -8.09 32.86 10.58
CA CYS F 136 -7.50 33.87 9.69
C CYS F 136 -8.55 34.65 8.93
N GLY F 137 -9.82 34.50 9.28
CA GLY F 137 -10.89 35.25 8.66
C GLY F 137 -10.90 35.19 7.15
N VAL F 138 -10.65 34.01 6.60
CA VAL F 138 -10.62 33.85 5.14
C VAL F 138 -11.99 34.15 4.58
N GLU F 139 -12.01 34.90 3.49
CA GLU F 139 -13.26 35.24 2.81
C GLU F 139 -13.45 34.52 1.50
N MET F 140 -12.38 34.17 0.81
CA MET F 140 -12.48 33.56 -0.51
C MET F 140 -11.36 32.55 -0.67
N LEU F 141 -11.69 31.39 -1.23
CA LEU F 141 -10.75 30.29 -1.42
C LEU F 141 -10.71 29.98 -2.91
N ILE F 142 -9.69 30.53 -3.59
CA ILE F 142 -9.56 30.33 -5.07
C ILE F 142 -8.80 29.03 -5.35
N ILE F 143 -9.51 27.99 -5.78
CA ILE F 143 -8.84 26.70 -6.13
C ILE F 143 -8.49 26.74 -7.62
N ASP F 144 -7.24 27.10 -7.96
CA ASP F 144 -6.83 27.11 -9.35
C ASP F 144 -6.59 25.69 -9.83
N GLU F 145 -6.81 25.48 -11.12
CA GLU F 145 -6.71 24.15 -11.73
C GLU F 145 -7.54 23.16 -10.93
N ALA F 146 -8.80 23.50 -10.74
CA ALA F 146 -9.71 22.73 -9.92
C ALA F 146 -10.33 21.57 -10.66
N ASP F 147 -9.77 21.18 -11.79
CA ASP F 147 -10.15 19.91 -12.40
C ASP F 147 -9.25 18.78 -11.96
N ARG F 148 -8.25 19.08 -11.12
CA ARG F 148 -7.32 18.05 -10.69
C ARG F 148 -7.85 17.26 -9.52
N LEU F 149 -8.41 17.94 -8.52
CA LEU F 149 -8.76 17.29 -7.28
C LEU F 149 -9.87 16.25 -7.50
N LYS F 150 -9.79 15.17 -6.73
CA LYS F 150 -10.61 13.99 -6.93
C LYS F 150 -12.06 14.27 -6.59
N PRO F 151 -12.99 13.46 -7.10
CA PRO F 151 -14.40 13.71 -6.77
C PRO F 151 -14.72 13.61 -5.30
N GLU F 152 -13.92 12.88 -4.54
CA GLU F 152 -14.21 12.69 -3.13
C GLU F 152 -13.70 13.83 -2.26
N THR F 153 -13.12 14.87 -2.85
CA THR F 153 -12.76 16.07 -2.11
C THR F 153 -13.63 17.26 -2.46
N PHE F 154 -14.42 17.17 -3.52
CA PHE F 154 -15.46 18.16 -3.73
C PHE F 154 -16.45 18.16 -2.57
N ALA F 155 -16.62 17.01 -1.91
CA ALA F 155 -17.42 16.98 -0.71
C ALA F 155 -16.83 17.88 0.36
N ASP F 156 -15.52 17.87 0.51
CA ASP F 156 -14.93 18.70 1.56
C ASP F 156 -14.93 20.17 1.18
N VAL F 157 -14.77 20.48 -0.10
CA VAL F 157 -14.82 21.90 -0.49
C VAL F 157 -16.27 22.34 -0.36
N ARG F 158 -17.21 21.42 -0.62
CA ARG F 158 -18.63 21.76 -0.42
C ARG F 158 -18.78 22.05 1.06
N ASP F 159 -18.24 21.17 1.93
CA ASP F 159 -18.35 21.36 3.36
C ASP F 159 -17.82 22.70 3.86
N ILE F 160 -16.64 23.09 3.39
CA ILE F 160 -16.03 24.37 3.72
C ILE F 160 -16.99 25.50 3.35
N ALA F 161 -17.42 25.53 2.09
CA ALA F 161 -18.28 26.60 1.61
C ALA F 161 -19.57 26.46 2.43
N GLU F 162 -20.00 25.22 2.66
CA GLU F 162 -21.23 25.00 3.40
C GLU F 162 -21.28 25.59 4.86
N ASP F 163 -20.19 25.34 5.60
CA ASP F 163 -20.20 25.76 7.03
C ASP F 163 -19.50 27.09 7.33
N LEU F 164 -18.39 27.43 6.67
CA LEU F 164 -17.65 28.62 7.06
C LEU F 164 -18.14 29.88 6.37
N GLY F 165 -19.06 29.71 5.42
CA GLY F 165 -19.51 30.86 4.63
C GLY F 165 -18.32 31.45 3.90
N ILE F 166 -17.64 30.63 3.09
CA ILE F 166 -16.43 31.09 2.36
C ILE F 166 -16.70 30.95 0.86
N ALA F 167 -16.45 32.00 0.09
CA ALA F 167 -16.72 31.96 -1.35
C ALA F 167 -15.62 31.15 -2.01
N VAL F 168 -15.95 29.93 -2.43
CA VAL F 168 -14.99 29.07 -3.09
C VAL F 168 -15.09 29.30 -4.60
N VAL F 169 -13.99 29.71 -5.21
CA VAL F 169 -13.96 30.01 -6.63
C VAL F 169 -13.10 28.95 -7.31
N LEU F 170 -13.72 28.05 -8.05
CA LEU F 170 -12.99 27.00 -8.76
C LEU F 170 -12.56 27.54 -10.12
N VAL F 171 -11.26 27.58 -10.36
CA VAL F 171 -10.73 27.97 -11.65
C VAL F 171 -10.38 26.72 -12.42
N GLY F 172 -10.48 26.76 -13.76
CA GLY F 172 -10.04 25.57 -14.51
C GLY F 172 -10.32 25.63 -16.00
N THR F 173 -9.74 24.70 -16.75
CA THR F 173 -9.99 24.62 -18.22
C THR F 173 -11.45 24.19 -18.31
N ASP F 174 -12.02 24.17 -19.52
CA ASP F 174 -13.43 23.73 -19.72
C ASP F 174 -13.61 22.29 -19.18
N ARG F 175 -12.50 21.54 -19.03
CA ARG F 175 -12.60 20.16 -18.56
C ARG F 175 -13.19 20.19 -17.16
N LEU F 176 -12.89 21.23 -16.39
CA LEU F 176 -13.52 21.40 -15.09
C LEU F 176 -15.03 21.35 -15.05
N ASP F 177 -15.67 21.91 -16.07
CA ASP F 177 -17.13 21.87 -16.16
C ASP F 177 -17.70 20.46 -16.26
N ALA F 178 -17.08 19.63 -17.11
CA ALA F 178 -17.50 18.25 -17.21
C ALA F 178 -17.15 17.57 -15.90
N VAL F 179 -16.03 17.95 -15.28
CA VAL F 179 -15.64 17.33 -14.02
C VAL F 179 -16.69 17.57 -12.96
N ILE F 180 -17.25 18.79 -12.91
CA ILE F 180 -18.32 19.03 -11.96
C ILE F 180 -19.65 18.52 -12.48
N LYS F 181 -19.84 18.44 -13.79
CA LYS F 181 -21.08 17.91 -14.33
C LYS F 181 -21.51 16.50 -13.98
N ARG F 182 -20.56 15.56 -13.94
CA ARG F 182 -20.91 14.19 -13.51
C ARG F 182 -21.23 13.99 -11.99
N ASP F 183 -20.78 14.99 -11.23
CA ASP F 183 -21.11 15.02 -9.79
C ASP F 183 -22.40 15.84 -9.76
N GLU F 184 -23.12 15.80 -8.66
CA GLU F 184 -24.41 16.48 -8.58
C GLU F 184 -24.62 17.81 -7.86
N GLN F 185 -23.96 18.05 -6.73
CA GLN F 185 -24.28 19.23 -5.95
C GLN F 185 -23.23 20.25 -6.33
N VAL F 186 -22.03 19.77 -6.64
CA VAL F 186 -20.92 20.67 -6.97
C VAL F 186 -21.44 21.46 -8.16
N LEU F 187 -22.04 20.78 -9.12
CA LEU F 187 -22.65 21.49 -10.24
C LEU F 187 -23.73 22.49 -9.88
N GLU F 188 -24.57 22.14 -8.89
CA GLU F 188 -25.61 23.08 -8.40
C GLU F 188 -25.04 24.29 -7.60
N ARG F 189 -24.19 23.96 -6.60
CA ARG F 189 -23.47 24.99 -5.82
C ARG F 189 -22.54 25.95 -6.56
N PHE F 190 -21.80 25.45 -7.55
CA PHE F 190 -20.87 26.30 -8.33
C PHE F 190 -21.47 26.50 -9.72
N ARG F 191 -22.41 27.44 -9.84
CA ARG F 191 -23.09 27.68 -11.10
C ARG F 191 -22.93 29.08 -11.64
N ALA F 192 -22.59 30.06 -10.80
CA ALA F 192 -22.22 31.36 -11.33
C ALA F 192 -20.84 31.25 -11.94
N HIS F 193 -20.68 31.79 -13.15
CA HIS F 193 -19.42 31.58 -13.84
C HIS F 193 -19.04 32.81 -14.65
N LEU F 194 -17.78 32.81 -15.09
CA LEU F 194 -17.22 33.94 -15.83
C LEU F 194 -16.22 33.40 -16.83
N ARG F 195 -16.64 33.31 -18.10
CA ARG F 195 -15.78 32.71 -19.15
C ARG F 195 -14.64 33.67 -19.49
N PHE F 196 -13.41 33.17 -19.65
CA PHE F 196 -12.31 34.08 -20.09
C PHE F 196 -12.51 34.48 -21.55
N GLY F 197 -12.30 35.77 -21.87
CA GLY F 197 -12.57 36.27 -23.22
C GLY F 197 -11.45 35.71 -24.08
N LYS F 198 -11.67 35.60 -25.39
CA LYS F 198 -10.61 35.18 -26.34
C LYS F 198 -9.79 36.44 -26.68
N LEU F 199 -10.39 37.64 -26.57
CA LEU F 199 -9.70 38.96 -26.74
C LEU F 199 -9.57 39.41 -28.21
N SER F 200 -10.00 38.61 -29.18
CA SER F 200 -9.76 38.97 -30.61
C SER F 200 -10.50 40.25 -31.04
N GLY F 201 -9.87 41.07 -31.90
CA GLY F 201 -10.52 42.29 -32.45
C GLY F 201 -9.67 43.53 -32.22
N GLU F 202 -10.27 44.73 -32.24
CA GLU F 202 -9.52 45.96 -31.90
C GLU F 202 -8.86 45.90 -30.53
N ASP F 203 -9.58 45.40 -29.52
CA ASP F 203 -9.00 45.23 -28.15
C ASP F 203 -7.71 44.38 -28.20
N PHE F 204 -7.62 43.48 -29.19
CA PHE F 204 -6.44 42.58 -29.27
C PHE F 204 -5.36 43.53 -29.80
N LYS F 205 -5.70 44.39 -30.76
CA LYS F 205 -4.71 45.34 -31.35
C LYS F 205 -4.12 46.20 -30.24
N ASN F 206 -4.96 46.75 -29.36
CA ASN F 206 -4.46 47.52 -28.19
C ASN F 206 -3.47 46.68 -27.36
N THR F 207 -3.89 45.49 -26.93
CA THR F 207 -3.03 44.62 -26.15
C THR F 207 -1.67 44.48 -26.82
N VAL F 208 -1.64 44.34 -28.14
CA VAL F 208 -0.38 44.11 -28.83
C VAL F 208 0.50 45.29 -28.50
N GLU F 209 0.01 46.52 -28.77
CA GLU F 209 0.87 47.67 -28.47
C GLU F 209 1.19 47.84 -26.96
N MET F 210 0.18 47.56 -26.14
CA MET F 210 0.43 47.49 -24.72
C MET F 210 1.54 46.57 -24.22
N TRP F 211 1.84 45.52 -24.99
CA TRP F 211 2.96 44.65 -24.64
C TRP F 211 4.29 45.26 -25.02
N GLU F 212 4.31 46.06 -26.09
CA GLU F 212 5.51 46.74 -26.54
C GLU F 212 6.05 47.67 -25.46
N GLN F 213 5.17 48.47 -24.86
CA GLN F 213 5.64 49.51 -23.95
C GLN F 213 5.84 48.95 -22.55
N MET F 214 4.85 48.20 -22.07
CA MET F 214 4.85 47.75 -20.69
C MET F 214 5.90 46.69 -20.44
N VAL F 215 5.88 45.61 -21.22
CA VAL F 215 6.63 44.41 -20.91
C VAL F 215 7.95 44.34 -21.69
N LEU F 216 7.90 44.72 -22.97
CA LEU F 216 9.12 44.62 -23.83
C LEU F 216 10.15 45.66 -23.37
N LYS F 217 9.72 46.85 -22.95
CA LYS F 217 10.65 47.88 -22.36
C LYS F 217 11.89 48.16 -23.22
N LEU F 218 11.73 48.43 -24.52
CA LEU F 218 12.91 48.65 -25.40
C LEU F 218 13.04 50.13 -25.80
N PRO F 219 14.19 50.71 -26.25
CA PRO F 219 14.19 52.10 -26.73
C PRO F 219 13.16 52.13 -27.87
N VAL F 220 12.37 53.22 -27.97
CA VAL F 220 11.28 53.22 -28.98
C VAL F 220 11.90 52.99 -30.36
N SER F 221 11.36 52.02 -31.10
CA SER F 221 11.92 51.69 -32.44
C SER F 221 10.93 52.13 -33.52
N SER F 222 9.85 52.82 -33.13
CA SER F 222 8.80 53.25 -34.09
C SER F 222 8.20 52.03 -34.80
N ASN F 223 8.23 50.86 -34.16
CA ASN F 223 7.61 49.66 -34.76
C ASN F 223 6.10 49.90 -34.81
N LEU F 224 5.48 50.16 -33.66
CA LEU F 224 4.04 50.52 -33.56
C LEU F 224 3.13 49.35 -33.94
N LYS F 225 3.67 48.13 -34.02
CA LYS F 225 2.83 46.93 -34.30
C LYS F 225 1.92 47.19 -35.50
N SER F 226 2.49 47.53 -36.65
CA SER F 226 1.69 47.90 -37.85
C SER F 226 0.89 46.70 -38.39
N LYS F 227 -0.16 46.97 -39.18
CA LYS F 227 -1.06 45.89 -39.71
C LYS F 227 -0.28 44.64 -40.13
N GLU F 228 0.92 44.78 -40.70
CA GLU F 228 1.76 43.59 -41.02
C GLU F 228 2.04 42.78 -39.74
N MET F 229 2.62 43.40 -38.69
CA MET F 229 2.99 42.64 -37.51
C MET F 229 1.70 42.17 -36.88
N LEU F 230 0.62 42.94 -37.04
CA LEU F 230 -0.65 42.53 -36.45
C LEU F 230 -1.22 41.31 -37.18
N ARG F 231 -1.12 41.29 -38.50
CA ARG F 231 -1.53 40.11 -39.25
C ARG F 231 -0.72 38.90 -38.81
N ILE F 232 0.60 39.09 -38.66
CA ILE F 232 1.46 38.00 -38.22
C ILE F 232 1.00 37.50 -36.86
N LEU F 233 0.75 38.41 -35.92
CA LEU F 233 0.43 37.99 -34.56
C LEU F 233 -0.98 37.43 -34.44
N THR F 234 -1.92 37.96 -35.22
CA THR F 234 -3.26 37.38 -35.23
C THR F 234 -3.12 36.03 -35.89
N SER F 235 -2.28 35.95 -36.92
CA SER F 235 -2.05 34.68 -37.59
C SER F 235 -1.44 33.62 -36.64
N ALA F 236 -0.49 34.07 -35.82
CA ALA F 236 0.23 33.15 -34.95
C ALA F 236 -0.37 32.82 -33.59
N THR F 237 -0.75 33.84 -32.83
CA THR F 237 -1.20 33.66 -31.45
C THR F 237 -2.63 33.15 -31.35
N GLU F 238 -3.48 33.45 -32.32
CA GLU F 238 -4.91 33.17 -32.26
C GLU F 238 -5.60 33.82 -31.08
N GLY F 239 -5.00 34.84 -30.48
CA GLY F 239 -5.62 35.60 -29.42
C GLY F 239 -5.20 35.21 -28.03
N TYR F 240 -4.64 34.02 -27.86
CA TYR F 240 -4.20 33.60 -26.54
C TYR F 240 -3.13 34.55 -26.01
N ILE F 241 -3.39 35.13 -24.84
CA ILE F 241 -2.38 35.97 -24.20
C ILE F 241 -1.10 35.19 -24.00
N GLY F 242 -1.18 33.93 -23.71
CA GLY F 242 0.07 33.24 -23.45
C GLY F 242 0.90 33.35 -24.66
N ARG F 243 0.33 32.97 -25.81
CA ARG F 243 1.12 32.93 -27.07
C ARG F 243 1.61 34.33 -27.42
N LEU F 244 0.77 35.35 -27.24
CA LEU F 244 1.25 36.73 -27.47
C LEU F 244 2.53 36.92 -26.65
N ASP F 245 2.51 36.49 -25.39
CA ASP F 245 3.66 36.71 -24.51
C ASP F 245 4.83 35.83 -24.93
N GLU F 246 4.57 34.54 -25.14
CA GLU F 246 5.64 33.59 -25.53
C GLU F 246 6.33 34.08 -26.80
N ILE F 247 5.55 34.47 -27.83
CA ILE F 247 6.14 34.87 -29.10
C ILE F 247 6.96 36.14 -28.94
N LEU F 248 6.40 37.13 -28.25
CA LEU F 248 7.09 38.42 -28.19
C LEU F 248 8.39 38.30 -27.40
N ARG F 249 8.36 37.59 -26.27
CA ARG F 249 9.60 37.39 -25.53
C ARG F 249 10.66 36.65 -26.32
N GLU F 250 10.27 35.59 -27.02
CA GLU F 250 11.22 34.85 -27.85
C GLU F 250 11.86 35.72 -28.92
N ALA F 251 11.02 36.52 -29.59
CA ALA F 251 11.50 37.36 -30.68
C ALA F 251 12.45 38.40 -30.11
N ALA F 252 12.09 38.98 -28.96
CA ALA F 252 12.95 39.98 -28.34
C ALA F 252 14.29 39.36 -27.95
N ILE F 253 14.26 38.19 -27.31
CA ILE F 253 15.49 37.53 -26.88
C ILE F 253 16.34 37.19 -28.09
N ARG F 254 15.73 36.64 -29.14
CA ARG F 254 16.49 36.29 -30.33
C ARG F 254 17.15 37.53 -30.93
N SER F 255 16.39 38.61 -31.09
CA SER F 255 16.90 39.79 -31.75
C SER F 255 18.02 40.43 -30.95
N LEU F 256 17.92 40.39 -29.62
CA LEU F 256 18.98 40.96 -28.81
C LEU F 256 20.20 40.04 -28.76
N SER F 257 19.98 38.74 -28.91
CA SER F 257 21.11 37.81 -28.93
C SER F 257 21.89 37.94 -30.23
N ARG F 258 21.20 38.20 -31.34
CA ARG F 258 21.90 38.38 -32.60
C ARG F 258 22.33 39.81 -32.84
N GLY F 259 22.24 40.68 -31.83
CA GLY F 259 22.73 42.04 -31.90
C GLY F 259 21.68 43.03 -32.38
N LEU F 260 20.61 42.55 -32.99
CA LEU F 260 19.58 43.45 -33.50
C LEU F 260 18.98 44.26 -32.36
N LYS F 261 18.84 45.56 -32.57
CA LYS F 261 18.44 46.44 -31.47
C LYS F 261 16.93 46.40 -31.29
N LYS F 262 16.18 46.46 -32.39
CA LYS F 262 14.76 46.17 -32.37
C LYS F 262 14.39 44.78 -32.91
N ILE F 263 13.08 44.51 -33.00
CA ILE F 263 12.60 43.21 -33.53
C ILE F 263 12.36 43.33 -35.04
N ASP F 264 13.03 42.49 -35.85
CA ASP F 264 12.86 42.50 -37.33
C ASP F 264 11.62 41.70 -37.73
N LYS F 265 11.21 41.79 -39.00
CA LYS F 265 10.09 40.93 -39.48
C LYS F 265 10.62 39.50 -39.58
N ALA F 266 11.94 39.34 -39.80
CA ALA F 266 12.54 38.02 -39.97
C ALA F 266 12.29 37.14 -38.74
N VAL F 267 12.62 37.66 -37.56
CA VAL F 267 12.50 36.85 -36.36
C VAL F 267 11.02 36.60 -36.05
N LEU F 268 10.16 37.54 -36.46
CA LEU F 268 8.69 37.34 -36.25
C LEU F 268 8.22 36.18 -37.12
N GLN F 269 8.65 36.14 -38.39
CA GLN F 269 8.34 34.98 -39.21
C GLN F 269 8.91 33.69 -38.65
N GLU F 270 10.11 33.76 -38.07
CA GLU F 270 10.73 32.61 -37.43
C GLU F 270 9.83 32.02 -36.36
N VAL F 271 9.43 32.82 -35.37
CA VAL F 271 8.66 32.25 -34.28
C VAL F 271 7.29 31.83 -34.77
N ALA F 272 6.74 32.56 -35.74
CA ALA F 272 5.47 32.16 -36.32
C ALA F 272 5.56 30.76 -36.89
N LYS F 273 6.53 30.50 -37.76
CA LYS F 273 6.63 29.15 -38.31
C LYS F 273 6.92 28.07 -37.28
N GLU F 274 7.64 28.42 -36.22
CA GLU F 274 8.09 27.41 -35.28
C GLU F 274 7.03 27.12 -34.20
N TYR F 275 5.86 27.74 -34.38
CA TYR F 275 4.71 27.44 -33.48
C TYR F 275 3.80 26.60 -34.37
N LYS F 276 3.33 27.20 -35.47
CA LYS F 276 2.46 26.47 -36.42
C LYS F 276 3.29 26.09 -37.65
N ASP G 17 46.76 -10.29 -35.27
CA ASP G 17 45.82 -9.79 -36.28
C ASP G 17 44.40 -10.22 -35.92
N ASP G 18 44.25 -11.46 -35.46
CA ASP G 18 42.97 -11.86 -34.89
C ASP G 18 42.64 -11.02 -33.67
N GLU G 19 43.67 -10.65 -32.90
CA GLU G 19 43.51 -9.64 -31.87
C GLU G 19 42.99 -8.34 -32.49
N TRP G 20 43.61 -7.92 -33.59
CA TRP G 20 43.14 -6.75 -34.33
C TRP G 20 41.71 -6.97 -34.84
N LEU G 21 41.38 -8.19 -35.25
CA LEU G 21 40.03 -8.47 -35.72
C LEU G 21 39.02 -8.33 -34.60
N GLN G 22 39.37 -8.77 -33.39
CA GLN G 22 38.49 -8.56 -32.25
C GLN G 22 38.33 -7.09 -31.97
N ALA G 23 39.43 -6.32 -32.08
CA ALA G 23 39.33 -4.88 -31.93
C ALA G 23 38.35 -4.29 -32.95
N GLU G 24 38.44 -4.76 -34.18
CA GLU G 24 37.59 -4.20 -35.27
C GLU G 24 36.10 -4.45 -35.06
N ILE G 25 35.72 -5.70 -34.77
CA ILE G 25 34.28 -6.03 -34.61
C ILE G 25 33.73 -5.30 -33.37
N ALA G 26 34.54 -5.18 -32.31
CA ALA G 26 34.10 -4.53 -31.06
C ALA G 26 33.93 -3.04 -31.37
N ARG G 27 34.87 -2.45 -32.11
CA ARG G 27 34.78 -1.02 -32.39
C ARG G 27 33.60 -0.73 -33.32
N LEU G 28 33.37 -1.59 -34.31
CA LEU G 28 32.23 -1.41 -35.20
C LEU G 28 30.93 -1.68 -34.46
N LYS G 29 30.95 -2.63 -33.53
CA LYS G 29 29.78 -2.91 -32.72
C LYS G 29 29.29 -1.68 -31.98
N GLY G 30 30.17 -1.02 -31.24
CA GLY G 30 29.79 0.18 -30.52
C GLY G 30 29.57 1.34 -31.46
N LYS G 31 28.64 2.21 -31.06
CA LYS G 31 28.26 3.34 -31.94
C LYS G 31 29.08 4.58 -31.63
N SER G 32 29.10 5.52 -32.56
CA SER G 32 29.85 6.77 -32.43
C SER G 32 28.88 7.92 -32.62
N ILE G 33 29.38 9.13 -32.48
CA ILE G 33 28.57 10.33 -32.70
C ILE G 33 29.26 11.17 -33.77
N VAL G 34 28.82 11.03 -35.01
CA VAL G 34 29.40 11.80 -36.11
C VAL G 34 28.62 13.11 -36.23
N PRO G 35 29.27 14.24 -36.04
CA PRO G 35 28.53 15.50 -35.96
C PRO G 35 28.10 16.02 -37.32
N LEU G 36 26.80 16.11 -37.54
CA LEU G 36 26.26 16.63 -38.78
C LEU G 36 25.22 17.70 -38.50
N GLN G 37 24.70 18.29 -39.58
CA GLN G 37 23.92 19.52 -39.47
C GLN G 37 22.72 19.36 -38.54
N GLN G 38 22.18 18.14 -38.47
CA GLN G 38 20.98 17.94 -37.67
C GLN G 38 21.24 18.23 -36.20
N VAL G 39 22.29 17.63 -35.63
CA VAL G 39 22.54 17.78 -34.20
C VAL G 39 22.97 19.21 -33.89
N LYS G 40 23.61 19.86 -34.85
CA LYS G 40 24.04 21.24 -34.63
C LYS G 40 22.85 22.17 -34.58
N THR G 41 21.90 21.97 -35.49
CA THR G 41 20.67 22.75 -35.44
C THR G 41 19.92 22.50 -34.15
N LEU G 42 19.87 21.23 -33.73
CA LEU G 42 19.18 20.92 -32.48
C LEU G 42 19.80 21.59 -31.27
N HIS G 43 21.14 21.57 -31.20
CA HIS G 43 21.85 22.20 -30.05
C HIS G 43 21.57 23.71 -30.05
N ASP G 44 21.65 24.34 -31.23
CA ASP G 44 21.41 25.77 -31.30
C ASP G 44 19.98 26.06 -30.83
N TRP G 45 19.03 25.28 -31.32
CA TRP G 45 17.64 25.44 -30.91
C TRP G 45 17.47 25.27 -29.41
N LEU G 46 18.10 24.24 -28.85
CA LEU G 46 17.93 23.97 -27.43
C LEU G 46 18.62 25.02 -26.59
N ASP G 47 19.75 25.54 -27.04
CA ASP G 47 20.37 26.66 -26.34
C ASP G 47 19.42 27.86 -26.34
N GLY G 48 18.82 28.16 -27.49
CA GLY G 48 17.87 29.26 -27.53
C GLY G 48 16.71 29.06 -26.56
N LYS G 49 16.17 27.85 -26.51
CA LYS G 49 15.08 27.60 -25.57
C LYS G 49 15.53 27.66 -24.13
N ARG G 50 16.76 27.21 -23.84
CA ARG G 50 17.20 27.12 -22.45
C ARG G 50 17.56 28.49 -21.89
N LYS G 51 18.11 29.36 -22.73
CA LYS G 51 18.37 30.72 -22.28
C LYS G 51 17.08 31.43 -21.91
N ALA G 52 15.96 31.00 -22.50
CA ALA G 52 14.68 31.62 -22.28
C ALA G 52 13.76 30.81 -21.38
N ARG G 53 14.26 29.71 -20.81
CA ARG G 53 13.41 28.80 -19.98
C ARG G 53 12.12 28.55 -20.74
N LYS G 54 12.23 28.07 -21.99
CA LYS G 54 11.11 27.88 -22.88
C LYS G 54 10.94 26.39 -23.10
N SER G 55 9.73 25.89 -22.91
CA SER G 55 9.44 24.47 -23.06
C SER G 55 9.00 24.24 -24.50
N CYS G 56 9.73 23.40 -25.22
CA CYS G 56 9.38 23.07 -26.58
C CYS G 56 9.18 21.57 -26.67
N ARG G 57 8.87 21.07 -27.86
CA ARG G 57 8.81 19.63 -28.07
C ARG G 57 9.50 19.41 -29.40
N VAL G 58 10.51 18.54 -29.42
CA VAL G 58 11.32 18.42 -30.61
C VAL G 58 10.88 17.09 -31.21
N VAL G 59 9.95 17.15 -32.16
CA VAL G 59 9.34 15.95 -32.69
C VAL G 59 10.14 15.57 -33.93
N GLY G 60 9.89 14.36 -34.40
CA GLY G 60 10.58 13.88 -35.58
C GLY G 60 10.13 12.48 -35.92
N GLU G 61 10.77 11.90 -36.92
CA GLU G 61 10.43 10.56 -37.34
C GLU G 61 11.11 9.55 -36.43
N SER G 62 10.95 8.28 -36.74
CA SER G 62 11.52 7.22 -35.92
C SER G 62 12.72 6.75 -36.74
N ARG G 63 13.76 6.25 -36.04
CA ARG G 63 15.04 5.80 -36.69
C ARG G 63 15.69 6.98 -37.43
N THR G 64 15.74 8.13 -36.80
CA THR G 64 16.27 9.35 -37.38
C THR G 64 17.31 10.22 -36.71
N GLY G 65 17.70 9.90 -35.48
CA GLY G 65 18.80 10.60 -34.84
C GLY G 65 18.38 11.61 -33.79
N LYS G 66 17.30 11.35 -33.08
CA LYS G 66 16.84 12.28 -32.05
C LYS G 66 17.49 12.00 -30.72
N THR G 67 17.44 10.75 -30.27
CA THR G 67 18.00 10.40 -28.97
C THR G 67 19.49 10.69 -28.93
N VAL G 68 20.20 10.38 -30.02
CA VAL G 68 21.63 10.63 -30.04
C VAL G 68 21.93 12.11 -29.95
N ALA G 69 21.13 12.94 -30.63
CA ALA G 69 21.36 14.37 -30.59
C ALA G 69 21.08 14.93 -29.20
N CYS G 70 20.00 14.48 -28.56
CA CYS G 70 19.73 14.93 -27.21
C CYS G 70 20.82 14.48 -26.25
N ASP G 71 21.35 13.28 -26.46
CA ASP G 71 22.46 12.81 -25.62
C ASP G 71 23.69 13.68 -25.81
N ALA G 72 24.03 13.98 -27.06
CA ALA G 72 25.17 14.84 -27.31
C ALA G 72 24.99 16.20 -26.64
N TYR G 73 23.78 16.74 -26.70
CA TYR G 73 23.53 18.01 -26.02
C TYR G 73 23.69 17.84 -24.51
N ARG G 74 23.31 16.68 -23.99
CA ARG G 74 23.45 16.42 -22.54
C ARG G 74 24.93 16.39 -22.16
N TYR G 75 25.78 15.82 -23.03
CA TYR G 75 27.20 15.69 -22.70
C TYR G 75 28.13 16.90 -22.77
N ARG G 76 27.91 17.75 -23.79
CA ARG G 76 28.75 18.99 -23.93
C ARG G 76 28.60 19.82 -22.65
N HIS G 77 27.36 19.96 -22.17
CA HIS G 77 27.18 20.47 -20.77
C HIS G 77 27.21 19.43 -19.60
N LYS G 78 28.37 18.79 -19.42
CA LYS G 78 28.52 17.86 -18.27
C LYS G 78 28.55 18.72 -17.02
N PRO G 79 27.81 18.39 -15.93
CA PRO G 79 27.75 19.28 -14.77
C PRO G 79 29.12 19.54 -14.15
N GLN G 80 29.43 20.82 -13.90
CA GLN G 80 30.70 21.17 -13.22
C GLN G 80 30.33 21.40 -11.76
N GLN G 81 30.72 20.47 -10.87
CA GLN G 81 30.22 20.60 -9.48
C GLN G 81 31.13 21.49 -8.64
N GLU G 82 30.55 22.33 -7.79
CA GLU G 82 31.38 23.04 -6.82
C GLU G 82 32.12 21.99 -5.99
N ALA G 83 33.29 22.37 -5.48
CA ALA G 83 34.12 21.49 -4.65
C ALA G 83 33.41 20.66 -3.61
N GLY G 84 32.43 21.22 -2.92
CA GLY G 84 31.67 20.49 -1.92
C GLY G 84 30.17 20.63 -1.97
N ARG G 85 29.62 21.28 -2.98
CA ARG G 85 28.18 21.49 -3.02
C ARG G 85 27.53 20.58 -4.06
N PRO G 86 26.21 20.44 -4.01
CA PRO G 86 25.52 19.65 -5.04
C PRO G 86 25.87 20.13 -6.43
N PRO G 87 26.07 19.21 -7.37
CA PRO G 87 26.52 19.61 -8.70
C PRO G 87 25.42 20.33 -9.45
N THR G 88 25.75 21.48 -10.01
CA THR G 88 24.79 22.23 -10.81
C THR G 88 24.63 21.53 -12.14
N VAL G 89 23.61 20.71 -12.27
CA VAL G 89 23.32 19.99 -13.50
C VAL G 89 22.42 20.84 -14.37
N PRO G 90 22.94 21.52 -15.39
CA PRO G 90 22.08 22.42 -16.17
C PRO G 90 21.03 21.70 -16.98
N VAL G 91 21.37 20.57 -17.60
CA VAL G 91 20.46 19.84 -18.47
C VAL G 91 20.27 18.46 -17.88
N VAL G 92 19.00 18.04 -17.75
CA VAL G 92 18.67 16.72 -17.23
C VAL G 92 17.93 15.97 -18.32
N TYR G 93 18.42 14.78 -18.65
CA TYR G 93 17.84 13.96 -19.71
C TYR G 93 17.35 12.65 -19.10
N ILE G 94 16.08 12.33 -19.32
CA ILE G 94 15.49 11.09 -18.82
C ILE G 94 14.65 10.67 -20.01
N ARG G 95 14.52 9.34 -20.14
CA ARG G 95 13.65 8.74 -21.18
C ARG G 95 12.79 7.72 -20.41
N PRO G 96 11.62 8.10 -19.88
CA PRO G 96 10.80 7.21 -19.03
C PRO G 96 10.43 5.82 -19.57
N HIS G 97 10.12 4.88 -18.67
CA HIS G 97 9.68 3.57 -19.12
C HIS G 97 8.21 3.60 -19.52
N GLN G 98 7.74 2.48 -20.06
CA GLN G 98 6.40 2.42 -20.59
C GLN G 98 5.36 2.72 -19.52
N LYS G 99 4.42 3.59 -19.86
CA LYS G 99 3.40 4.09 -18.93
C LYS G 99 4.04 4.54 -17.62
N CYS G 100 4.89 5.55 -17.73
CA CYS G 100 5.55 6.14 -16.58
C CYS G 100 4.52 6.92 -15.79
N GLY G 101 4.22 6.48 -14.58
CA GLY G 101 3.37 7.22 -13.70
C GLY G 101 4.10 8.38 -13.08
N PRO G 102 3.38 9.19 -12.30
CA PRO G 102 4.01 10.34 -11.66
C PRO G 102 5.11 9.95 -10.68
N LYS G 103 4.94 8.84 -9.97
CA LYS G 103 5.99 8.37 -9.08
C LYS G 103 7.24 7.99 -9.86
N ASP G 104 7.05 7.31 -10.99
CA ASP G 104 8.18 6.79 -11.73
C ASP G 104 8.99 7.91 -12.35
N LEU G 105 8.31 8.93 -12.86
CA LEU G 105 9.01 10.08 -13.42
C LEU G 105 9.87 10.75 -12.37
N PHE G 106 9.35 10.91 -11.16
CA PHE G 106 10.14 11.52 -10.10
C PHE G 106 11.32 10.66 -9.72
N LYS G 107 11.11 9.33 -9.69
CA LYS G 107 12.23 8.44 -9.42
C LYS G 107 13.32 8.64 -10.45
N LYS G 108 12.95 8.69 -11.73
CA LYS G 108 13.97 8.86 -12.77
C LYS G 108 14.66 10.20 -12.67
N ILE G 109 13.90 11.27 -12.40
CA ILE G 109 14.51 12.59 -12.32
C ILE G 109 15.51 12.63 -11.17
N THR G 110 15.07 12.27 -9.98
CA THR G 110 15.95 12.38 -8.82
C THR G 110 17.05 11.33 -8.87
N GLU G 111 16.90 10.29 -9.70
CA GLU G 111 17.99 9.36 -9.92
C GLU G 111 19.06 9.98 -10.79
N TYR G 112 18.66 10.61 -11.90
CA TYR G 112 19.64 11.23 -12.78
C TYR G 112 20.45 12.28 -12.04
N LEU G 113 19.82 12.96 -11.08
CA LEU G 113 20.56 13.93 -10.28
C LEU G 113 21.41 13.26 -9.22
N LYS G 114 21.40 11.93 -9.16
CA LYS G 114 22.24 11.15 -8.25
C LYS G 114 21.88 11.41 -6.79
N TYR G 115 20.57 11.39 -6.51
CA TYR G 115 20.05 11.38 -5.15
C TYR G 115 19.22 10.12 -5.04
N ARG G 116 19.65 9.16 -4.24
CA ARG G 116 18.87 7.93 -4.13
C ARG G 116 17.56 8.21 -3.42
N VAL G 117 16.52 7.50 -3.82
CA VAL G 117 15.16 7.76 -3.35
C VAL G 117 15.00 7.17 -1.97
N THR G 118 14.33 7.91 -1.10
CA THR G 118 13.90 7.38 0.18
C THR G 118 12.43 6.96 0.04
N LYS G 119 12.12 5.74 0.46
CA LYS G 119 10.81 5.16 0.21
C LYS G 119 9.71 6.03 0.80
N GLY G 120 8.70 6.34 0.00
CA GLY G 120 7.62 7.18 0.46
C GLY G 120 6.44 7.20 -0.48
N THR G 121 5.53 8.10 -0.19
CA THR G 121 4.30 8.29 -0.96
C THR G 121 4.56 9.23 -2.13
N VAL G 122 3.66 9.18 -3.13
CA VAL G 122 3.83 9.97 -4.34
C VAL G 122 4.10 11.43 -4.00
N SER G 123 3.42 11.95 -3.00
CA SER G 123 3.62 13.33 -2.59
C SER G 123 5.04 13.56 -2.08
N ASP G 124 5.57 12.61 -1.32
CA ASP G 124 6.91 12.75 -0.79
C ASP G 124 7.94 12.79 -1.91
N PHE G 125 7.76 11.92 -2.90
CA PHE G 125 8.62 11.94 -4.07
C PHE G 125 8.54 13.26 -4.80
N ARG G 126 7.33 13.79 -4.96
CA ARG G 126 7.17 15.08 -5.63
C ARG G 126 7.93 16.18 -4.88
N ASP G 127 7.75 16.21 -3.56
CA ASP G 127 8.40 17.25 -2.77
C ASP G 127 9.91 17.14 -2.84
N ARG G 128 10.45 15.93 -2.71
CA ARG G 128 11.90 15.76 -2.80
C ARG G 128 12.42 16.10 -4.19
N THR G 129 11.64 15.77 -5.22
CA THR G 129 12.08 16.05 -6.58
C THR G 129 12.17 17.54 -6.81
N ILE G 130 11.16 18.29 -6.34
CA ILE G 130 11.20 19.77 -6.47
C ILE G 130 12.42 20.30 -5.70
N GLU G 131 12.68 19.76 -4.51
CA GLU G 131 13.79 20.26 -3.65
C GLU G 131 15.15 20.05 -4.33
N VAL G 132 15.38 18.87 -4.94
CA VAL G 132 16.72 18.58 -5.54
C VAL G 132 16.76 19.20 -6.93
N LEU G 133 15.60 19.50 -7.51
CA LEU G 133 15.55 20.09 -8.84
C LEU G 133 15.82 21.58 -8.77
N LYS G 134 15.43 22.23 -7.68
CA LYS G 134 15.84 23.61 -7.49
C LYS G 134 17.25 23.68 -6.93
N GLY G 135 17.69 22.64 -6.24
CA GLY G 135 19.02 22.67 -5.64
C GLY G 135 20.11 22.54 -6.68
N CYS G 136 19.96 21.60 -7.61
CA CYS G 136 20.97 21.37 -8.63
C CYS G 136 20.89 22.38 -9.77
N GLY G 137 20.10 23.43 -9.61
CA GLY G 137 20.00 24.47 -10.61
C GLY G 137 19.71 23.99 -12.01
N VAL G 138 18.81 23.01 -12.13
CA VAL G 138 18.48 22.45 -13.43
C VAL G 138 17.85 23.53 -14.29
N GLU G 139 18.28 23.61 -15.55
CA GLU G 139 17.74 24.56 -16.49
C GLU G 139 16.85 23.94 -17.54
N MET G 140 17.08 22.69 -17.91
CA MET G 140 16.33 22.04 -18.98
C MET G 140 16.12 20.58 -18.64
N LEU G 141 14.92 20.09 -18.86
CA LEU G 141 14.54 18.72 -18.56
C LEU G 141 14.09 18.06 -19.86
N ILE G 142 15.00 17.30 -20.49
CA ILE G 142 14.69 16.65 -21.80
C ILE G 142 14.05 15.29 -21.54
N ILE G 143 12.73 15.20 -21.75
CA ILE G 143 12.02 13.89 -21.58
C ILE G 143 12.03 13.17 -22.93
N ASP G 144 12.98 12.25 -23.14
CA ASP G 144 13.01 11.49 -24.38
C ASP G 144 11.94 10.42 -24.37
N GLU G 145 11.44 10.09 -25.55
CA GLU G 145 10.34 9.15 -25.71
C GLU G 145 9.18 9.55 -24.80
N ALA G 146 8.77 10.80 -24.94
CA ALA G 146 7.75 11.39 -24.10
C ALA G 146 6.34 11.07 -24.56
N ASP G 147 6.17 10.06 -25.41
CA ASP G 147 4.85 9.53 -25.67
C ASP G 147 4.52 8.37 -24.76
N ARG G 148 5.47 7.97 -23.89
CA ARG G 148 5.23 6.83 -23.02
C ARG G 148 4.47 7.22 -21.77
N LEU G 149 4.84 8.33 -21.14
CA LEU G 149 4.30 8.66 -19.83
C LEU G 149 2.81 8.95 -19.92
N LYS G 150 2.10 8.58 -18.87
CA LYS G 150 0.64 8.57 -18.84
C LYS G 150 0.09 9.98 -18.86
N PRO G 151 -1.17 10.15 -19.24
CA PRO G 151 -1.73 11.51 -19.25
C PRO G 151 -1.76 12.17 -17.90
N GLU G 152 -1.78 11.39 -16.82
CA GLU G 152 -1.88 11.97 -15.49
C GLU G 152 -0.54 12.41 -14.93
N THR G 153 0.54 12.29 -15.70
CA THR G 153 1.83 12.86 -15.31
C THR G 153 2.24 14.05 -16.13
N PHE G 154 1.53 14.31 -17.24
CA PHE G 154 1.71 15.59 -17.91
C PHE G 154 1.32 16.72 -16.98
N ALA G 155 0.40 16.48 -16.06
CA ALA G 155 0.09 17.49 -15.05
C ALA G 155 1.33 17.80 -14.22
N ASP G 156 2.11 16.79 -13.85
CA ASP G 156 3.26 17.06 -13.01
C ASP G 156 4.39 17.70 -13.81
N VAL G 157 4.54 17.33 -15.08
CA VAL G 157 5.59 17.97 -15.87
C VAL G 157 5.14 19.40 -16.14
N ARG G 158 3.82 19.60 -16.27
CA ARG G 158 3.32 20.98 -16.42
C ARG G 158 3.68 21.71 -15.13
N ASP G 159 3.42 21.11 -13.98
CA ASP G 159 3.74 21.73 -12.70
C ASP G 159 5.19 22.13 -12.54
N ILE G 160 6.10 21.24 -12.90
CA ILE G 160 7.53 21.51 -12.88
C ILE G 160 7.84 22.73 -13.72
N ALA G 161 7.42 22.72 -14.99
CA ALA G 161 7.72 23.80 -15.89
C ALA G 161 6.99 25.01 -15.32
N GLU G 162 5.78 24.80 -14.80
CA GLU G 162 5.01 25.91 -14.25
C GLU G 162 5.69 26.69 -13.07
N ASP G 163 6.22 25.92 -12.10
CA ASP G 163 6.77 26.58 -10.88
C ASP G 163 8.29 26.80 -10.89
N LEU G 164 9.10 25.88 -11.42
CA LEU G 164 10.55 26.01 -11.28
C LEU G 164 11.17 26.84 -12.40
N GLY G 165 10.36 27.19 -13.39
CA GLY G 165 10.91 27.90 -14.56
C GLY G 165 11.96 27.02 -15.20
N ILE G 166 11.56 25.80 -15.61
CA ILE G 166 12.51 24.84 -16.22
C ILE G 166 12.01 24.53 -17.63
N ALA G 167 12.89 24.62 -18.63
CA ALA G 167 12.48 24.37 -20.01
C ALA G 167 12.36 22.88 -20.20
N VAL G 168 11.12 22.39 -20.30
CA VAL G 168 10.87 20.96 -20.49
C VAL G 168 10.77 20.70 -21.98
N VAL G 169 11.64 19.84 -22.50
CA VAL G 169 11.68 19.53 -23.92
C VAL G 169 11.22 18.09 -24.09
N LEU G 170 10.02 17.90 -24.62
CA LEU G 170 9.48 16.55 -24.85
C LEU G 170 9.96 16.07 -26.22
N VAL G 171 10.70 14.98 -26.24
CA VAL G 171 11.14 14.35 -27.46
C VAL G 171 10.20 13.19 -27.76
N GLY G 172 9.97 12.88 -29.04
CA GLY G 172 9.15 11.68 -29.31
C GLY G 172 8.80 11.48 -30.78
N THR G 173 8.28 10.30 -31.11
CA THR G 173 7.86 10.02 -32.51
C THR G 173 6.65 10.93 -32.71
N ASP G 174 6.12 11.01 -33.93
CA ASP G 174 4.93 11.85 -34.23
C ASP G 174 3.75 11.41 -33.32
N ARG G 175 3.81 10.20 -32.78
CA ARG G 175 2.71 9.72 -31.94
C ARG G 175 2.60 10.64 -30.74
N LEU G 176 3.73 11.18 -30.28
CA LEU G 176 3.70 12.16 -29.20
C LEU G 176 2.80 13.36 -29.42
N ASP G 177 2.74 13.85 -30.66
CA ASP G 177 1.87 14.97 -30.97
C ASP G 177 0.38 14.68 -30.74
N ALA G 178 -0.05 13.49 -31.18
CA ALA G 178 -1.43 13.09 -30.94
C ALA G 178 -1.58 12.88 -29.44
N VAL G 179 -0.53 12.36 -28.79
CA VAL G 179 -0.62 12.12 -27.36
C VAL G 179 -0.86 13.41 -26.61
N ILE G 180 -0.20 14.50 -27.02
CA ILE G 180 -0.47 15.77 -26.38
C ILE G 180 -1.72 16.41 -26.94
N LYS G 181 -2.09 16.11 -28.19
CA LYS G 181 -3.30 16.68 -28.75
C LYS G 181 -4.64 16.41 -28.07
N ARG G 182 -4.85 15.19 -27.59
CA ARG G 182 -6.08 14.91 -26.84
C ARG G 182 -6.20 15.53 -25.40
N ASP G 183 -5.02 15.90 -24.92
CA ASP G 183 -4.96 16.64 -23.64
C ASP G 183 -5.04 18.09 -24.06
N GLU G 184 -5.31 19.00 -23.14
CA GLU G 184 -5.49 20.40 -23.49
C GLU G 184 -4.44 21.46 -23.25
N GLN G 185 -3.69 21.41 -22.15
CA GLN G 185 -2.81 22.52 -21.82
C GLN G 185 -1.44 22.07 -22.31
N VAL G 186 -1.18 20.77 -22.24
CA VAL G 186 0.13 20.24 -22.64
C VAL G 186 0.29 20.69 -24.07
N LEU G 187 -0.75 20.53 -24.88
CA LEU G 187 -0.69 21.04 -26.24
C LEU G 187 -0.46 22.53 -26.39
N GLU G 188 -1.08 23.31 -25.51
CA GLU G 188 -0.84 24.79 -25.51
C GLU G 188 0.59 25.19 -25.02
N ARG G 189 0.96 24.65 -23.84
CA ARG G 189 2.32 24.84 -23.28
C ARG G 189 3.51 24.37 -24.11
N PHE G 190 3.38 23.21 -24.76
CA PHE G 190 4.48 22.65 -25.59
C PHE G 190 4.09 22.80 -27.05
N ARG G 191 4.29 24.01 -27.61
CA ARG G 191 3.90 24.29 -28.99
C ARG G 191 5.05 24.71 -29.88
N ALA G 192 6.15 25.19 -29.33
CA ALA G 192 7.34 25.40 -30.15
C ALA G 192 7.94 24.04 -30.46
N HIS G 193 8.28 23.82 -31.71
CA HIS G 193 8.73 22.48 -32.09
C HIS G 193 9.81 22.56 -33.15
N LEU G 194 10.48 21.42 -33.36
CA LEU G 194 11.59 21.33 -34.30
C LEU G 194 11.57 19.92 -34.89
N ARG G 195 11.06 19.82 -36.13
CA ARG G 195 10.92 18.50 -36.78
C ARG G 195 12.29 17.97 -37.20
N PHE G 196 12.56 16.68 -36.99
CA PHE G 196 13.86 16.12 -37.48
C PHE G 196 13.86 16.04 -39.01
N GLY G 197 14.95 16.43 -39.66
CA GLY G 197 15.01 16.49 -41.13
C GLY G 197 15.06 15.03 -41.57
N LYS G 198 14.65 14.75 -42.82
CA LYS G 198 14.78 13.38 -43.40
C LYS G 198 16.21 13.28 -43.94
N LEU G 199 16.84 14.41 -44.30
CA LEU G 199 18.28 14.46 -44.74
C LEU G 199 18.50 14.14 -46.22
N SER G 200 17.46 13.78 -46.98
CA SER G 200 17.65 13.33 -48.39
C SER G 200 18.21 14.44 -49.31
N GLY G 201 19.10 14.09 -50.25
CA GLY G 201 19.63 15.06 -51.23
C GLY G 201 21.15 15.09 -51.24
N GLU G 202 21.76 16.18 -51.73
CA GLU G 202 23.24 16.30 -51.65
C GLU G 202 23.77 16.17 -50.22
N ASP G 203 23.12 16.81 -49.26
CA ASP G 203 23.52 16.67 -47.83
C ASP G 203 23.56 15.19 -47.39
N PHE G 204 22.73 14.35 -48.04
CA PHE G 204 22.68 12.92 -47.64
C PHE G 204 23.99 12.38 -48.24
N LYS G 205 24.33 12.80 -49.45
CA LYS G 205 25.57 12.30 -50.12
C LYS G 205 26.77 12.61 -49.22
N ASN G 206 26.87 13.84 -48.72
CA ASN G 206 27.95 14.19 -47.76
C ASN G 206 27.98 13.23 -46.56
N THR G 207 26.83 13.08 -45.88
CA THR G 207 26.74 12.19 -44.74
C THR G 207 27.32 10.82 -45.08
N VAL G 208 27.00 10.33 -46.28
CA VAL G 208 27.44 8.98 -46.64
C VAL G 208 28.95 8.99 -46.54
N GLU G 209 29.61 9.91 -47.25
CA GLU G 209 31.08 9.91 -47.15
C GLU G 209 31.63 10.20 -45.73
N MET G 210 30.95 11.13 -45.06
CA MET G 210 31.26 11.33 -43.65
C MET G 210 31.23 10.12 -42.72
N TRP G 211 30.44 9.11 -43.08
CA TRP G 211 30.43 7.88 -42.30
C TRP G 211 31.62 6.99 -42.61
N GLU G 212 32.11 7.06 -43.84
CA GLU G 212 33.29 6.30 -44.26
C GLU G 212 34.51 6.68 -43.44
N GLN G 213 34.73 7.98 -43.26
CA GLN G 213 35.98 8.42 -42.64
C GLN G 213 35.85 8.41 -41.13
N MET G 214 34.76 8.96 -40.62
CA MET G 214 34.60 9.16 -39.19
C MET G 214 34.38 7.84 -38.46
N VAL G 215 33.38 7.07 -38.87
CA VAL G 215 32.89 5.95 -38.09
C VAL G 215 33.47 4.64 -38.58
N LEU G 216 33.55 4.46 -39.90
CA LEU G 216 34.05 3.17 -40.46
C LEU G 216 35.55 3.01 -40.17
N LYS G 217 36.33 4.09 -40.22
CA LYS G 217 37.77 4.06 -39.80
C LYS G 217 38.57 2.94 -40.48
N LEU G 218 38.51 2.82 -41.81
CA LEU G 218 39.21 1.70 -42.50
C LEU G 218 40.43 2.24 -43.30
N PRO G 219 41.49 1.45 -43.70
CA PRO G 219 42.53 2.03 -44.56
C PRO G 219 41.80 2.51 -45.82
N VAL G 220 42.20 3.67 -46.36
CA VAL G 220 41.43 4.24 -47.51
C VAL G 220 41.39 3.19 -48.63
N SER G 221 40.19 2.90 -49.13
CA SER G 221 40.03 1.88 -50.19
C SER G 221 39.66 2.56 -51.50
N SER G 222 39.66 3.90 -51.53
CA SER G 222 39.26 4.66 -52.74
C SER G 222 37.82 4.29 -53.14
N ASN G 223 36.99 3.88 -52.19
CA ASN G 223 35.58 3.57 -52.50
C ASN G 223 34.92 4.90 -52.88
N LEU G 224 34.94 5.88 -51.97
CA LEU G 224 34.42 7.25 -52.25
C LEU G 224 32.89 7.26 -52.40
N LYS G 225 32.21 6.18 -52.03
CA LYS G 225 30.71 6.16 -52.06
C LYS G 225 30.22 6.65 -53.42
N SER G 226 30.65 6.01 -54.51
CA SER G 226 30.31 6.47 -55.89
C SER G 226 28.81 6.33 -56.17
N LYS G 227 28.29 7.06 -57.17
CA LYS G 227 26.84 7.07 -57.50
C LYS G 227 26.20 5.67 -57.39
N GLU G 228 26.92 4.61 -57.76
CA GLU G 228 26.39 3.23 -57.55
C GLU G 228 26.10 2.98 -56.08
N MET G 229 27.08 3.17 -55.18
CA MET G 229 26.87 2.84 -53.77
C MET G 229 25.84 3.83 -53.25
N LEU G 230 25.82 5.03 -53.82
CA LEU G 230 24.86 6.03 -53.37
C LEU G 230 23.44 5.64 -53.79
N ARG G 231 23.27 5.14 -55.01
CA ARG G 231 21.96 4.64 -55.42
C ARG G 231 21.54 3.50 -54.52
N ILE G 232 22.47 2.59 -54.20
CA ILE G 232 22.13 1.49 -53.31
C ILE G 232 21.67 2.01 -51.97
N LEU G 233 22.40 2.97 -51.40
CA LEU G 233 22.10 3.43 -50.06
C LEU G 233 20.86 4.30 -50.02
N THR G 234 20.62 5.10 -51.07
CA THR G 234 19.40 5.88 -51.13
C THR G 234 18.29 4.86 -51.33
N SER G 235 18.55 3.84 -52.13
CA SER G 235 17.55 2.80 -52.33
C SER G 235 17.19 2.05 -51.02
N ALA G 236 18.23 1.78 -50.23
CA ALA G 236 18.03 1.01 -49.01
C ALA G 236 17.62 1.74 -47.73
N THR G 237 18.35 2.80 -47.39
CA THR G 237 18.14 3.48 -46.12
C THR G 237 16.94 4.41 -46.11
N GLU G 238 16.56 4.95 -47.26
CA GLU G 238 15.51 5.97 -47.37
C GLU G 238 15.82 7.22 -46.57
N GLY G 239 17.08 7.44 -46.21
CA GLY G 239 17.49 8.65 -45.55
C GLY G 239 17.63 8.55 -44.06
N TYR G 240 17.02 7.54 -43.44
CA TYR G 240 17.13 7.38 -42.00
C TYR G 240 18.59 7.17 -41.61
N ILE G 241 19.08 8.04 -40.74
CA ILE G 241 20.44 7.86 -40.21
C ILE G 241 20.57 6.49 -39.56
N GLY G 242 19.52 5.99 -39.03
CA GLY G 242 19.74 4.73 -38.32
C GLY G 242 20.01 3.65 -39.28
N ARG G 243 19.30 3.65 -40.41
CA ARG G 243 19.44 2.55 -41.40
C ARG G 243 20.83 2.62 -42.03
N LEU G 244 21.34 3.83 -42.30
CA LEU G 244 22.69 4.02 -42.88
C LEU G 244 23.60 3.41 -41.86
N ASP G 245 23.48 3.83 -40.64
CA ASP G 245 24.44 3.30 -39.68
C ASP G 245 24.35 1.77 -39.62
N GLU G 246 23.12 1.27 -39.48
CA GLU G 246 22.90 -0.20 -39.38
C GLU G 246 23.50 -0.90 -40.60
N ILE G 247 23.21 -0.39 -41.80
CA ILE G 247 23.67 -1.05 -43.02
C ILE G 247 25.19 -1.01 -43.10
N LEU G 248 25.79 0.15 -42.86
CA LEU G 248 27.22 0.27 -43.06
C LEU G 248 27.99 -0.58 -42.07
N ARG G 249 27.58 -0.57 -40.79
CA ARG G 249 28.24 -1.44 -39.82
C ARG G 249 28.13 -2.92 -40.15
N GLU G 250 26.95 -3.35 -40.57
CA GLU G 250 26.77 -4.75 -40.96
C GLU G 250 27.67 -5.14 -42.12
N ALA G 251 27.73 -4.28 -43.14
CA ALA G 251 28.52 -4.58 -44.33
C ALA G 251 29.98 -4.63 -43.93
N ALA G 252 30.41 -3.68 -43.10
CA ALA G 252 31.80 -3.68 -42.66
C ALA G 252 32.14 -4.94 -41.88
N ILE G 253 31.27 -5.31 -40.94
CA ILE G 253 31.52 -6.50 -40.14
C ILE G 253 31.54 -7.74 -41.01
N ARG G 254 30.59 -7.86 -41.94
CA ARG G 254 30.56 -9.01 -42.82
C ARG G 254 31.84 -9.10 -43.64
N SER G 255 32.25 -7.98 -44.25
CA SER G 255 33.40 -7.98 -45.14
C SER G 255 34.68 -8.31 -44.38
N LEU G 256 34.78 -7.84 -43.14
CA LEU G 256 35.98 -8.15 -42.36
C LEU G 256 35.94 -9.58 -41.84
N SER G 257 34.74 -10.13 -41.61
CA SER G 257 34.64 -11.51 -41.17
C SER G 257 34.99 -12.47 -42.29
N ARG G 258 34.64 -12.12 -43.53
CA ARG G 258 34.99 -13.00 -44.64
C ARG G 258 36.36 -12.67 -45.24
N GLY G 259 37.17 -11.85 -44.56
CA GLY G 259 38.53 -11.57 -44.95
C GLY G 259 38.66 -10.37 -45.87
N LEU G 260 37.55 -9.93 -46.49
CA LEU G 260 37.62 -8.81 -47.41
C LEU G 260 38.09 -7.57 -46.68
N LYS G 261 39.04 -6.85 -47.29
CA LYS G 261 39.68 -5.75 -46.59
C LYS G 261 38.82 -4.50 -46.67
N LYS G 262 38.27 -4.21 -47.85
CA LYS G 262 37.22 -3.20 -47.98
C LYS G 262 35.82 -3.79 -48.14
N ILE G 263 34.84 -2.90 -48.37
CA ILE G 263 33.42 -3.35 -48.56
C ILE G 263 33.16 -3.56 -50.06
N ASP G 264 32.74 -4.77 -50.45
CA ASP G 264 32.43 -5.09 -51.87
C ASP G 264 31.01 -4.63 -52.23
N LYS G 265 30.65 -4.65 -53.52
CA LYS G 265 29.25 -4.34 -53.90
C LYS G 265 28.38 -5.53 -53.47
N ALA G 266 28.97 -6.73 -53.41
CA ALA G 266 28.23 -7.94 -53.06
C ALA G 266 27.57 -7.81 -51.69
N VAL G 267 28.35 -7.44 -50.68
CA VAL G 267 27.80 -7.39 -49.33
C VAL G 267 26.81 -6.24 -49.22
N LEU G 268 27.01 -5.19 -50.04
CA LEU G 268 26.05 -4.05 -50.02
C LEU G 268 24.72 -4.54 -50.59
N GLN G 269 24.72 -5.29 -51.69
CA GLN G 269 23.49 -5.89 -52.17
C GLN G 269 22.86 -6.83 -51.15
N GLU G 270 23.71 -7.58 -50.43
CA GLU G 270 23.22 -8.45 -49.38
C GLU G 270 22.39 -7.72 -48.34
N VAL G 271 22.97 -6.68 -47.72
CA VAL G 271 22.23 -6.02 -46.66
C VAL G 271 21.02 -5.29 -47.23
N ALA G 272 21.15 -4.78 -48.46
CA ALA G 272 20.03 -4.13 -49.10
C ALA G 272 18.85 -5.09 -49.20
N LYS G 273 19.07 -6.29 -49.77
CA LYS G 273 17.95 -7.23 -49.87
C LYS G 273 17.40 -7.68 -48.53
N GLU G 274 18.26 -7.76 -47.52
CA GLU G 274 17.83 -8.34 -46.25
C GLU G 274 17.17 -7.30 -45.33
N TYR G 275 16.97 -6.11 -45.89
CA TYR G 275 16.21 -5.06 -45.15
C TYR G 275 14.88 -5.04 -45.89
N LYS G 276 14.92 -4.69 -47.18
CA LYS G 276 13.69 -4.65 -48.01
C LYS G 276 13.68 -5.89 -48.92
PG ANP J . 28.84 4.90 4.70
O1G ANP J . 28.35 4.07 5.82
O2G ANP J . 28.65 6.42 5.05
O3G ANP J . 28.04 4.56 3.38
PB ANP J . 31.00 6.13 3.89
O1B ANP J . 31.32 7.00 5.05
O2B ANP J . 29.86 6.74 3.06
N3B ANP J . 30.47 4.64 4.44
PA ANP J . 33.56 5.73 3.89
O1A ANP J . 34.17 7.01 4.28
O2A ANP J . 33.11 4.86 5.05
O3A ANP J . 32.28 5.95 3.04
O5' ANP J . 34.54 4.98 2.95
C5' ANP J . 35.31 3.93 3.52
C4' ANP J . 35.90 3.11 2.40
O4' ANP J . 36.31 3.99 1.34
C3' ANP J . 37.14 2.33 2.79
O3' ANP J . 37.30 1.18 1.97
C2' ANP J . 38.25 3.36 2.55
O2' ANP J . 39.48 2.72 2.23
C1' ANP J . 37.72 4.11 1.34
N9 ANP J . 38.05 5.53 1.35
C8 ANP J . 37.17 6.56 1.44
N7 ANP J . 37.73 7.74 1.44
C5 ANP J . 39.08 7.46 1.34
C6 ANP J . 40.22 8.28 1.29
N6 ANP J . 40.18 9.61 1.33
N1 ANP J . 41.42 7.68 1.19
C2 ANP J . 41.47 6.35 1.14
N3 ANP J . 40.47 5.48 1.18
C4 ANP J . 39.29 6.10 1.28
MG MG K . 30.38 5.76 6.15
PG ANP L . 18.14 -23.66 2.12
O1G ANP L . 17.37 -23.32 3.35
O2G ANP L . 19.31 -22.63 1.94
O3G ANP L . 17.19 -23.61 0.86
PB ANP L . 20.22 -25.03 1.36
O1B ANP L . 21.30 -24.48 2.23
O2B ANP L . 19.93 -24.07 0.19
N3B ANP L . 18.82 -25.18 2.25
PA ANP L . 21.36 -27.29 1.92
O1A ANP L . 22.80 -27.01 2.01
O2A ANP L . 20.59 -27.00 3.20
O3A ANP L . 20.67 -26.42 0.84
O5' ANP L . 21.16 -28.76 1.44
C5' ANP L . 20.83 -29.72 2.44
C4' ANP L . 20.34 -30.96 1.75
O4' ANP L . 21.11 -31.19 0.56
C3' ANP L . 20.47 -32.24 2.57
O3' ANP L . 19.51 -33.19 2.20
C2' ANP L . 21.89 -32.68 2.23
O2' ANP L . 22.03 -34.09 2.34
C1' ANP L . 22.01 -32.26 0.76
N9 ANP L . 23.33 -31.81 0.39
C8 ANP L . 23.69 -30.55 0.01
N7 ANP L . 24.96 -30.41 -0.26
C5 ANP L . 25.48 -31.68 -0.03
C6 ANP L . 26.79 -32.19 -0.14
N6 ANP L . 27.84 -31.47 -0.52
N1 ANP L . 26.97 -33.49 0.15
C2 ANP L . 25.91 -34.22 0.54
N3 ANP L . 24.64 -33.84 0.68
C4 ANP L . 24.49 -32.54 0.38
MG MG M . 19.95 -24.01 3.47
PG ANP N . -11.31 -30.11 7.06
O1G ANP N . -11.27 -28.95 7.97
O2G ANP N . -9.85 -30.59 6.76
O3G ANP N . -12.02 -29.70 5.71
PB ANP N . -11.37 -32.72 7.12
O1B ANP N . -10.16 -33.04 7.93
O2B ANP N . -10.95 -32.37 5.67
N3B ANP N . -12.13 -31.40 7.77
PA ANP N . -12.44 -34.60 8.52
O1A ANP N . -11.38 -35.61 8.74
O2A ANP N . -12.43 -33.45 9.51
O3A ANP N . -12.31 -33.93 7.13
O5' ANP N . -13.82 -35.32 8.51
C5' ANP N . -14.61 -35.24 9.69
C4' ANP N . -16.01 -35.68 9.35
O4' ANP N . -15.96 -36.79 8.42
C3' ANP N . -16.81 -36.19 10.54
O3' ANP N . -18.20 -36.01 10.33
C2' ANP N . -16.43 -37.66 10.58
O2' ANP N . -17.47 -38.44 11.14
C1' ANP N . -16.28 -37.99 9.09
N9 ANP N . -15.22 -38.95 8.83
C8 ANP N . -14.07 -38.71 8.13
N7 ANP N . -13.28 -39.75 8.03
C5 ANP N . -13.96 -40.74 8.73
C6 ANP N . -13.65 -42.09 9.00
N6 ANP N . -12.54 -42.69 8.59
N1 ANP N . -14.55 -42.79 9.71
C2 ANP N . -15.67 -42.20 10.13
N3 ANP N . -16.06 -40.93 9.93
C4 ANP N . -15.16 -40.25 9.21
MG MG O . -10.34 -31.33 8.72
PG ANP P . -32.78 -9.01 8.50
O1G ANP P . -31.68 -8.16 9.02
O2G ANP P . -32.37 -10.52 8.62
O3G ANP P . -33.07 -8.65 6.99
PB ANP P . -34.90 -10.28 9.34
O1B ANP P . -34.35 -11.15 10.40
O2B ANP P . -34.60 -10.88 7.95
N3B ANP P . -34.17 -8.78 9.41
PA ANP P . -36.81 -9.94 11.04
O1A ANP P . -36.97 -11.22 11.74
O2A ANP P . -35.72 -9.04 11.62
O3A ANP P . -36.42 -10.14 9.56
O5' ANP P . -38.19 -9.21 11.02
C5' ANP P . -38.39 -8.16 11.96
C4' ANP P . -39.59 -7.37 11.53
O4' ANP P . -40.60 -8.26 11.02
C3' ANP P . -40.27 -6.61 12.66
O3' ANP P . -40.96 -5.48 12.17
C2' ANP P . -41.24 -7.66 13.22
O2' ANP P . -42.37 -7.05 13.80
C1' ANP P . -41.65 -8.41 11.96
N9 ANP P . -41.86 -9.83 12.17
C8 ANP P . -41.11 -10.85 11.64
N7 ANP P . -41.51 -12.05 12.01
C5 ANP P . -42.59 -11.79 12.84
C6 ANP P . -43.46 -12.63 13.56
N6 ANP P . -43.36 -13.97 13.55
N1 ANP P . -44.43 -12.06 14.29
C2 ANP P . -44.51 -10.73 14.30
N3 ANP P . -43.76 -9.83 13.66
C4 ANP P . -42.81 -10.43 12.95
MG MG Q . -32.94 -9.89 10.60
PG ANP R . -27.72 20.00 -1.05
O1G ANP R . -26.33 19.73 -0.66
O2G ANP R . -28.66 18.92 -0.41
O3G ANP R . -27.86 19.96 -2.62
PB ANP R . -29.84 21.28 -0.20
O1B ANP R . -30.03 20.71 1.16
O2B ANP R . -30.37 20.30 -1.28
N3B ANP R . -28.21 21.50 -0.49
PA ANP R . -30.41 23.50 1.00
O1A ANP R . -31.41 23.16 2.03
O2A ANP R . -28.96 23.27 1.42
O3A ANP R . -30.57 22.63 -0.28
O5' ANP R . -30.64 24.96 0.52
C5' ANP R . -29.77 25.97 1.06
C4' ANP R . -29.91 27.21 0.23
O4' ANP R . -31.30 27.38 -0.15
C3' ANP R . -29.53 28.48 0.94
O3' ANP R . -29.10 29.48 0.02
C2' ANP R . -30.83 28.88 1.64
O2' ANP R . -30.92 30.27 1.82
C1' ANP R . -31.88 28.42 0.62
N9 ANP R . -33.09 27.91 1.23
C8 ANP R . -33.56 26.62 1.17
N7 ANP R . -34.67 26.43 1.82
C5 ANP R . -34.96 27.67 2.35
C6 ANP R . -36.03 28.13 3.15
N6 ANP R . -37.04 27.37 3.57
N1 ANP R . -36.01 29.44 3.50
C2 ANP R . -35.01 30.21 3.09
N3 ANP R . -33.96 29.88 2.34
C4 ANP R . -33.99 28.59 2.00
MG MG S . -28.18 20.31 1.16
PG ANP T . -3.77 27.28 -17.84
O1G ANP T . -3.12 26.14 -17.15
O2G ANP T . -5.04 27.71 -17.05
O3G ANP T . -4.16 26.87 -19.31
PB ANP T . -3.77 29.90 -17.81
O1B ANP T . -4.10 30.19 -16.40
O2B ANP T . -5.07 29.50 -18.58
N3B ANP T . -2.73 28.60 -17.89
PA ANP T . -2.10 31.84 -17.53
O1A ANP T . -2.75 32.80 -16.63
O2A ANP T . -1.39 30.69 -16.81
O3A ANP T . -3.13 31.14 -18.45
O5' ANP T . -1.15 32.60 -18.47
C5' ANP T . 0.25 32.57 -18.17
C4' ANP T . 1.01 33.04 -19.37
O4' ANP T . 0.30 34.13 -20.00
C3' ANP T . 2.39 33.59 -19.06
O3' ANP T . 3.26 33.46 -20.17
C2' ANP T . 2.09 35.06 -18.75
O2' ANP T . 3.20 35.89 -19.05
C1' ANP T . 0.95 35.35 -19.73
N9 ANP T . -0.05 36.27 -19.18
C8 ANP T . -1.35 35.98 -18.90
N7 ANP T . -2.02 36.99 -18.42
C5 ANP T . -1.09 38.03 -18.37
C6 ANP T . -1.17 39.36 -17.96
N6 ANP T . -2.29 39.93 -17.48
N1 ANP T . -0.06 40.11 -18.04
C2 ANP T . 1.06 39.56 -18.53
N3 ANP T . 1.26 38.31 -18.95
C4 ANP T . 0.14 37.59 -18.84
MG MG U . -3.36 28.49 -15.95
PG ANP V . 13.61 6.49 -31.88
O1G ANP V . 13.17 5.59 -30.78
O2G ANP V . 13.35 7.99 -31.48
O3G ANP V . 12.83 6.14 -33.20
PB ANP V . 15.72 7.84 -32.63
O1B ANP V . 15.99 8.69 -31.45
O2B ANP V . 14.54 8.44 -33.45
N3B ANP V . 15.26 6.33 -32.13
PA ANP V . 18.28 7.58 -32.65
O1A ANP V . 18.83 8.88 -32.21
O2A ANP V . 17.88 6.64 -31.52
O3A ANP V . 16.99 7.76 -33.49
O5' ANP V . 19.30 6.92 -33.62
C5' ANP V . 20.12 5.88 -33.08
C4' ANP V . 20.76 5.13 -34.21
O4' ANP V . 21.13 6.07 -35.25
C3' ANP V . 22.04 4.41 -33.85
O3' ANP V . 22.26 3.30 -34.71
C2' ANP V . 23.09 5.49 -34.05
O2' ANP V . 24.35 4.93 -34.39
C1' ANP V . 22.53 6.26 -35.25
N9 ANP V . 22.79 7.69 -35.18
C8 ANP V . 21.85 8.67 -35.06
N7 ANP V . 22.36 9.88 -35.02
C5 ANP V . 23.72 9.67 -35.13
C6 ANP V . 24.82 10.55 -35.16
N6 ANP V . 24.70 11.88 -35.06
N1 ANP V . 26.05 10.02 -35.27
C2 ANP V . 26.16 8.69 -35.36
N3 ANP V . 25.21 7.75 -35.34
C4 ANP V . 24.00 8.32 -35.23
MG MG W . 15.10 7.38 -30.40
#